data_7ROQ
#
_entry.id   7ROQ
#
_cell.length_a   1.00
_cell.length_b   1.00
_cell.length_c   1.00
_cell.angle_alpha   90.00
_cell.angle_beta   90.00
_cell.angle_gamma   90.00
#
_symmetry.space_group_name_H-M   'P 1'
#
loop_
_entity.id
_entity.type
_entity.pdbx_description
1 polymer 'Phospholipid-transporting ATPase ABCA1'
2 branched alpha-D-mannopyranose-(1-3)-[alpha-D-mannopyranose-(1-6)]beta-D-mannopyranose-(1-4)-2-acetamido-2-deoxy-beta-D-glucopyranose-(1-4)-2-acetamido-2-deoxy-beta-D-glucopyranose
3 branched 2-acetamido-2-deoxy-beta-D-glucopyranose-(1-4)-2-acetamido-2-deoxy-beta-D-glucopyranose
4 non-polymer 2-acetamido-2-deoxy-beta-D-glucopyranose
5 non-polymer '(2S)-3-(hexadecanoyloxy)-2-[(9Z)-octadec-9-enoyloxy]propyl 2-(trimethylammonio)ethyl phosphate'
6 non-polymer CHOLESTEROL
#
_entity_poly.entity_id   1
_entity_poly.type   'polypeptide(L)'
_entity_poly.pdbx_seq_one_letter_code
;MADYKDDDDKSGPDEVDASGRMACWPQLRLLLWKNLTFRRRQTCQLLLEVAWPLFIFLILISVRLSYPPYEQHECHFPNK
AMPSAGTLPWVQGIICNANNPCFRYPTPGEAPGVVGNFNKSIVARLFSDARRLLLYSQKDTSMKDMRKVLRTLQQIKKSS
SNLKLQDFLVDNETFSGFLYHNLSLPKSTVDKMLRADVILHKVFLQGYQLHLTSLCNGSKSEEMIQLGDQEVSELCGLPR
EKLAAAERVLRSNMDILKPILRTLNSTSPFPSKELAEATKTLLHSLGTLAQELFSMRSWSDMRQEVMFLTNVNSSSSSTQ
IYQAVSRIVCGHPEGGGLKIKSLNWYEDNNYKALFGGNGTEEDAETFYDNSTTPYCNDLMKNLESSPLSRIIWKALKPLL
VGKILYTPDTPATRQVMAEVNKTFQELAVFHDLEGMWEELSPKIWTFMENSQEMDLVRMLLDSRDNDHFWEQQLDGLDWT
AQDIVAFLAKHPEDVQSSNGSVYTWREAFNETNQAIRTISRFMECVNLNKLEPIATEVWLINKSMELLDERKFWAGIVFT
GITPGSIELPHHVKYKIRMDIDNVERTNKIKDGYWDPGPRADPFEDMRYVWGGFAYLQDVVEQAIIRVLTGTEKKTGVYM
QQMPYPCYVDDIFLRVMSRSMPLFMTLAWIYSVAVIIKGIVYEKEARLKETMRIMGLDNSILWFSWFISSLIPLLVSAGL
LVVILKLGNLLPYSDPSVVFVFLSVFAVVTILQCFLISTLFSRANLAAACGGIIYFTLYLPYVLCVAWQDYVGFTLKIFA
SLLSPVAFGFGCEYFALFEEQGIGVQWDNLFESPVEEDGFNLTTSVSMMLFDTFLYGVMTWYIEAVFPGQYGIPRPWYFP
CTKSYWFGEESDEKSHPGSNQKRISEICMEEEPTHLKLGVSIQNLVKVYRDGMKVAVDGLALNFYEGQITSFLGHNGAGK
TTTMSILTGLFPPTSGTAYILGKDIRSEMSTIRQNLGVCPQHNVLFDMLTVEEHIWFYARLKGLSEKHVKAEMEQMALDV
GLPSSKLKSKTSQLSGGMQRKLSVALAFVGGSKVVILDEPTAGVDPYSRRGIWELLLKYRQGRTIILSTHHMDEADVLGD
RIAIISHGKLCCVGSSLFLKNQLGTGYYLTLVKKDVESSLSSCRNSSSTVSYLKKEDSVSQSSSDAGLGSDHESDTLTID
VSAISNLIRKHVSEARLVEDIGHELTYVLPYEAAKEGAFVELFHEIDDRLSDLGISSYGISETTLEEIFLKVAEESGVDA
ETSDGTLPARRNRRAFGDKQSCLRPFTEDDAADPNDSDIDPESRETDLLSGMDGKGSYQVKGWKLTQQQFVALLWKRLLI
ARRSRKGFFAQIVLPAVFVCIALVFSLIVPPFGKYPSLELQPWMYNEQYTFVSNDAPEDTGTLELLNALTKDPGFGTRCM
EGNPIPDTPCQAGEEEWTTAPVPQTIMDLFQNGNWTMQNPSPACQCSSDKIKKMLPVCPPGAGGLPPPQRKQNTADILQD
LTGRNISDYLVKTYVQIIAKSLKNKIWVNEFRYGGFSLGVSNTQALPPSQEVNDAIKQMKKHLKLAKDSSADRFLNSLGR
FMTGLDTKNNVKVWFNNKGWHAISSFLNVINNAILRANLQKGENPSHYGITAFNHPLNLTKQQLSEVALMTTSVDVLVSI
CVIFAMSFVPASFVVFLIQERVSKAKHLQFISGVKPVIYWLSNFVWDMCNYVVPATLVIIIFICFQQKSYVSSTNLPVLA
LLLLLYGWSITPLMYPASFVFKIPSTAYVVLTSVNLFIGINGSVATFVLELFTDNKLNNINDILKSVFLIFPHFCLGRGL
IDMVKNQAMADALERFGENRFVSPLSWDLVGRNLFAMAVEGVVFFLITVLIQYRFFIRPRPVNAKLSPLNDEDEDVRRER
QRILDGGGQNDILEIKELTKIYRRKRKPAVDRICVGIPPGECFGLLGVNGAGKSSTFKMLTGDTTVTRGDAFLNKNSILS
NIHEVHQNMGYCPQFDAITELLTGREHVEFFALLRGVPEKEVGKVGEWAIRKLGLVKYGEKYAGNYSGGNKRKLSTAMAL
IGGPPVVFLDEPTTGMDPKARRFLWNCALSVVKEGRSVVLTSHSMEECEALCTRMAIMVNGRFRCLGSVQHLKNRFGDGY
TIVVRIAGSNPDLKPVQDFFGLAFPGSVLKEKHRNMLQYQLPSSLSSLARIFSILSQSKKRLHIEDYSVSQTTLDQVFVN
FAKDQSDDDHLKDLSLHKNQTVVDVAVLTSFLQDEKVKESYVLEGSDEVDAVEGSHHHHHHHHHH
;
_entity_poly.pdbx_strand_id   A
#
# COMPACT_ATOMS: atom_id res chain seq x y z
N CYS A 24 12.44 14.97 46.02
CA CYS A 24 12.90 14.86 44.63
C CYS A 24 11.86 15.43 43.67
N TRP A 25 10.69 15.77 44.21
CA TRP A 25 9.62 16.33 43.38
C TRP A 25 10.02 17.65 42.71
N PRO A 26 10.63 18.63 43.39
CA PRO A 26 10.96 19.88 42.69
C PRO A 26 11.89 19.69 41.51
N GLN A 27 12.85 18.76 41.62
CA GLN A 27 13.75 18.50 40.49
C GLN A 27 12.98 18.03 39.27
N LEU A 28 12.10 17.05 39.45
CA LEU A 28 11.30 16.56 38.33
C LEU A 28 10.36 17.64 37.81
N ARG A 29 9.80 18.45 38.72
CA ARG A 29 8.89 19.51 38.29
C ARG A 29 9.59 20.52 37.39
N LEU A 30 10.77 21.00 37.82
CA LEU A 30 11.52 21.95 36.99
C LEU A 30 12.03 21.29 35.72
N LEU A 31 12.36 19.99 35.77
CA LEU A 31 12.83 19.30 34.59
C LEU A 31 11.72 19.23 33.54
N LEU A 32 10.53 18.80 33.95
CA LEU A 32 9.37 18.84 33.04
C LEU A 32 9.05 20.26 32.60
N TRP A 33 9.26 21.25 33.48
CA TRP A 33 9.00 22.64 33.09
C TRP A 33 9.88 23.03 31.92
N LYS A 34 11.18 22.76 32.01
CA LYS A 34 12.06 23.14 30.90
C LYS A 34 11.74 22.30 29.67
N ASN A 35 11.40 21.01 29.87
CA ASN A 35 11.09 20.14 28.74
C ASN A 35 9.90 20.66 27.95
N LEU A 36 8.85 21.08 28.65
CA LEU A 36 7.68 21.65 27.97
C LEU A 36 7.98 23.03 27.41
N THR A 37 8.86 23.81 28.05
CA THR A 37 9.16 25.13 27.50
C THR A 37 10.00 25.05 26.24
N PHE A 38 10.71 23.94 26.00
CA PHE A 38 11.35 23.77 24.69
C PHE A 38 10.32 23.82 23.57
N ARG A 39 9.10 23.34 23.83
CA ARG A 39 8.08 23.26 22.81
C ARG A 39 7.11 24.44 22.85
N ARG A 40 6.88 25.02 24.04
CA ARG A 40 6.00 26.17 24.15
C ARG A 40 6.56 27.40 23.45
N ARG A 41 7.87 27.48 23.28
CA ARG A 41 8.51 28.63 22.63
C ARG A 41 8.68 28.44 21.13
N GLN A 42 8.22 27.32 20.58
CA GLN A 42 8.31 27.07 19.13
C GLN A 42 7.04 27.47 18.41
N THR A 43 5.88 27.09 18.94
CA THR A 43 4.56 27.44 18.40
C THR A 43 4.36 26.98 16.97
N CYS A 44 5.23 26.12 16.46
CA CYS A 44 5.07 25.57 15.11
C CYS A 44 5.13 24.05 15.07
N GLN A 45 6.00 23.44 15.88
CA GLN A 45 6.07 21.98 15.91
C GLN A 45 4.90 21.38 16.66
N LEU A 46 4.50 21.98 17.78
CA LEU A 46 3.38 21.45 18.55
C LEU A 46 2.07 21.56 17.78
N LEU A 47 1.85 22.68 17.09
CA LEU A 47 0.61 22.86 16.34
C LEU A 47 0.47 21.80 15.25
N LEU A 48 1.52 21.60 14.46
CA LEU A 48 1.48 20.58 13.42
C LEU A 48 1.41 19.18 14.03
N GLU A 49 2.07 18.97 15.18
CA GLU A 49 2.01 17.68 15.85
C GLU A 49 0.59 17.33 16.24
N VAL A 50 -0.16 18.30 16.78
CA VAL A 50 -1.56 18.08 17.09
C VAL A 50 -2.42 17.93 15.84
N ALA A 51 -2.17 18.74 14.81
CA ALA A 51 -3.04 18.77 13.64
C ALA A 51 -2.89 17.56 12.73
N TRP A 52 -1.68 17.00 12.61
CA TRP A 52 -1.44 15.95 11.62
C TRP A 52 -2.30 14.70 11.84
N PRO A 53 -2.35 14.10 13.04
CA PRO A 53 -3.24 12.94 13.21
C PRO A 53 -4.71 13.27 12.97
N LEU A 54 -5.14 14.46 13.41
CA LEU A 54 -6.52 14.87 13.20
C LEU A 54 -6.85 14.96 11.72
N PHE A 55 -5.97 15.61 10.95
CA PHE A 55 -6.19 15.75 9.52
C PHE A 55 -6.17 14.39 8.82
N ILE A 56 -5.22 13.54 9.18
CA ILE A 56 -5.11 12.23 8.53
C ILE A 56 -6.35 11.39 8.80
N PHE A 57 -6.81 11.36 10.06
CA PHE A 57 -7.98 10.54 10.35
C PHE A 57 -9.27 11.17 9.87
N LEU A 58 -9.31 12.50 9.72
CA LEU A 58 -10.46 13.11 9.06
C LEU A 58 -10.52 12.72 7.59
N ILE A 59 -9.36 12.67 6.93
CA ILE A 59 -9.33 12.18 5.55
C ILE A 59 -9.77 10.72 5.49
N LEU A 60 -9.32 9.92 6.45
CA LEU A 60 -9.73 8.52 6.50
C LEU A 60 -11.24 8.39 6.69
N ILE A 61 -11.82 9.21 7.57
CA ILE A 61 -13.25 9.17 7.80
C ILE A 61 -14.02 9.62 6.56
N SER A 62 -13.49 10.62 5.85
CA SER A 62 -14.11 11.04 4.59
C SER A 62 -14.10 9.90 3.57
N VAL A 63 -12.98 9.18 3.48
CA VAL A 63 -12.90 8.04 2.57
C VAL A 63 -13.89 6.96 2.99
N ARG A 64 -14.01 6.69 4.29
CA ARG A 64 -14.95 5.70 4.78
C ARG A 64 -16.39 6.08 4.43
N LEU A 65 -16.76 7.33 4.67
CA LEU A 65 -18.11 7.78 4.34
C LEU A 65 -18.35 7.84 2.84
N SER A 66 -17.28 7.94 2.03
CA SER A 66 -17.45 7.86 0.59
C SER A 66 -17.79 6.46 0.12
N TYR A 67 -17.56 5.45 0.96
CA TYR A 67 -17.83 4.04 0.64
C TYR A 67 -18.78 3.47 1.68
N PRO A 68 -20.07 3.77 1.58
CA PRO A 68 -21.04 3.22 2.54
C PRO A 68 -21.08 1.71 2.45
N PRO A 69 -21.27 1.01 3.57
CA PRO A 69 -21.35 -0.44 3.52
C PRO A 69 -22.56 -0.93 2.74
N TYR A 70 -22.40 -2.06 2.06
CA TYR A 70 -23.45 -2.67 1.26
C TYR A 70 -23.99 -3.89 2.00
N GLU A 71 -25.30 -3.94 2.18
CA GLU A 71 -25.97 -5.02 2.89
C GLU A 71 -26.82 -5.83 1.93
N GLN A 72 -26.71 -7.14 2.02
CA GLN A 72 -27.49 -8.05 1.18
C GLN A 72 -28.19 -9.08 2.07
N HIS A 73 -29.45 -9.33 1.77
CA HIS A 73 -30.24 -10.30 2.52
C HIS A 73 -29.80 -11.72 2.20
N GLU A 74 -30.20 -12.66 3.06
CA GLU A 74 -29.96 -14.07 2.79
C GLU A 74 -30.78 -14.47 1.58
N CYS A 75 -30.14 -14.62 0.43
CA CYS A 75 -30.84 -14.81 -0.82
C CYS A 75 -30.60 -16.22 -1.36
N HIS A 76 -31.67 -16.85 -1.83
CA HIS A 76 -31.62 -18.16 -2.44
C HIS A 76 -31.55 -18.02 -3.96
N PHE A 77 -31.03 -19.06 -4.61
CA PHE A 77 -30.78 -18.96 -6.03
C PHE A 77 -31.67 -19.93 -6.82
N PRO A 78 -32.26 -19.48 -7.92
CA PRO A 78 -33.04 -20.41 -8.75
C PRO A 78 -32.14 -21.46 -9.38
N ASN A 79 -32.70 -22.65 -9.56
CA ASN A 79 -31.94 -23.76 -10.11
C ASN A 79 -31.90 -23.68 -11.63
N LYS A 80 -30.73 -23.94 -12.20
CA LYS A 80 -30.58 -23.95 -13.65
C LYS A 80 -31.00 -25.30 -14.22
N ALA A 81 -30.97 -25.41 -15.53
CA ALA A 81 -31.29 -26.64 -16.23
C ALA A 81 -30.23 -26.90 -17.30
N MET A 82 -30.22 -28.13 -17.80
CA MET A 82 -29.23 -28.57 -18.76
C MET A 82 -29.86 -29.48 -19.80
N PRO A 83 -29.25 -29.59 -20.98
CA PRO A 83 -29.86 -30.39 -22.06
C PRO A 83 -30.09 -31.85 -21.72
N SER A 84 -29.46 -32.38 -20.67
CA SER A 84 -29.79 -33.73 -20.24
C SER A 84 -31.25 -33.82 -19.81
N ALA A 85 -31.73 -32.83 -19.06
CA ALA A 85 -33.14 -32.81 -18.65
C ALA A 85 -34.05 -32.68 -19.86
N GLY A 86 -33.92 -31.59 -20.61
CA GLY A 86 -34.73 -31.38 -21.79
C GLY A 86 -34.41 -30.03 -22.39
N THR A 87 -34.72 -29.90 -23.67
CA THR A 87 -34.43 -28.66 -24.38
C THR A 87 -35.18 -27.48 -23.78
N LEU A 88 -36.49 -27.64 -23.61
CA LEU A 88 -37.31 -26.54 -23.10
C LEU A 88 -36.91 -26.04 -21.72
N PRO A 89 -36.64 -26.90 -20.71
CA PRO A 89 -36.23 -26.35 -19.41
C PRO A 89 -34.98 -25.48 -19.47
N TRP A 90 -33.94 -25.89 -20.20
CA TRP A 90 -32.74 -25.06 -20.16
C TRP A 90 -32.84 -23.89 -21.12
N VAL A 91 -33.68 -23.98 -22.15
CA VAL A 91 -33.99 -22.78 -22.93
C VAL A 91 -34.67 -21.74 -22.05
N GLN A 92 -35.63 -22.17 -21.23
CA GLN A 92 -36.24 -21.26 -20.28
C GLN A 92 -35.21 -20.72 -19.30
N GLY A 93 -34.32 -21.58 -18.80
CA GLY A 93 -33.28 -21.12 -17.90
C GLY A 93 -32.41 -20.06 -18.52
N ILE A 94 -32.09 -20.21 -19.81
CA ILE A 94 -31.36 -19.17 -20.53
C ILE A 94 -32.17 -17.89 -20.59
N ILE A 95 -33.46 -17.98 -20.91
CA ILE A 95 -34.25 -16.79 -21.12
C ILE A 95 -34.86 -16.23 -19.82
N CYS A 96 -35.16 -17.10 -18.85
CA CYS A 96 -35.87 -16.62 -17.66
C CYS A 96 -34.90 -16.03 -16.63
N ASN A 97 -34.00 -16.85 -16.09
CA ASN A 97 -33.13 -16.44 -15.00
C ASN A 97 -31.69 -16.41 -15.51
N ALA A 98 -31.31 -15.26 -16.08
CA ALA A 98 -29.93 -14.99 -16.44
C ALA A 98 -29.26 -14.01 -15.49
N ASN A 99 -29.89 -13.71 -14.35
CA ASN A 99 -29.39 -12.73 -13.41
C ASN A 99 -29.18 -13.26 -12.01
N ASN A 100 -29.72 -14.45 -11.68
CA ASN A 100 -29.68 -14.99 -10.32
C ASN A 100 -30.23 -13.95 -9.35
N PRO A 101 -31.54 -13.69 -9.37
CA PRO A 101 -32.09 -12.49 -8.73
C PRO A 101 -32.17 -12.54 -7.21
N CYS A 102 -31.72 -13.62 -6.56
CA CYS A 102 -31.74 -13.70 -5.09
C CYS A 102 -33.17 -13.53 -4.55
N PHE A 103 -33.99 -14.54 -4.81
CA PHE A 103 -35.41 -14.54 -4.45
C PHE A 103 -35.67 -14.18 -3.00
N ARG A 104 -34.66 -14.22 -2.13
CA ARG A 104 -34.73 -13.88 -0.70
C ARG A 104 -35.50 -14.91 0.11
N TYR A 105 -36.10 -15.91 -0.53
CA TYR A 105 -36.80 -17.00 0.14
C TYR A 105 -36.51 -18.28 -0.63
N PRO A 106 -36.53 -19.43 0.04
CA PRO A 106 -36.22 -20.69 -0.65
C PRO A 106 -37.12 -20.96 -1.84
N THR A 107 -36.53 -20.96 -3.03
CA THR A 107 -37.26 -21.29 -4.24
C THR A 107 -37.76 -22.73 -4.17
N PRO A 108 -38.98 -23.00 -4.66
CA PRO A 108 -39.46 -24.39 -4.65
C PRO A 108 -38.53 -25.36 -5.36
N GLY A 109 -37.73 -24.89 -6.31
CA GLY A 109 -36.71 -25.73 -6.90
C GLY A 109 -35.68 -26.21 -5.90
N GLU A 110 -35.34 -25.40 -4.91
CA GLU A 110 -34.40 -25.80 -3.87
C GLU A 110 -34.97 -26.78 -2.88
N ALA A 111 -36.29 -27.03 -2.91
CA ALA A 111 -36.86 -28.05 -2.06
C ALA A 111 -36.35 -29.43 -2.49
N PRO A 112 -36.23 -30.36 -1.53
CA PRO A 112 -35.69 -31.68 -1.89
C PRO A 112 -36.50 -32.42 -2.93
N GLY A 113 -37.82 -32.31 -2.89
CA GLY A 113 -38.65 -33.08 -3.80
C GLY A 113 -38.93 -32.45 -5.15
N VAL A 114 -39.51 -31.26 -5.15
CA VAL A 114 -39.95 -30.62 -6.38
C VAL A 114 -38.78 -29.87 -7.02
N VAL A 115 -38.59 -30.09 -8.32
CA VAL A 115 -37.45 -29.54 -9.05
C VAL A 115 -37.89 -28.62 -10.20
N GLY A 116 -38.95 -28.99 -10.91
CA GLY A 116 -39.24 -28.36 -12.19
C GLY A 116 -39.40 -26.85 -12.11
N ASN A 117 -40.09 -26.37 -11.08
CA ASN A 117 -40.26 -24.93 -10.84
C ASN A 117 -41.00 -24.23 -11.98
N PHE A 118 -41.74 -24.97 -12.82
CA PHE A 118 -42.29 -24.40 -14.04
C PHE A 118 -43.74 -24.83 -14.27
N ASN A 119 -44.55 -24.83 -13.21
CA ASN A 119 -46.00 -24.90 -13.44
C ASN A 119 -46.53 -23.63 -14.07
N LYS A 120 -46.05 -22.46 -13.62
CA LYS A 120 -46.59 -21.20 -14.08
C LYS A 120 -46.19 -20.86 -15.51
N SER A 121 -45.25 -21.58 -16.10
CA SER A 121 -44.83 -21.30 -17.47
C SER A 121 -45.88 -21.78 -18.44
N ILE A 122 -46.51 -20.84 -19.16
CA ILE A 122 -47.59 -21.20 -20.07
C ILE A 122 -47.08 -21.90 -21.33
N VAL A 123 -45.80 -21.74 -21.65
CA VAL A 123 -45.25 -22.46 -22.79
C VAL A 123 -45.22 -23.96 -22.53
N ALA A 124 -44.82 -24.35 -21.31
CA ALA A 124 -44.89 -25.76 -20.93
C ALA A 124 -46.33 -26.25 -20.93
N ARG A 125 -47.27 -25.38 -20.54
CA ARG A 125 -48.68 -25.74 -20.62
C ARG A 125 -49.10 -26.00 -22.06
N LEU A 126 -48.65 -25.15 -22.98
CA LEU A 126 -48.97 -25.34 -24.40
C LEU A 126 -48.42 -26.66 -24.91
N PHE A 127 -47.18 -26.99 -24.55
CA PHE A 127 -46.58 -28.23 -25.02
C PHE A 127 -47.26 -29.45 -24.39
N SER A 128 -47.63 -29.35 -23.11
CA SER A 128 -48.38 -30.44 -22.48
C SER A 128 -49.74 -30.62 -23.14
N ASP A 129 -50.40 -29.51 -23.50
CA ASP A 129 -51.67 -29.61 -24.20
C ASP A 129 -51.50 -30.24 -25.58
N ALA A 130 -50.40 -29.91 -26.27
CA ALA A 130 -50.12 -30.56 -27.55
C ALA A 130 -49.93 -32.07 -27.37
N ARG A 131 -49.20 -32.46 -26.33
CA ARG A 131 -49.03 -33.89 -26.05
C ARG A 131 -50.37 -34.55 -25.75
N ARG A 132 -51.22 -33.88 -24.96
CA ARG A 132 -52.54 -34.41 -24.66
C ARG A 132 -53.36 -34.58 -25.93
N LEU A 133 -53.30 -33.60 -26.83
CA LEU A 133 -54.03 -33.69 -28.09
C LEU A 133 -53.53 -34.85 -28.93
N LEU A 134 -52.21 -35.06 -28.97
CA LEU A 134 -51.66 -36.18 -29.71
C LEU A 134 -52.14 -37.51 -29.16
N LEU A 135 -52.07 -37.67 -27.83
CA LEU A 135 -52.51 -38.93 -27.22
C LEU A 135 -54.02 -39.14 -27.40
N TYR A 136 -54.80 -38.06 -27.38
CA TYR A 136 -56.24 -38.20 -27.62
C TYR A 136 -56.52 -38.60 -29.06
N SER A 137 -55.88 -37.94 -30.03
CA SER A 137 -56.08 -38.28 -31.43
C SER A 137 -55.55 -39.67 -31.76
N GLN A 138 -54.68 -40.21 -30.91
CA GLN A 138 -54.25 -41.60 -31.10
C GLN A 138 -55.42 -42.55 -31.00
N LYS A 139 -56.34 -42.31 -30.07
CA LYS A 139 -57.45 -43.22 -29.78
C LYS A 139 -58.81 -42.61 -30.09
N ASP A 140 -58.83 -41.53 -30.88
CA ASP A 140 -60.08 -40.86 -31.25
C ASP A 140 -60.57 -41.39 -32.59
N THR A 141 -61.87 -41.65 -32.68
CA THR A 141 -62.49 -42.18 -33.90
C THR A 141 -63.62 -41.29 -34.39
N SER A 142 -63.62 -40.01 -34.05
CA SER A 142 -64.71 -39.12 -34.45
C SER A 142 -64.77 -38.96 -35.95
N MET A 143 -63.63 -38.81 -36.61
CA MET A 143 -63.61 -38.61 -38.05
C MET A 143 -64.12 -39.84 -38.79
N LYS A 144 -63.73 -41.04 -38.33
CA LYS A 144 -64.24 -42.26 -38.93
C LYS A 144 -65.75 -42.40 -38.72
N ASP A 145 -66.23 -41.98 -37.55
CA ASP A 145 -67.67 -41.95 -37.32
C ASP A 145 -68.37 -41.01 -38.29
N MET A 146 -67.78 -39.84 -38.53
CA MET A 146 -68.34 -38.91 -39.50
C MET A 146 -68.38 -39.53 -40.89
N ARG A 147 -67.30 -40.19 -41.27
CA ARG A 147 -67.22 -40.80 -42.60
C ARG A 147 -68.27 -41.89 -42.77
N LYS A 148 -68.43 -42.74 -41.75
CA LYS A 148 -69.40 -43.82 -41.87
C LYS A 148 -70.83 -43.30 -41.81
N VAL A 149 -71.08 -42.24 -41.04
CA VAL A 149 -72.41 -41.63 -41.03
C VAL A 149 -72.74 -41.05 -42.40
N LEU A 150 -71.78 -40.36 -43.01
CA LEU A 150 -72.00 -39.82 -44.35
C LEU A 150 -72.21 -40.93 -45.37
N ARG A 151 -71.45 -42.01 -45.26
CA ARG A 151 -71.62 -43.13 -46.18
C ARG A 151 -72.99 -43.76 -46.05
N THR A 152 -73.45 -43.98 -44.81
CA THR A 152 -74.78 -44.54 -44.60
C THR A 152 -75.87 -43.61 -45.14
N LEU A 153 -75.70 -42.30 -44.93
CA LEU A 153 -76.65 -41.34 -45.45
C LEU A 153 -76.68 -41.38 -46.98
N GLN A 154 -75.52 -41.51 -47.61
CA GLN A 154 -75.47 -41.55 -49.07
C GLN A 154 -76.05 -42.85 -49.62
N GLN A 155 -75.90 -43.97 -48.90
CA GLN A 155 -76.40 -45.23 -49.40
C GLN A 155 -77.82 -45.56 -48.94
N ILE A 156 -78.43 -44.74 -48.10
CA ILE A 156 -79.85 -44.89 -47.80
C ILE A 156 -80.60 -43.63 -48.23
N LYS A 157 -80.27 -42.49 -47.61
CA LYS A 157 -80.96 -41.25 -47.96
C LYS A 157 -80.54 -40.74 -49.33
N LYS A 158 -79.24 -40.75 -49.61
CA LYS A 158 -78.64 -40.36 -50.88
C LYS A 158 -78.88 -38.91 -51.25
N SER A 159 -79.54 -38.12 -50.40
CA SER A 159 -79.80 -36.72 -50.71
C SER A 159 -79.99 -35.98 -49.38
N SER A 160 -78.94 -35.26 -48.95
CA SER A 160 -79.04 -34.42 -47.77
C SER A 160 -78.32 -33.09 -47.95
N SER A 161 -77.92 -32.73 -49.16
CA SER A 161 -77.26 -31.45 -49.43
C SER A 161 -78.33 -30.36 -49.42
N ASN A 162 -78.86 -30.10 -48.23
CA ASN A 162 -79.91 -29.11 -48.02
C ASN A 162 -79.27 -27.84 -47.51
N LEU A 163 -78.77 -27.03 -48.43
CA LEU A 163 -78.14 -25.76 -48.10
C LEU A 163 -79.20 -24.67 -47.99
N LYS A 164 -78.76 -23.42 -47.91
CA LYS A 164 -79.71 -22.31 -47.82
C LYS A 164 -80.56 -22.21 -49.08
N LEU A 165 -79.97 -22.45 -50.25
CA LEU A 165 -80.69 -22.30 -51.50
C LEU A 165 -81.67 -23.45 -51.72
N GLN A 166 -81.17 -24.67 -51.79
CA GLN A 166 -81.98 -25.82 -52.15
C GLN A 166 -81.89 -26.89 -51.06
N ASP A 167 -82.93 -27.73 -51.02
CA ASP A 167 -83.02 -28.84 -50.08
C ASP A 167 -83.04 -30.14 -50.86
N PHE A 168 -82.19 -31.09 -50.46
CA PHE A 168 -82.07 -32.37 -51.13
C PHE A 168 -82.73 -33.46 -50.29
N LEU A 169 -83.66 -34.19 -50.89
CA LEU A 169 -84.32 -35.30 -50.20
C LEU A 169 -84.87 -36.24 -51.27
N VAL A 170 -84.23 -37.40 -51.43
CA VAL A 170 -84.64 -38.41 -52.41
C VAL A 170 -84.77 -39.72 -51.65
N ASP A 171 -85.97 -40.03 -51.19
CA ASP A 171 -86.21 -41.23 -50.39
C ASP A 171 -87.68 -41.61 -50.54
N ASN A 172 -88.16 -42.48 -49.67
CA ASN A 172 -89.56 -42.92 -49.67
C ASN A 172 -90.52 -41.86 -49.13
N GLU A 173 -90.05 -40.63 -48.94
CA GLU A 173 -90.86 -39.52 -48.44
C GLU A 173 -91.42 -39.85 -47.05
N THR A 174 -90.51 -40.18 -46.15
CA THR A 174 -90.91 -40.47 -44.77
C THR A 174 -91.50 -39.25 -44.08
N PHE A 175 -90.89 -38.08 -44.29
CA PHE A 175 -91.36 -36.82 -43.72
C PHE A 175 -91.34 -35.75 -44.82
N SER A 176 -92.42 -35.66 -45.58
CA SER A 176 -92.59 -34.66 -46.63
C SER A 176 -91.40 -34.67 -47.60
N GLY A 177 -91.13 -35.83 -48.18
CA GLY A 177 -90.06 -35.96 -49.14
C GLY A 177 -90.30 -35.17 -50.40
N PHE A 178 -89.56 -34.08 -50.58
CA PHE A 178 -89.70 -33.21 -51.74
C PHE A 178 -88.44 -32.36 -51.84
N LEU A 179 -88.48 -31.36 -52.71
CA LEU A 179 -87.36 -30.45 -52.91
C LEU A 179 -87.87 -29.05 -53.18
N TYR A 180 -87.08 -28.06 -52.75
CA TYR A 180 -87.40 -26.66 -52.98
C TYR A 180 -86.09 -25.89 -53.05
N HIS A 181 -85.90 -25.16 -54.15
CA HIS A 181 -84.64 -24.47 -54.43
C HIS A 181 -84.87 -22.96 -54.48
N ASN A 182 -84.01 -22.21 -53.80
CA ASN A 182 -84.03 -20.76 -53.84
C ASN A 182 -83.17 -20.33 -55.03
N LEU A 183 -83.82 -20.08 -56.17
CA LEU A 183 -83.12 -19.73 -57.40
C LEU A 183 -83.67 -18.44 -57.97
N SER A 184 -83.30 -18.11 -59.21
CA SER A 184 -83.81 -16.90 -59.85
C SER A 184 -85.34 -16.91 -59.95
N LEU A 185 -85.96 -18.08 -59.92
CA LEU A 185 -87.41 -18.20 -59.89
C LEU A 185 -87.82 -19.16 -58.78
N PRO A 186 -89.04 -19.03 -58.26
CA PRO A 186 -89.48 -19.93 -57.19
C PRO A 186 -89.70 -21.35 -57.69
N LYS A 187 -88.82 -22.27 -57.29
CA LYS A 187 -88.87 -23.65 -57.74
C LYS A 187 -89.12 -24.56 -56.54
N SER A 188 -90.15 -25.39 -56.63
CA SER A 188 -90.48 -26.35 -55.58
C SER A 188 -90.97 -27.62 -56.25
N THR A 189 -90.24 -28.72 -56.04
CA THR A 189 -90.56 -30.00 -56.67
C THR A 189 -91.55 -30.80 -55.84
N VAL A 190 -92.69 -30.18 -55.49
CA VAL A 190 -93.73 -30.85 -54.74
C VAL A 190 -95.04 -30.74 -55.49
N ASP A 191 -95.16 -29.71 -56.33
CA ASP A 191 -96.36 -29.46 -57.12
C ASP A 191 -96.00 -28.45 -58.20
N LYS A 192 -97.01 -27.96 -58.91
CA LYS A 192 -96.81 -26.95 -59.95
C LYS A 192 -96.70 -25.59 -59.28
N MET A 193 -95.47 -25.11 -59.10
CA MET A 193 -95.26 -23.81 -58.48
C MET A 193 -95.86 -22.69 -59.31
N LEU A 194 -95.68 -22.74 -60.63
CA LEU A 194 -96.20 -21.73 -61.55
C LEU A 194 -95.72 -20.33 -61.18
N ARG A 195 -94.46 -20.24 -60.75
CA ARG A 195 -93.84 -18.98 -60.35
C ARG A 195 -94.65 -18.28 -59.25
N SER A 219 -91.91 -11.71 -61.08
CA SER A 219 -91.95 -10.63 -60.11
C SER A 219 -92.14 -11.17 -58.70
N LYS A 220 -93.32 -11.75 -58.44
CA LYS A 220 -93.60 -12.31 -57.13
C LYS A 220 -92.70 -13.51 -56.84
N SER A 221 -92.47 -14.36 -57.85
CA SER A 221 -91.65 -15.55 -57.64
C SER A 221 -90.21 -15.18 -57.28
N GLU A 222 -89.63 -14.21 -57.98
CA GLU A 222 -88.25 -13.81 -57.71
C GLU A 222 -88.14 -13.19 -56.32
N GLU A 223 -89.09 -12.34 -55.94
CA GLU A 223 -89.07 -11.74 -54.62
C GLU A 223 -89.22 -12.79 -53.52
N MET A 224 -90.12 -13.76 -53.74
CA MET A 224 -90.29 -14.83 -52.76
C MET A 224 -89.04 -15.67 -52.62
N ILE A 225 -88.38 -15.99 -53.74
CA ILE A 225 -87.16 -16.78 -53.69
C ILE A 225 -86.06 -16.01 -52.98
N GLN A 226 -85.92 -14.71 -53.27
CA GLN A 226 -84.92 -13.91 -52.59
C GLN A 226 -85.18 -13.82 -51.10
N LEU A 227 -86.44 -13.65 -50.70
CA LEU A 227 -86.77 -13.60 -49.28
C LEU A 227 -86.48 -14.94 -48.60
N GLY A 228 -86.81 -16.04 -49.27
CA GLY A 228 -86.52 -17.35 -48.70
C GLY A 228 -85.03 -17.60 -48.54
N ASP A 229 -84.25 -17.22 -49.55
CA ASP A 229 -82.80 -17.37 -49.45
C ASP A 229 -82.23 -16.50 -48.33
N GLN A 230 -82.72 -15.27 -48.21
CA GLN A 230 -82.28 -14.40 -47.12
C GLN A 230 -82.71 -14.96 -45.76
N GLU A 231 -83.93 -15.49 -45.68
CA GLU A 231 -84.46 -16.07 -44.45
C GLU A 231 -84.30 -17.58 -44.40
N VAL A 232 -83.25 -18.10 -45.03
CA VAL A 232 -82.98 -19.54 -45.02
C VAL A 232 -82.19 -19.83 -43.74
N SER A 233 -82.92 -20.14 -42.67
CA SER A 233 -82.31 -20.43 -41.38
C SER A 233 -83.04 -21.61 -40.75
N GLU A 234 -82.61 -21.98 -39.54
CA GLU A 234 -83.23 -23.11 -38.86
C GLU A 234 -84.69 -22.84 -38.53
N LEU A 235 -84.99 -21.63 -38.06
CA LEU A 235 -86.35 -21.28 -37.67
C LEU A 235 -86.94 -20.13 -38.48
N CYS A 236 -86.19 -19.55 -39.41
CA CYS A 236 -86.69 -18.44 -40.21
C CYS A 236 -87.53 -18.88 -41.39
N GLY A 237 -87.58 -20.18 -41.69
CA GLY A 237 -88.40 -20.64 -42.80
C GLY A 237 -89.88 -20.40 -42.57
N LEU A 238 -90.36 -20.71 -41.37
CA LEU A 238 -91.75 -20.40 -41.02
C LEU A 238 -92.04 -18.91 -41.06
N PRO A 239 -91.19 -18.04 -40.50
CA PRO A 239 -91.46 -16.59 -40.63
C PRO A 239 -91.45 -16.12 -42.08
N ARG A 240 -90.57 -16.68 -42.91
CA ARG A 240 -90.55 -16.31 -44.33
C ARG A 240 -91.85 -16.75 -45.02
N GLU A 241 -92.31 -17.96 -44.72
CA GLU A 241 -93.56 -18.44 -45.29
C GLU A 241 -94.74 -17.58 -44.85
N LYS A 242 -94.75 -17.19 -43.57
CA LYS A 242 -95.82 -16.33 -43.07
C LYS A 242 -95.79 -14.96 -43.75
N LEU A 243 -94.60 -14.39 -43.91
CA LEU A 243 -94.48 -13.09 -44.58
C LEU A 243 -94.93 -13.18 -46.02
N ALA A 244 -94.56 -14.27 -46.72
CA ALA A 244 -95.02 -14.45 -48.09
C ALA A 244 -96.54 -14.60 -48.16
N ALA A 245 -97.11 -15.40 -47.26
CA ALA A 245 -98.55 -15.61 -47.25
C ALA A 245 -99.32 -14.36 -46.85
N ALA A 246 -98.67 -13.42 -46.17
CA ALA A 246 -99.31 -12.15 -45.87
C ALA A 246 -99.68 -11.40 -47.14
N GLU A 247 -98.79 -11.42 -48.13
CA GLU A 247 -99.04 -10.80 -49.43
C GLU A 247 -99.50 -11.81 -50.48
N ARG A 248 -99.69 -13.07 -50.10
CA ARG A 248 -100.13 -14.09 -51.05
C ARG A 248 -101.37 -14.81 -50.55
N VAL A 249 -101.74 -15.91 -51.20
CA VAL A 249 -102.96 -16.64 -50.86
C VAL A 249 -102.59 -18.01 -50.28
N LEU A 250 -103.60 -18.77 -49.88
CA LEU A 250 -103.38 -20.08 -49.28
C LEU A 250 -102.97 -21.13 -50.30
N ARG A 251 -102.98 -20.82 -51.59
CA ARG A 251 -102.60 -21.80 -52.61
C ARG A 251 -101.16 -22.26 -52.40
N SER A 252 -100.26 -21.33 -52.08
CA SER A 252 -98.89 -21.68 -51.76
C SER A 252 -98.72 -22.18 -50.33
N ASN A 253 -99.78 -22.15 -49.53
CA ASN A 253 -99.68 -22.62 -48.15
C ASN A 253 -99.40 -24.13 -48.09
N MET A 254 -100.01 -24.91 -48.99
CA MET A 254 -99.82 -26.35 -48.96
C MET A 254 -98.34 -26.71 -49.13
N ASP A 255 -97.64 -26.03 -50.04
CA ASP A 255 -96.20 -26.23 -50.17
C ASP A 255 -95.49 -25.85 -48.88
N ILE A 256 -95.93 -24.75 -48.25
CA ILE A 256 -95.37 -24.36 -46.96
C ILE A 256 -95.63 -25.44 -45.92
N LEU A 257 -96.68 -26.24 -46.11
CA LEU A 257 -96.92 -27.37 -45.22
C LEU A 257 -95.80 -28.40 -45.32
N LYS A 258 -95.28 -28.62 -46.53
CA LYS A 258 -94.18 -29.57 -46.69
C LYS A 258 -92.94 -29.17 -45.91
N PRO A 259 -92.50 -27.91 -45.92
CA PRO A 259 -91.29 -27.54 -45.15
C PRO A 259 -91.45 -27.73 -43.65
N ILE A 260 -92.67 -27.73 -43.13
CA ILE A 260 -92.88 -27.87 -41.69
C ILE A 260 -92.33 -29.21 -41.21
N LEU A 261 -92.59 -30.28 -41.97
CA LEU A 261 -92.04 -31.58 -41.62
C LEU A 261 -90.53 -31.64 -41.77
N ARG A 262 -89.94 -30.71 -42.52
CA ARG A 262 -88.48 -30.68 -42.66
C ARG A 262 -87.81 -30.41 -41.32
N THR A 263 -88.34 -29.45 -40.55
CA THR A 263 -87.84 -29.12 -39.22
C THR A 263 -86.35 -28.79 -39.24
N LEU A 264 -85.91 -28.09 -40.29
CA LEU A 264 -84.52 -27.68 -40.45
C LEU A 264 -83.56 -28.87 -40.37
N ASN A 265 -83.94 -29.97 -41.03
CA ASN A 265 -83.13 -31.18 -41.09
C ASN A 265 -82.81 -31.72 -39.69
N SER A 266 -83.80 -31.70 -38.81
CA SER A 266 -83.65 -32.22 -37.46
C SER A 266 -84.55 -33.40 -37.16
N THR A 267 -85.84 -33.31 -37.50
CA THR A 267 -86.75 -34.42 -37.26
C THR A 267 -86.48 -35.60 -38.18
N SER A 268 -85.88 -35.35 -39.34
CA SER A 268 -85.56 -36.44 -40.26
C SER A 268 -84.63 -37.48 -39.65
N PRO A 269 -83.59 -37.10 -38.90
CA PRO A 269 -82.72 -38.13 -38.30
C PRO A 269 -83.45 -39.08 -37.37
N PHE A 270 -84.46 -38.60 -36.66
CA PHE A 270 -85.23 -39.45 -35.74
C PHE A 270 -86.04 -40.48 -36.51
N PRO A 271 -86.46 -40.18 -37.74
CA PRO A 271 -87.24 -41.15 -38.51
C PRO A 271 -86.52 -42.46 -38.77
N SER A 272 -85.19 -42.42 -38.93
CA SER A 272 -84.40 -43.61 -39.21
C SER A 272 -83.79 -44.10 -37.90
N LYS A 273 -84.17 -45.31 -37.48
CA LYS A 273 -83.64 -45.86 -36.24
C LYS A 273 -82.22 -46.38 -36.37
N GLU A 274 -81.86 -46.88 -37.56
CA GLU A 274 -80.50 -47.40 -37.76
C GLU A 274 -79.46 -46.29 -37.62
N LEU A 275 -79.76 -45.11 -38.15
CA LEU A 275 -78.83 -43.98 -38.04
C LEU A 275 -78.91 -43.28 -36.69
N ALA A 276 -79.88 -43.62 -35.85
CA ALA A 276 -80.01 -42.98 -34.54
C ALA A 276 -78.81 -43.28 -33.65
N GLU A 277 -78.36 -44.54 -33.63
CA GLU A 277 -77.19 -44.89 -32.83
C GLU A 277 -75.95 -44.19 -33.33
N ALA A 278 -75.78 -44.09 -34.66
CA ALA A 278 -74.64 -43.38 -35.22
C ALA A 278 -74.70 -41.90 -34.86
N THR A 279 -75.89 -41.31 -34.89
CA THR A 279 -76.03 -39.90 -34.51
C THR A 279 -75.71 -39.69 -33.03
N LYS A 280 -76.13 -40.62 -32.17
CA LYS A 280 -75.80 -40.52 -30.76
C LYS A 280 -74.30 -40.63 -30.53
N THR A 281 -73.64 -41.57 -31.23
CA THR A 281 -72.20 -41.69 -31.13
C THR A 281 -71.51 -40.42 -31.62
N LEU A 282 -72.03 -39.82 -32.69
CA LEU A 282 -71.49 -38.56 -33.19
C LEU A 282 -71.63 -37.46 -32.15
N LEU A 283 -72.81 -37.38 -31.51
CA LEU A 283 -73.02 -36.35 -30.50
C LEU A 283 -72.03 -36.52 -29.35
N HIS A 284 -71.85 -37.76 -28.89
CA HIS A 284 -70.89 -38.00 -27.81
C HIS A 284 -69.47 -37.65 -28.24
N SER A 285 -69.08 -38.04 -29.46
CA SER A 285 -67.71 -37.81 -29.91
C SER A 285 -67.42 -36.31 -30.04
N LEU A 286 -68.32 -35.57 -30.69
CA LEU A 286 -68.11 -34.13 -30.78
C LEU A 286 -68.21 -33.45 -29.42
N GLY A 287 -69.04 -33.95 -28.52
CA GLY A 287 -69.08 -33.37 -27.18
C GLY A 287 -67.76 -33.50 -26.44
N THR A 288 -67.19 -34.71 -26.44
CA THR A 288 -65.92 -34.89 -25.75
C THR A 288 -64.78 -34.17 -26.47
N LEU A 289 -64.81 -34.14 -27.81
CA LEU A 289 -63.78 -33.41 -28.54
C LEU A 289 -63.85 -31.91 -28.23
N ALA A 290 -65.04 -31.34 -28.18
CA ALA A 290 -65.19 -29.93 -27.85
C ALA A 290 -64.76 -29.66 -26.41
N GLN A 291 -65.09 -30.57 -25.50
CA GLN A 291 -64.66 -30.40 -24.11
C GLN A 291 -63.14 -30.37 -24.01
N GLU A 292 -62.47 -31.31 -24.69
CA GLU A 292 -61.01 -31.31 -24.69
C GLU A 292 -60.45 -30.05 -25.34
N LEU A 293 -61.01 -29.65 -26.49
CA LEU A 293 -60.48 -28.49 -27.20
C LEU A 293 -60.61 -27.22 -26.37
N PHE A 294 -61.73 -27.08 -25.65
CA PHE A 294 -61.94 -25.90 -24.82
C PHE A 294 -61.32 -26.02 -23.43
N SER A 295 -60.78 -27.19 -23.08
CA SER A 295 -60.19 -27.37 -21.76
C SER A 295 -58.70 -27.05 -21.72
N MET A 296 -58.07 -26.76 -22.86
CA MET A 296 -56.67 -26.33 -22.85
C MET A 296 -56.49 -25.02 -22.09
N ARG A 297 -57.26 -23.99 -22.46
CA ARG A 297 -57.21 -22.69 -21.80
C ARG A 297 -55.83 -22.07 -21.85
N SER A 298 -54.96 -22.57 -22.72
CA SER A 298 -53.58 -22.11 -22.82
C SER A 298 -53.34 -21.24 -24.05
N TRP A 299 -53.75 -21.73 -25.23
CA TRP A 299 -53.58 -20.93 -26.44
C TRP A 299 -54.39 -19.64 -26.35
N SER A 300 -55.62 -19.72 -25.85
CA SER A 300 -56.45 -18.54 -25.68
C SER A 300 -55.83 -17.56 -24.69
N ASP A 301 -55.32 -18.08 -23.57
CA ASP A 301 -54.69 -17.21 -22.58
C ASP A 301 -53.46 -16.51 -23.17
N MET A 302 -52.65 -17.25 -23.92
CA MET A 302 -51.44 -16.66 -24.48
C MET A 302 -51.78 -15.60 -25.52
N ARG A 303 -52.76 -15.87 -26.38
CA ARG A 303 -53.14 -14.86 -27.38
C ARG A 303 -53.75 -13.64 -26.71
N GLN A 304 -54.57 -13.83 -25.67
CA GLN A 304 -55.11 -12.69 -24.94
C GLN A 304 -54.03 -11.86 -24.30
N GLU A 305 -53.00 -12.52 -23.75
CA GLU A 305 -51.89 -11.81 -23.12
C GLU A 305 -50.96 -11.14 -24.12
N VAL A 306 -50.86 -11.65 -25.35
CA VAL A 306 -49.96 -11.07 -26.34
C VAL A 306 -50.63 -9.98 -27.16
N MET A 307 -51.96 -9.93 -27.22
CA MET A 307 -52.61 -8.90 -28.05
C MET A 307 -52.33 -7.49 -27.55
N PHE A 308 -52.57 -7.23 -26.26
CA PHE A 308 -52.68 -5.83 -25.82
C PHE A 308 -51.35 -5.09 -25.85
N LEU A 309 -50.21 -5.81 -25.88
CA LEU A 309 -48.93 -5.11 -25.85
C LEU A 309 -48.71 -4.27 -27.10
N THR A 310 -49.11 -4.77 -28.27
CA THR A 310 -48.91 -4.06 -29.54
C THR A 310 -50.22 -3.55 -30.14
N ASN A 311 -51.28 -3.45 -29.34
CA ASN A 311 -52.57 -2.98 -29.82
C ASN A 311 -52.92 -1.57 -29.36
N VAL A 312 -52.39 -1.11 -28.23
CA VAL A 312 -52.68 0.23 -27.75
C VAL A 312 -52.11 1.25 -28.72
N ASN A 313 -52.87 2.35 -28.90
CA ASN A 313 -52.47 3.37 -29.87
C ASN A 313 -51.12 3.99 -29.52
N SER A 314 -50.90 4.29 -28.24
CA SER A 314 -49.64 4.88 -27.84
C SER A 314 -48.49 3.89 -28.03
N SER A 315 -48.64 2.66 -27.52
CA SER A 315 -47.63 1.61 -27.66
C SER A 315 -46.27 2.07 -27.16
N SER A 316 -46.28 2.84 -26.08
CA SER A 316 -45.04 3.37 -25.53
C SER A 316 -44.19 2.25 -24.92
N SER A 317 -42.89 2.31 -25.16
CA SER A 317 -41.98 1.33 -24.60
C SER A 317 -41.83 1.54 -23.10
N SER A 318 -41.92 0.45 -22.34
CA SER A 318 -41.81 0.49 -20.88
C SER A 318 -41.40 -0.90 -20.40
N THR A 319 -41.52 -1.13 -19.09
CA THR A 319 -41.27 -2.44 -18.53
C THR A 319 -42.43 -3.40 -18.73
N GLN A 320 -43.56 -2.93 -19.25
CA GLN A 320 -44.73 -3.80 -19.41
C GLN A 320 -44.44 -4.94 -20.38
N ILE A 321 -43.71 -4.67 -21.46
CA ILE A 321 -43.37 -5.73 -22.41
C ILE A 321 -42.51 -6.79 -21.74
N TYR A 322 -41.53 -6.36 -20.93
CA TYR A 322 -40.70 -7.32 -20.22
C TYR A 322 -41.52 -8.14 -19.23
N GLN A 323 -42.44 -7.49 -18.51
CA GLN A 323 -43.29 -8.23 -17.58
C GLN A 323 -44.15 -9.25 -18.31
N ALA A 324 -44.73 -8.87 -19.45
CA ALA A 324 -45.55 -9.81 -20.22
C ALA A 324 -44.71 -10.97 -20.72
N VAL A 325 -43.51 -10.70 -21.23
CA VAL A 325 -42.65 -11.77 -21.72
C VAL A 325 -42.28 -12.71 -20.59
N SER A 326 -41.93 -12.16 -19.42
CA SER A 326 -41.60 -13.00 -18.27
C SER A 326 -42.78 -13.85 -17.85
N ARG A 327 -43.99 -13.27 -17.85
CA ARG A 327 -45.18 -14.04 -17.52
C ARG A 327 -45.43 -15.15 -18.54
N ILE A 328 -45.06 -14.92 -19.81
CA ILE A 328 -45.19 -15.96 -20.81
C ILE A 328 -44.18 -17.08 -20.57
N VAL A 329 -42.95 -16.73 -20.20
CA VAL A 329 -41.92 -17.75 -20.04
C VAL A 329 -41.81 -18.25 -18.60
N CYS A 330 -42.24 -17.46 -17.61
CA CYS A 330 -42.14 -17.85 -16.21
C CYS A 330 -43.35 -17.29 -15.47
N GLY A 331 -43.28 -17.33 -14.14
CA GLY A 331 -44.36 -16.88 -13.29
C GLY A 331 -44.24 -15.43 -12.88
N HIS A 332 -44.99 -15.08 -11.83
CA HIS A 332 -44.96 -13.70 -11.32
C HIS A 332 -43.58 -13.29 -10.83
N PRO A 333 -42.88 -14.07 -10.00
CA PRO A 333 -41.55 -13.59 -9.60
C PRO A 333 -40.48 -13.93 -10.62
N THR A 373 -31.92 -12.30 -44.65
CA THR A 373 -30.65 -12.15 -43.93
C THR A 373 -30.43 -10.75 -43.35
N PRO A 374 -30.64 -9.68 -44.12
CA PRO A 374 -30.50 -8.34 -43.53
C PRO A 374 -31.45 -8.10 -42.37
N TYR A 375 -32.66 -8.64 -42.43
CA TYR A 375 -33.59 -8.54 -41.30
C TYR A 375 -33.02 -9.21 -40.06
N CYS A 376 -32.22 -10.26 -40.23
CA CYS A 376 -31.65 -10.96 -39.08
C CYS A 376 -30.62 -10.08 -38.38
N ASN A 377 -29.77 -9.41 -39.17
CA ASN A 377 -28.83 -8.45 -38.60
C ASN A 377 -29.57 -7.29 -37.93
N ASP A 378 -30.65 -6.82 -38.57
CA ASP A 378 -31.44 -5.75 -37.97
C ASP A 378 -32.02 -6.16 -36.62
N LEU A 379 -32.57 -7.37 -36.54
CA LEU A 379 -33.19 -7.81 -35.30
C LEU A 379 -32.14 -8.04 -34.21
N MET A 380 -30.98 -8.59 -34.56
CA MET A 380 -29.95 -8.76 -33.54
C MET A 380 -29.43 -7.43 -33.04
N LYS A 381 -29.26 -6.45 -33.94
CA LYS A 381 -28.84 -5.12 -33.51
C LYS A 381 -29.90 -4.48 -32.62
N ASN A 382 -31.17 -4.61 -32.97
CA ASN A 382 -32.24 -4.06 -32.14
C ASN A 382 -32.28 -4.71 -30.77
N LEU A 383 -32.10 -6.04 -30.72
CA LEU A 383 -32.10 -6.75 -29.45
C LEU A 383 -30.92 -6.31 -28.59
N GLU A 384 -29.76 -6.11 -29.21
CA GLU A 384 -28.61 -5.57 -28.47
C GLU A 384 -28.91 -4.18 -27.93
N SER A 385 -29.58 -3.34 -28.74
CA SER A 385 -29.96 -2.01 -28.30
C SER A 385 -31.21 -2.01 -27.43
N SER A 386 -31.91 -3.13 -27.32
CA SER A 386 -33.13 -3.19 -26.51
C SER A 386 -32.78 -3.05 -25.03
N PRO A 387 -33.49 -2.22 -24.28
CA PRO A 387 -33.19 -2.08 -22.85
C PRO A 387 -33.48 -3.37 -22.09
N LEU A 388 -32.69 -3.58 -21.02
CA LEU A 388 -32.83 -4.74 -20.15
C LEU A 388 -32.75 -6.05 -20.93
N SER A 389 -31.84 -6.10 -21.91
CA SER A 389 -31.66 -7.30 -22.71
C SER A 389 -30.19 -7.60 -22.98
N ARG A 390 -29.26 -6.92 -22.32
CA ARG A 390 -27.84 -7.16 -22.58
C ARG A 390 -27.42 -8.55 -22.11
N ILE A 391 -27.84 -8.94 -20.90
CA ILE A 391 -27.38 -10.21 -20.34
C ILE A 391 -27.94 -11.38 -21.12
N ILE A 392 -29.23 -11.33 -21.46
CA ILE A 392 -29.83 -12.43 -22.22
C ILE A 392 -29.22 -12.48 -23.62
N TRP A 393 -28.89 -11.33 -24.20
CA TRP A 393 -28.23 -11.33 -25.50
C TRP A 393 -26.86 -11.97 -25.41
N LYS A 394 -26.07 -11.63 -24.38
CA LYS A 394 -24.77 -12.24 -24.22
C LYS A 394 -24.86 -13.74 -23.98
N ALA A 395 -25.91 -14.18 -23.28
CA ALA A 395 -26.08 -15.61 -23.03
C ALA A 395 -26.55 -16.35 -24.27
N LEU A 396 -27.33 -15.69 -25.12
CA LEU A 396 -27.94 -16.37 -26.27
C LEU A 396 -27.07 -16.34 -27.52
N LYS A 397 -26.57 -15.16 -27.91
CA LYS A 397 -25.81 -14.99 -29.15
C LYS A 397 -24.88 -16.16 -29.47
N PRO A 398 -23.94 -16.56 -28.60
CA PRO A 398 -23.08 -17.69 -28.97
C PRO A 398 -23.85 -19.00 -29.12
N LEU A 399 -24.97 -19.16 -28.42
CA LEU A 399 -25.73 -20.40 -28.50
C LEU A 399 -26.28 -20.64 -29.90
N LEU A 400 -26.95 -19.62 -30.48
CA LEU A 400 -27.61 -19.81 -31.76
C LEU A 400 -26.80 -19.29 -32.94
N VAL A 401 -25.64 -18.66 -32.72
CA VAL A 401 -24.85 -18.16 -33.83
C VAL A 401 -23.49 -18.84 -33.84
N GLY A 402 -23.06 -19.34 -32.69
CA GLY A 402 -21.74 -19.92 -32.58
C GLY A 402 -21.60 -21.23 -33.35
N LYS A 403 -20.35 -21.65 -33.50
CA LYS A 403 -20.00 -22.86 -34.22
C LYS A 403 -18.91 -23.58 -33.43
N ILE A 404 -18.84 -24.90 -33.58
CA ILE A 404 -17.91 -25.71 -32.81
C ILE A 404 -16.83 -26.26 -33.73
N LEU A 405 -15.91 -27.02 -33.14
CA LEU A 405 -14.85 -27.72 -33.84
C LEU A 405 -14.76 -29.14 -33.29
N TYR A 406 -13.72 -29.87 -33.71
CA TYR A 406 -13.77 -31.32 -33.62
C TYR A 406 -12.35 -31.85 -33.79
N THR A 407 -12.23 -33.18 -33.90
CA THR A 407 -10.96 -33.91 -33.97
C THR A 407 -10.88 -34.76 -35.24
N PRO A 408 -9.81 -35.54 -35.45
CA PRO A 408 -9.84 -36.50 -36.56
C PRO A 408 -11.11 -37.36 -36.50
N ASP A 409 -11.76 -37.49 -37.66
CA ASP A 409 -13.11 -38.05 -37.75
C ASP A 409 -13.06 -39.57 -37.61
N THR A 410 -12.76 -40.00 -36.39
CA THR A 410 -12.89 -41.41 -36.06
C THR A 410 -14.37 -41.81 -36.08
N PRO A 411 -14.71 -42.99 -36.61
CA PRO A 411 -16.13 -43.38 -36.70
C PRO A 411 -16.85 -43.36 -35.36
N ALA A 412 -16.19 -43.74 -34.27
CA ALA A 412 -16.82 -43.61 -32.96
C ALA A 412 -17.07 -42.14 -32.60
N THR A 413 -16.08 -41.28 -32.87
CA THR A 413 -16.31 -39.87 -32.64
C THR A 413 -17.29 -39.30 -33.66
N ARG A 414 -17.42 -39.94 -34.83
CA ARG A 414 -18.51 -39.61 -35.73
C ARG A 414 -19.86 -39.92 -35.08
N GLN A 415 -19.95 -41.04 -34.38
CA GLN A 415 -21.15 -41.32 -33.57
C GLN A 415 -21.34 -40.27 -32.49
N VAL A 416 -20.24 -39.76 -31.94
CA VAL A 416 -20.33 -38.67 -30.97
C VAL A 416 -20.97 -37.45 -31.60
N MET A 417 -20.53 -37.09 -32.81
CA MET A 417 -21.27 -36.08 -33.58
C MET A 417 -22.73 -36.43 -33.71
N ALA A 418 -23.02 -37.70 -34.03
CA ALA A 418 -24.40 -38.10 -34.26
C ALA A 418 -25.25 -37.80 -33.03
N GLU A 419 -24.75 -38.19 -31.86
CA GLU A 419 -25.52 -37.99 -30.63
C GLU A 419 -25.63 -36.51 -30.29
N VAL A 420 -24.54 -35.75 -30.42
CA VAL A 420 -24.58 -34.35 -30.03
C VAL A 420 -25.50 -33.54 -30.94
N ASN A 421 -25.46 -33.82 -32.24
CA ASN A 421 -26.30 -33.08 -33.17
C ASN A 421 -27.71 -33.64 -33.24
N LYS A 422 -27.93 -34.87 -32.78
CA LYS A 422 -29.29 -35.28 -32.43
C LYS A 422 -29.82 -34.42 -31.28
N THR A 423 -29.01 -34.25 -30.23
CA THR A 423 -29.44 -33.44 -29.09
C THR A 423 -29.71 -32.00 -29.50
N PHE A 424 -28.88 -31.46 -30.41
CA PHE A 424 -29.10 -30.10 -30.89
C PHE A 424 -30.35 -30.00 -31.76
N GLN A 425 -30.55 -30.96 -32.66
CA GLN A 425 -31.73 -30.93 -33.54
C GLN A 425 -33.01 -31.26 -32.80
N GLU A 426 -32.92 -31.76 -31.56
CA GLU A 426 -34.13 -31.89 -30.76
C GLU A 426 -34.84 -30.55 -30.59
N LEU A 427 -34.12 -29.44 -30.69
CA LEU A 427 -34.69 -28.11 -30.67
C LEU A 427 -35.08 -27.63 -32.06
N ALA A 428 -34.69 -28.36 -33.11
CA ALA A 428 -34.89 -27.91 -34.49
C ALA A 428 -36.23 -28.33 -35.08
N VAL A 429 -37.24 -28.56 -34.24
CA VAL A 429 -38.56 -28.92 -34.75
C VAL A 429 -39.23 -27.76 -35.46
N PHE A 430 -38.86 -26.51 -35.15
CA PHE A 430 -39.56 -25.36 -35.67
C PHE A 430 -39.23 -25.04 -37.12
N HIS A 431 -38.15 -25.63 -37.66
CA HIS A 431 -37.80 -25.36 -39.05
C HIS A 431 -38.86 -25.89 -40.01
N ASP A 432 -39.38 -27.08 -39.74
CA ASP A 432 -40.34 -27.71 -40.64
C ASP A 432 -41.79 -27.32 -40.37
N LEU A 433 -42.05 -26.58 -39.29
CA LEU A 433 -43.43 -26.17 -39.01
C LEU A 433 -43.92 -25.16 -40.05
N GLU A 434 -43.02 -24.33 -40.57
CA GLU A 434 -43.37 -23.44 -41.68
C GLU A 434 -43.76 -24.24 -42.92
N GLY A 435 -43.01 -25.30 -43.22
CA GLY A 435 -43.37 -26.17 -44.32
C GLY A 435 -44.71 -26.85 -44.11
N MET A 436 -44.98 -27.27 -42.88
CA MET A 436 -46.29 -27.84 -42.55
C MET A 436 -47.41 -26.83 -42.78
N TRP A 437 -47.19 -25.59 -42.35
CA TRP A 437 -48.21 -24.55 -42.58
C TRP A 437 -48.46 -24.37 -44.07
N GLU A 438 -47.38 -24.27 -44.85
CA GLU A 438 -47.54 -24.08 -46.29
C GLU A 438 -48.24 -25.26 -46.95
N GLU A 439 -47.91 -26.49 -46.54
CA GLU A 439 -48.46 -27.67 -47.16
C GLU A 439 -49.89 -27.98 -46.73
N LEU A 440 -50.32 -27.51 -45.55
CA LEU A 440 -51.63 -27.87 -45.04
C LEU A 440 -52.59 -26.70 -44.88
N SER A 441 -52.17 -25.47 -45.20
CA SER A 441 -53.12 -24.35 -45.12
C SER A 441 -54.28 -24.49 -46.10
N PRO A 442 -54.07 -24.74 -47.40
CA PRO A 442 -55.25 -24.93 -48.27
C PRO A 442 -56.10 -26.11 -47.87
N LYS A 443 -55.49 -27.20 -47.41
CA LYS A 443 -56.26 -28.39 -47.04
C LYS A 443 -57.14 -28.11 -45.84
N ILE A 444 -56.59 -27.50 -44.79
CA ILE A 444 -57.39 -27.19 -43.61
C ILE A 444 -58.40 -26.09 -43.92
N TRP A 445 -58.08 -25.22 -44.89
CA TRP A 445 -59.02 -24.18 -45.28
C TRP A 445 -60.25 -24.78 -45.96
N THR A 446 -60.02 -25.66 -46.94
CA THR A 446 -61.13 -26.22 -47.71
C THR A 446 -61.89 -27.27 -46.91
N PHE A 447 -61.19 -27.99 -46.02
CA PHE A 447 -61.83 -29.06 -45.26
C PHE A 447 -62.97 -28.54 -44.39
N MET A 448 -62.75 -27.41 -43.73
CA MET A 448 -63.74 -26.85 -42.83
C MET A 448 -64.59 -25.76 -43.50
N GLU A 449 -64.40 -25.53 -44.80
CA GLU A 449 -65.19 -24.56 -45.55
C GLU A 449 -66.13 -25.20 -46.56
N ASN A 450 -65.75 -26.32 -47.16
CA ASN A 450 -66.52 -26.92 -48.24
C ASN A 450 -66.87 -28.39 -48.05
N SER A 451 -66.11 -29.13 -47.24
CA SER A 451 -66.39 -30.54 -47.05
C SER A 451 -67.72 -30.75 -46.33
N GLN A 452 -68.43 -31.81 -46.71
CA GLN A 452 -69.74 -32.09 -46.12
C GLN A 452 -69.62 -32.44 -44.64
N GLU A 453 -68.47 -33.00 -44.23
CA GLU A 453 -68.30 -33.36 -42.82
C GLU A 453 -68.34 -32.12 -41.93
N MET A 454 -67.69 -31.04 -42.35
CA MET A 454 -67.74 -29.80 -41.57
C MET A 454 -69.15 -29.26 -41.50
N ASP A 455 -69.90 -29.32 -42.60
CA ASP A 455 -71.29 -28.86 -42.58
C ASP A 455 -72.13 -29.70 -41.63
N LEU A 456 -71.94 -31.02 -41.63
CA LEU A 456 -72.67 -31.88 -40.71
C LEU A 456 -72.32 -31.58 -39.27
N VAL A 457 -71.04 -31.34 -38.99
CA VAL A 457 -70.60 -31.01 -37.63
C VAL A 457 -71.23 -29.69 -37.19
N ARG A 458 -71.25 -28.70 -38.08
CA ARG A 458 -71.86 -27.42 -37.74
C ARG A 458 -73.35 -27.57 -37.48
N MET A 459 -74.03 -28.37 -38.32
CA MET A 459 -75.46 -28.58 -38.12
C MET A 459 -75.74 -29.28 -36.79
N LEU A 460 -74.93 -30.29 -36.45
CA LEU A 460 -75.12 -31.00 -35.20
C LEU A 460 -74.74 -30.14 -33.99
N LEU A 461 -73.88 -29.15 -34.18
CA LEU A 461 -73.45 -28.30 -33.06
C LEU A 461 -74.58 -27.41 -32.54
N ASP A 462 -75.61 -27.17 -33.33
CA ASP A 462 -76.73 -26.32 -32.94
C ASP A 462 -78.03 -27.00 -33.31
N SER A 463 -78.72 -27.55 -32.30
CA SER A 463 -80.00 -28.21 -32.51
C SER A 463 -80.73 -28.28 -31.18
N ARG A 464 -82.05 -28.48 -31.25
CA ARG A 464 -82.84 -28.64 -30.03
C ARG A 464 -82.40 -29.87 -29.24
N ASP A 465 -82.19 -30.98 -29.93
CA ASP A 465 -81.63 -32.16 -29.27
C ASP A 465 -80.22 -31.88 -28.78
N ASN A 466 -79.43 -31.16 -29.58
CA ASN A 466 -78.10 -30.75 -29.13
C ASN A 466 -78.19 -29.80 -27.95
N ASP A 467 -79.18 -28.90 -27.96
CA ASP A 467 -79.38 -28.01 -26.82
C ASP A 467 -79.70 -28.80 -25.56
N HIS A 468 -80.51 -29.85 -25.69
CA HIS A 468 -80.85 -30.66 -24.53
C HIS A 468 -79.67 -31.52 -24.09
N PHE A 469 -78.99 -32.18 -25.04
CA PHE A 469 -77.94 -33.14 -24.73
C PHE A 469 -76.54 -32.57 -24.92
N TRP A 470 -76.22 -32.12 -26.14
CA TRP A 470 -74.85 -31.66 -26.42
C TRP A 470 -74.50 -30.42 -25.63
N GLU A 471 -75.43 -29.45 -25.56
CA GLU A 471 -75.17 -28.24 -24.79
C GLU A 471 -75.00 -28.56 -23.31
N GLN A 472 -75.85 -29.44 -22.77
CA GLN A 472 -75.71 -29.83 -21.37
C GLN A 472 -74.40 -30.55 -21.12
N GLN A 473 -74.00 -31.43 -22.04
CA GLN A 473 -72.74 -32.14 -21.90
C GLN A 473 -71.55 -31.18 -21.91
N LEU A 474 -71.58 -30.20 -22.83
CA LEU A 474 -70.51 -29.21 -22.89
C LEU A 474 -70.47 -28.36 -21.63
N ASP A 475 -71.65 -27.96 -21.13
CA ASP A 475 -71.69 -27.14 -19.92
C ASP A 475 -71.17 -27.90 -18.71
N GLY A 476 -71.55 -29.17 -18.57
CA GLY A 476 -71.10 -29.97 -17.45
C GLY A 476 -69.66 -30.45 -17.56
N LEU A 477 -69.12 -30.51 -18.78
CA LEU A 477 -67.74 -30.97 -18.96
C LEU A 477 -66.76 -29.95 -18.40
N ASP A 478 -66.93 -28.68 -18.76
CA ASP A 478 -66.02 -27.63 -18.31
C ASP A 478 -66.70 -26.28 -18.49
N TRP A 479 -66.04 -25.24 -17.99
CA TRP A 479 -66.55 -23.87 -18.11
C TRP A 479 -66.20 -23.28 -19.47
N THR A 480 -66.77 -23.89 -20.51
CA THR A 480 -66.55 -23.42 -21.86
C THR A 480 -67.25 -22.07 -22.08
N ALA A 481 -66.99 -21.47 -23.24
CA ALA A 481 -67.59 -20.17 -23.56
C ALA A 481 -69.11 -20.26 -23.61
N GLN A 482 -69.63 -21.00 -24.59
CA GLN A 482 -71.06 -21.21 -24.75
C GLN A 482 -71.27 -22.14 -25.94
N ASP A 483 -72.44 -22.76 -25.98
CA ASP A 483 -72.81 -23.54 -27.17
C ASP A 483 -72.98 -22.64 -28.38
N ILE A 484 -73.66 -21.51 -28.21
CA ILE A 484 -73.80 -20.55 -29.29
C ILE A 484 -72.45 -19.96 -29.68
N VAL A 485 -71.61 -19.67 -28.68
CA VAL A 485 -70.28 -19.14 -28.95
C VAL A 485 -69.46 -20.16 -29.73
N ALA A 486 -69.53 -21.43 -29.34
CA ALA A 486 -68.82 -22.47 -30.08
C ALA A 486 -69.34 -22.58 -31.50
N PHE A 487 -70.67 -22.50 -31.67
CA PHE A 487 -71.24 -22.55 -33.01
C PHE A 487 -70.83 -21.36 -33.85
N LEU A 488 -70.52 -20.22 -33.22
CA LEU A 488 -70.14 -19.03 -33.97
C LEU A 488 -68.82 -19.24 -34.70
N ALA A 489 -67.80 -19.74 -33.99
CA ALA A 489 -66.48 -19.96 -34.56
C ALA A 489 -66.27 -21.40 -35.00
N LYS A 490 -67.34 -22.10 -35.37
CA LYS A 490 -67.23 -23.50 -35.77
C LYS A 490 -67.09 -23.65 -37.28
N HIS A 491 -68.08 -23.17 -38.04
CA HIS A 491 -68.05 -23.30 -39.50
C HIS A 491 -68.99 -22.29 -40.15
N PRO A 492 -68.62 -21.02 -40.20
CA PRO A 492 -69.50 -20.04 -40.86
C PRO A 492 -69.24 -19.93 -42.35
N GLU A 493 -69.98 -19.06 -43.03
CA GLU A 493 -69.80 -18.84 -44.46
C GLU A 493 -69.28 -17.46 -44.80
N ASP A 494 -69.56 -16.45 -43.97
CA ASP A 494 -69.06 -15.10 -44.18
C ASP A 494 -69.10 -14.38 -42.85
N VAL A 495 -68.71 -13.10 -42.87
CA VAL A 495 -68.74 -12.28 -41.67
C VAL A 495 -70.17 -11.81 -41.43
N GLN A 496 -70.67 -12.06 -40.22
CA GLN A 496 -72.04 -11.67 -39.88
C GLN A 496 -72.11 -10.19 -39.55
N SER A 497 -71.38 -9.75 -38.53
CA SER A 497 -71.34 -8.35 -38.15
C SER A 497 -69.97 -8.03 -37.56
N SER A 498 -69.48 -6.82 -37.85
CA SER A 498 -68.18 -6.37 -37.38
C SER A 498 -68.28 -5.35 -36.25
N ASN A 499 -69.30 -4.48 -36.28
CA ASN A 499 -69.43 -3.46 -35.25
C ASN A 499 -69.72 -4.08 -33.88
N GLY A 500 -70.55 -5.11 -33.84
CA GLY A 500 -70.94 -5.72 -32.58
C GLY A 500 -69.80 -6.39 -31.84
N SER A 501 -69.28 -7.48 -32.39
CA SER A 501 -68.18 -8.21 -31.78
C SER A 501 -67.57 -9.14 -32.81
N VAL A 502 -66.24 -9.19 -32.86
CA VAL A 502 -65.52 -10.03 -33.81
C VAL A 502 -64.82 -11.13 -33.02
N TYR A 503 -65.26 -12.37 -33.24
CA TYR A 503 -64.62 -13.54 -32.64
C TYR A 503 -64.94 -14.72 -33.56
N THR A 504 -63.99 -15.08 -34.42
CA THR A 504 -64.23 -16.06 -35.45
C THR A 504 -62.96 -16.87 -35.69
N TRP A 505 -63.12 -18.00 -36.38
CA TRP A 505 -61.98 -18.82 -36.75
C TRP A 505 -61.09 -18.11 -37.75
N ARG A 506 -61.65 -17.19 -38.55
CA ARG A 506 -60.88 -16.54 -39.59
C ARG A 506 -59.80 -15.63 -39.01
N GLU A 507 -60.13 -14.85 -37.98
CA GLU A 507 -59.12 -13.99 -37.36
C GLU A 507 -58.03 -14.82 -36.71
N ALA A 508 -58.40 -15.92 -36.07
CA ALA A 508 -57.41 -16.82 -35.51
C ALA A 508 -56.52 -17.39 -36.61
N PHE A 509 -57.07 -17.60 -37.80
CA PHE A 509 -56.27 -18.19 -38.85
C PHE A 509 -55.29 -17.14 -39.41
N ASN A 510 -55.73 -15.88 -39.52
CA ASN A 510 -54.78 -14.79 -39.78
C ASN A 510 -53.64 -14.81 -38.77
N GLU A 511 -53.97 -14.92 -37.48
CA GLU A 511 -52.96 -14.70 -36.45
C GLU A 511 -52.02 -15.89 -36.38
N THR A 512 -52.54 -17.11 -36.58
CA THR A 512 -51.67 -18.29 -36.65
C THR A 512 -50.73 -18.21 -37.84
N ASN A 513 -51.23 -17.76 -39.00
CA ASN A 513 -50.36 -17.62 -40.16
C ASN A 513 -49.27 -16.60 -39.90
N GLN A 514 -49.65 -15.45 -39.33
CA GLN A 514 -48.66 -14.41 -39.03
C GLN A 514 -47.65 -14.89 -38.01
N ALA A 515 -48.11 -15.59 -36.98
CA ALA A 515 -47.21 -16.08 -35.93
C ALA A 515 -46.22 -17.10 -36.49
N ILE A 516 -46.69 -18.02 -37.34
CA ILE A 516 -45.76 -18.98 -37.89
C ILE A 516 -44.79 -18.30 -38.86
N ARG A 517 -45.24 -17.29 -39.60
CA ARG A 517 -44.30 -16.55 -40.45
C ARG A 517 -43.20 -15.90 -39.60
N THR A 518 -43.59 -15.26 -38.50
CA THR A 518 -42.60 -14.62 -37.64
C THR A 518 -41.67 -15.66 -37.01
N ILE A 519 -42.22 -16.80 -36.59
CA ILE A 519 -41.40 -17.84 -35.97
C ILE A 519 -40.38 -18.37 -36.96
N SER A 520 -40.81 -18.63 -38.20
CA SER A 520 -39.88 -19.09 -39.23
C SER A 520 -38.81 -18.05 -39.51
N ARG A 521 -39.19 -16.78 -39.59
CA ARG A 521 -38.21 -15.73 -39.85
C ARG A 521 -37.18 -15.67 -38.73
N PHE A 522 -37.62 -15.79 -37.48
CA PHE A 522 -36.69 -15.77 -36.36
C PHE A 522 -35.80 -17.01 -36.32
N MET A 523 -36.36 -18.19 -36.63
CA MET A 523 -35.62 -19.43 -36.57
C MET A 523 -34.67 -19.62 -37.74
N GLU A 524 -34.85 -18.85 -38.82
CA GLU A 524 -33.88 -18.86 -39.91
C GLU A 524 -32.60 -18.08 -39.56
N CYS A 525 -32.42 -17.73 -38.28
CA CYS A 525 -31.22 -17.05 -37.81
C CYS A 525 -30.28 -17.98 -37.06
N VAL A 526 -30.60 -19.27 -37.01
CA VAL A 526 -29.87 -20.22 -36.18
C VAL A 526 -29.14 -21.20 -37.09
N ASN A 527 -27.83 -21.33 -36.89
CA ASN A 527 -27.00 -22.24 -37.68
C ASN A 527 -26.84 -23.55 -36.91
N LEU A 528 -27.87 -24.39 -36.99
CA LEU A 528 -27.88 -25.67 -36.30
C LEU A 528 -27.07 -26.74 -37.02
N ASN A 529 -26.23 -26.36 -37.98
CA ASN A 529 -25.35 -27.28 -38.69
C ASN A 529 -23.94 -27.25 -38.14
N LYS A 530 -23.80 -27.04 -36.82
CA LYS A 530 -22.53 -26.69 -36.20
C LYS A 530 -21.74 -27.93 -35.82
N LEU A 531 -21.32 -28.69 -36.85
CA LEU A 531 -20.34 -29.77 -36.69
C LEU A 531 -19.33 -29.64 -37.82
N GLU A 532 -18.11 -29.22 -37.46
CA GLU A 532 -17.03 -28.98 -38.43
C GLU A 532 -15.84 -29.83 -38.04
N PRO A 533 -15.70 -31.03 -38.62
CA PRO A 533 -14.54 -31.86 -38.33
C PRO A 533 -13.24 -31.18 -38.75
N ILE A 534 -12.20 -31.37 -37.94
CA ILE A 534 -10.87 -30.83 -38.21
C ILE A 534 -9.84 -31.86 -37.75
N ALA A 535 -8.90 -32.20 -38.62
CA ALA A 535 -7.97 -33.28 -38.31
C ALA A 535 -6.79 -32.80 -37.47
N THR A 536 -6.07 -31.78 -37.94
CA THR A 536 -4.86 -31.33 -37.28
C THR A 536 -5.16 -30.23 -36.26
N GLU A 537 -4.35 -30.18 -35.20
CA GLU A 537 -4.59 -29.23 -34.13
C GLU A 537 -4.19 -27.81 -34.52
N VAL A 538 -3.15 -27.65 -35.32
CA VAL A 538 -2.71 -26.31 -35.71
C VAL A 538 -3.74 -25.65 -36.61
N TRP A 539 -4.24 -26.38 -37.61
CA TRP A 539 -5.35 -25.85 -38.40
C TRP A 539 -6.58 -25.65 -37.55
N LEU A 540 -6.77 -26.49 -36.53
CA LEU A 540 -7.87 -26.32 -35.59
C LEU A 540 -7.81 -24.94 -34.93
N ILE A 541 -6.66 -24.60 -34.36
CA ILE A 541 -6.53 -23.32 -33.66
C ILE A 541 -6.62 -22.16 -34.66
N ASN A 542 -6.02 -22.32 -35.84
CA ASN A 542 -6.09 -21.26 -36.84
C ASN A 542 -7.53 -20.97 -37.24
N LYS A 543 -8.30 -22.02 -37.53
CA LYS A 543 -9.71 -21.85 -37.83
C LYS A 543 -10.48 -21.30 -36.64
N SER A 544 -10.03 -21.62 -35.42
CA SER A 544 -10.66 -21.07 -34.24
C SER A 544 -10.56 -19.55 -34.22
N MET A 545 -9.35 -19.01 -34.39
CA MET A 545 -9.23 -17.56 -34.44
C MET A 545 -9.93 -16.98 -35.65
N GLU A 546 -9.91 -17.69 -36.78
CA GLU A 546 -10.58 -17.18 -37.98
C GLU A 546 -12.07 -17.03 -37.74
N LEU A 547 -12.69 -18.00 -37.08
CA LEU A 547 -14.11 -17.90 -36.76
C LEU A 547 -14.36 -16.86 -35.67
N LEU A 548 -13.43 -16.73 -34.71
CA LEU A 548 -13.60 -15.75 -33.65
C LEU A 548 -13.60 -14.33 -34.21
N ASP A 549 -12.72 -14.05 -35.17
CA ASP A 549 -12.74 -12.74 -35.81
C ASP A 549 -13.96 -12.53 -36.68
N GLU A 550 -14.71 -13.59 -36.97
CA GLU A 550 -15.96 -13.50 -37.71
C GLU A 550 -17.15 -13.18 -36.80
N ARG A 551 -16.90 -13.00 -35.50
CA ARG A 551 -17.92 -12.70 -34.50
C ARG A 551 -18.88 -13.85 -34.28
N LYS A 552 -18.41 -15.10 -34.48
CA LYS A 552 -19.22 -16.28 -34.21
C LYS A 552 -18.27 -17.44 -33.92
N PHE A 553 -18.10 -17.77 -32.65
CA PHE A 553 -17.33 -18.94 -32.26
C PHE A 553 -17.89 -19.50 -30.97
N TRP A 554 -18.35 -20.75 -31.03
CA TRP A 554 -18.84 -21.49 -29.87
C TRP A 554 -17.68 -22.32 -29.32
N ALA A 555 -17.96 -23.22 -28.38
CA ALA A 555 -16.89 -23.99 -27.77
C ALA A 555 -16.24 -24.92 -28.78
N GLY A 556 -15.09 -25.48 -28.40
CA GLY A 556 -14.41 -26.42 -29.26
C GLY A 556 -13.93 -27.66 -28.53
N ILE A 557 -14.38 -28.83 -28.96
CA ILE A 557 -14.08 -30.09 -28.30
C ILE A 557 -12.85 -30.70 -28.96
N VAL A 558 -11.91 -31.21 -28.14
CA VAL A 558 -10.72 -31.88 -28.66
C VAL A 558 -10.53 -33.17 -27.87
N PHE A 559 -10.83 -34.30 -28.51
CA PHE A 559 -10.64 -35.61 -27.90
C PHE A 559 -9.16 -35.94 -27.79
N THR A 560 -8.85 -37.14 -27.32
CA THR A 560 -7.50 -37.69 -27.28
C THR A 560 -7.49 -39.11 -27.84
N GLY A 561 -8.18 -39.32 -28.96
CA GLY A 561 -8.22 -40.64 -29.56
C GLY A 561 -6.85 -41.10 -30.00
N ILE A 562 -6.64 -42.41 -29.92
CA ILE A 562 -5.32 -42.97 -30.24
C ILE A 562 -5.08 -43.00 -31.75
N THR A 563 -5.92 -43.72 -32.49
CA THR A 563 -5.80 -43.85 -33.93
C THR A 563 -7.20 -43.90 -34.53
N PRO A 564 -7.34 -43.54 -35.81
CA PRO A 564 -8.65 -43.68 -36.47
C PRO A 564 -9.01 -45.14 -36.71
N GLY A 565 -9.33 -45.85 -35.63
CA GLY A 565 -9.64 -47.27 -35.72
C GLY A 565 -11.08 -47.58 -35.43
N SER A 566 -11.51 -48.79 -35.82
CA SER A 566 -12.90 -49.19 -35.61
C SER A 566 -13.25 -49.37 -34.14
N ILE A 567 -12.25 -49.59 -33.28
CA ILE A 567 -12.51 -49.71 -31.85
C ILE A 567 -13.05 -48.38 -31.35
N GLU A 568 -14.19 -48.43 -30.65
CA GLU A 568 -14.93 -47.22 -30.32
C GLU A 568 -14.15 -46.28 -29.40
N LEU A 569 -13.86 -46.69 -28.17
CA LEU A 569 -13.19 -45.84 -27.20
C LEU A 569 -12.21 -46.69 -26.41
N PRO A 570 -11.20 -46.07 -25.81
CA PRO A 570 -10.25 -46.83 -24.99
C PRO A 570 -10.76 -47.10 -23.59
N HIS A 571 -12.08 -46.97 -23.39
CA HIS A 571 -12.79 -47.14 -22.13
C HIS A 571 -12.49 -46.02 -21.13
N HIS A 572 -11.68 -45.02 -21.50
CA HIS A 572 -11.37 -43.92 -20.60
C HIS A 572 -11.24 -42.68 -21.48
N VAL A 573 -12.21 -41.79 -21.37
CA VAL A 573 -12.36 -40.68 -22.32
C VAL A 573 -11.72 -39.42 -21.74
N LYS A 574 -10.90 -38.77 -22.56
CA LYS A 574 -10.18 -37.55 -22.20
C LYS A 574 -10.36 -36.54 -23.31
N TYR A 575 -10.83 -35.35 -22.97
CA TYR A 575 -10.94 -34.31 -23.99
C TYR A 575 -10.72 -32.96 -23.32
N LYS A 576 -10.41 -31.96 -24.13
CA LYS A 576 -10.26 -30.58 -23.70
C LYS A 576 -11.35 -29.75 -24.35
N ILE A 577 -12.05 -28.96 -23.56
CA ILE A 577 -13.07 -28.04 -24.09
C ILE A 577 -12.39 -26.67 -24.21
N ARG A 578 -11.77 -26.45 -25.37
CA ARG A 578 -11.07 -25.21 -25.64
C ARG A 578 -12.08 -24.16 -26.07
N MET A 579 -12.23 -23.10 -25.26
CA MET A 579 -13.11 -21.99 -25.58
C MET A 579 -12.38 -20.68 -25.30
N ASP A 580 -12.79 -19.62 -25.99
CA ASP A 580 -12.09 -18.36 -25.91
C ASP A 580 -12.12 -17.78 -24.49
N ILE A 581 -11.25 -16.79 -24.26
CA ILE A 581 -11.05 -16.25 -22.91
C ILE A 581 -12.31 -15.55 -22.42
N ASP A 582 -12.97 -14.77 -23.28
CA ASP A 582 -14.07 -13.93 -22.84
C ASP A 582 -15.25 -14.75 -22.34
N ASN A 583 -15.39 -16.01 -22.77
CA ASN A 583 -16.55 -16.81 -22.45
C ASN A 583 -16.23 -17.98 -21.51
N VAL A 584 -15.03 -18.01 -20.93
CA VAL A 584 -14.65 -19.03 -19.96
C VAL A 584 -13.86 -18.36 -18.85
N GLU A 585 -14.15 -18.75 -17.61
CA GLU A 585 -13.49 -18.15 -16.46
C GLU A 585 -11.99 -18.40 -16.51
N ARG A 586 -11.23 -17.41 -16.02
CA ARG A 586 -9.78 -17.48 -16.06
C ARG A 586 -9.28 -18.73 -15.35
N THR A 587 -8.31 -19.40 -15.96
CA THR A 587 -7.79 -20.66 -15.44
C THR A 587 -6.47 -20.48 -14.70
N ASN A 588 -6.04 -19.24 -14.46
CA ASN A 588 -4.77 -19.03 -13.77
C ASN A 588 -4.89 -19.38 -12.28
N LYS A 589 -5.96 -18.93 -11.64
CA LYS A 589 -6.17 -19.16 -10.21
C LYS A 589 -7.43 -19.99 -9.99
N ILE A 590 -7.35 -20.96 -9.08
CA ILE A 590 -8.44 -21.89 -8.86
C ILE A 590 -9.38 -21.42 -7.75
N LYS A 591 -8.96 -20.47 -6.92
CA LYS A 591 -9.78 -19.97 -5.84
C LYS A 591 -9.90 -18.45 -5.96
N ASP A 592 -10.68 -17.86 -5.06
CA ASP A 592 -10.88 -16.42 -5.05
C ASP A 592 -9.63 -15.64 -4.65
N GLY A 593 -8.64 -16.31 -4.08
CA GLY A 593 -7.46 -15.62 -3.56
C GLY A 593 -7.61 -15.31 -2.06
N TYR A 594 -7.96 -14.07 -1.75
CA TYR A 594 -8.24 -13.68 -0.37
C TYR A 594 -9.73 -13.86 -0.08
N TRP A 595 -10.05 -14.33 1.12
CA TRP A 595 -11.43 -14.58 1.49
C TRP A 595 -12.23 -13.30 1.42
N ASP A 596 -13.44 -13.38 0.84
CA ASP A 596 -14.28 -12.23 0.62
C ASP A 596 -15.73 -12.61 0.81
N PRO A 597 -16.47 -11.94 1.69
CA PRO A 597 -17.87 -12.31 1.90
C PRO A 597 -18.73 -12.08 0.66
N GLY A 598 -19.78 -12.90 0.57
CA GLY A 598 -20.67 -12.85 -0.56
C GLY A 598 -20.67 -14.16 -1.32
N PRO A 599 -21.82 -14.52 -1.90
CA PRO A 599 -21.88 -15.77 -2.68
C PRO A 599 -21.09 -15.69 -3.98
N ARG A 600 -20.71 -14.50 -4.41
CA ARG A 600 -19.97 -14.29 -5.66
C ARG A 600 -20.74 -14.89 -6.83
N ALA A 601 -21.90 -14.29 -7.08
CA ALA A 601 -22.85 -14.75 -8.08
C ALA A 601 -23.30 -13.60 -8.97
N ASP A 602 -22.35 -12.81 -9.44
CA ASP A 602 -22.68 -11.78 -10.41
C ASP A 602 -23.09 -12.43 -11.72
N PRO A 603 -24.19 -11.98 -12.34
CA PRO A 603 -24.69 -12.68 -13.54
C PRO A 603 -23.70 -12.70 -14.70
N PHE A 604 -22.90 -11.65 -14.87
CA PHE A 604 -22.02 -11.52 -16.00
C PHE A 604 -20.55 -11.72 -15.66
N GLU A 605 -20.12 -11.34 -14.45
CA GLU A 605 -18.71 -11.36 -14.12
C GLU A 605 -18.22 -12.67 -13.54
N ASP A 606 -19.12 -13.57 -13.13
CA ASP A 606 -18.67 -14.81 -12.51
C ASP A 606 -19.41 -16.04 -13.01
N MET A 607 -20.52 -15.85 -13.72
CA MET A 607 -21.29 -16.97 -14.24
C MET A 607 -20.73 -17.51 -15.54
N ARG A 608 -19.45 -17.25 -15.82
CA ARG A 608 -18.86 -17.52 -17.12
C ARG A 608 -18.90 -19.00 -17.51
N TYR A 609 -19.28 -19.89 -16.59
CA TYR A 609 -19.46 -21.29 -16.94
C TYR A 609 -20.91 -21.65 -17.28
N VAL A 610 -21.87 -20.78 -17.00
CA VAL A 610 -23.27 -21.08 -17.30
C VAL A 610 -23.84 -20.16 -18.37
N TRP A 611 -23.32 -18.94 -18.54
CA TRP A 611 -23.72 -18.12 -19.66
C TRP A 611 -22.71 -18.17 -20.81
N GLY A 612 -21.44 -18.51 -20.52
CA GLY A 612 -20.49 -18.74 -21.59
C GLY A 612 -20.68 -20.06 -22.30
N GLY A 613 -21.51 -20.94 -21.75
CA GLY A 613 -21.85 -22.18 -22.42
C GLY A 613 -20.90 -23.34 -22.20
N PHE A 614 -19.91 -23.20 -21.31
CA PHE A 614 -18.97 -24.31 -21.09
C PHE A 614 -19.68 -25.51 -20.47
N ALA A 615 -20.43 -25.28 -19.40
CA ALA A 615 -21.05 -26.39 -18.68
C ALA A 615 -22.06 -27.13 -19.55
N TYR A 616 -22.77 -26.41 -20.43
CA TYR A 616 -23.70 -27.08 -21.33
C TYR A 616 -22.98 -28.04 -22.26
N LEU A 617 -21.85 -27.59 -22.83
CA LEU A 617 -21.05 -28.49 -23.66
C LEU A 617 -20.56 -29.67 -22.84
N GLN A 618 -20.12 -29.42 -21.62
CA GLN A 618 -19.65 -30.49 -20.75
C GLN A 618 -20.72 -31.57 -20.60
N ASP A 619 -21.92 -31.15 -20.19
CA ASP A 619 -22.99 -32.11 -19.92
C ASP A 619 -23.41 -32.83 -21.20
N VAL A 620 -23.53 -32.09 -22.31
CA VAL A 620 -23.96 -32.71 -23.56
C VAL A 620 -22.95 -33.74 -24.04
N VAL A 621 -21.65 -33.40 -23.97
CA VAL A 621 -20.62 -34.33 -24.39
C VAL A 621 -20.61 -35.58 -23.51
N GLU A 622 -20.79 -35.40 -22.20
CA GLU A 622 -20.88 -36.58 -21.34
C GLU A 622 -22.07 -37.46 -21.70
N GLN A 623 -23.22 -36.85 -21.98
CA GLN A 623 -24.38 -37.65 -22.34
C GLN A 623 -24.13 -38.41 -23.65
N ALA A 624 -23.53 -37.74 -24.63
CA ALA A 624 -23.22 -38.41 -25.90
C ALA A 624 -22.25 -39.57 -25.69
N ILE A 625 -21.21 -39.35 -24.88
CA ILE A 625 -20.23 -40.40 -24.62
C ILE A 625 -20.88 -41.58 -23.92
N ILE A 626 -21.72 -41.31 -22.92
CA ILE A 626 -22.40 -42.38 -22.21
C ILE A 626 -23.31 -43.16 -23.15
N ARG A 627 -23.99 -42.44 -24.05
CA ARG A 627 -24.80 -43.12 -25.06
C ARG A 627 -23.94 -44.02 -25.94
N VAL A 628 -22.74 -43.55 -26.30
CA VAL A 628 -21.87 -44.34 -27.16
C VAL A 628 -21.40 -45.60 -26.46
N LEU A 629 -20.90 -45.47 -25.23
CA LEU A 629 -20.30 -46.61 -24.54
C LEU A 629 -21.33 -47.58 -23.96
N THR A 630 -22.51 -47.11 -23.58
CA THR A 630 -23.46 -47.94 -22.85
C THR A 630 -24.67 -48.35 -23.68
N GLY A 631 -25.41 -47.37 -24.22
CA GLY A 631 -26.58 -47.64 -25.03
C GLY A 631 -27.87 -47.06 -24.50
N THR A 632 -27.93 -46.74 -23.21
CA THR A 632 -29.13 -46.12 -22.66
C THR A 632 -29.34 -44.75 -23.30
N GLU A 633 -30.61 -44.36 -23.45
CA GLU A 633 -30.92 -43.19 -24.27
C GLU A 633 -30.58 -41.89 -23.55
N LYS A 634 -31.32 -41.56 -22.50
CA LYS A 634 -30.86 -40.48 -21.62
C LYS A 634 -30.78 -40.97 -20.18
N LYS A 635 -31.85 -41.60 -19.69
CA LYS A 635 -31.96 -42.17 -18.35
C LYS A 635 -31.43 -41.24 -17.25
N THR A 636 -31.41 -39.93 -17.49
CA THR A 636 -30.82 -39.00 -16.53
C THR A 636 -31.13 -37.57 -16.94
N GLY A 637 -31.43 -36.74 -15.95
CA GLY A 637 -31.40 -35.30 -16.14
C GLY A 637 -30.53 -34.68 -15.07
N VAL A 638 -29.93 -33.53 -15.39
CA VAL A 638 -29.00 -32.85 -14.50
C VAL A 638 -29.40 -31.39 -14.39
N TYR A 639 -29.51 -30.90 -13.15
CA TYR A 639 -29.80 -29.51 -12.87
C TYR A 639 -28.65 -28.90 -12.09
N MET A 640 -28.49 -27.58 -12.20
CA MET A 640 -27.49 -26.83 -11.46
C MET A 640 -28.18 -25.92 -10.46
N GLN A 641 -27.72 -25.93 -9.22
CA GLN A 641 -28.26 -25.08 -8.16
C GLN A 641 -27.10 -24.49 -7.36
N GLN A 642 -27.11 -23.18 -7.22
CA GLN A 642 -26.08 -22.50 -6.45
C GLN A 642 -26.28 -22.73 -4.95
N MET A 643 -25.20 -22.56 -4.21
CA MET A 643 -25.27 -22.67 -2.76
C MET A 643 -25.87 -21.40 -2.18
N PRO A 644 -26.94 -21.49 -1.40
CA PRO A 644 -27.51 -20.26 -0.81
C PRO A 644 -26.53 -19.62 0.17
N TYR A 645 -26.61 -18.29 0.25
CA TYR A 645 -25.67 -17.57 1.08
C TYR A 645 -26.41 -16.80 2.18
N PRO A 646 -25.90 -16.84 3.41
CA PRO A 646 -26.63 -16.32 4.60
C PRO A 646 -26.40 -14.86 5.00
N CYS A 647 -26.97 -13.95 4.21
CA CYS A 647 -27.14 -12.54 4.60
C CYS A 647 -25.83 -11.92 5.07
N TYR A 648 -24.91 -11.77 4.13
CA TYR A 648 -23.62 -11.16 4.43
C TYR A 648 -23.78 -9.63 4.53
N VAL A 649 -22.64 -8.95 4.63
CA VAL A 649 -22.61 -7.49 4.53
C VAL A 649 -21.27 -7.11 3.91
N ASP A 650 -21.30 -6.12 3.00
CA ASP A 650 -20.07 -5.69 2.33
C ASP A 650 -19.44 -4.56 3.13
N ASP A 651 -18.51 -4.91 4.02
CA ASP A 651 -17.72 -3.96 4.78
C ASP A 651 -16.24 -4.12 4.47
N ILE A 652 -15.93 -4.22 3.17
CA ILE A 652 -14.56 -4.50 2.74
C ILE A 652 -13.61 -3.40 3.20
N PHE A 653 -14.07 -2.15 3.16
CA PHE A 653 -13.21 -1.04 3.57
C PHE A 653 -12.83 -1.16 5.05
N LEU A 654 -13.80 -1.49 5.91
CA LEU A 654 -13.50 -1.61 7.33
C LEU A 654 -12.48 -2.71 7.58
N ARG A 655 -12.66 -3.86 6.94
CA ARG A 655 -11.73 -4.97 7.12
C ARG A 655 -10.34 -4.60 6.62
N VAL A 656 -10.26 -4.03 5.42
CA VAL A 656 -8.96 -3.73 4.83
C VAL A 656 -8.23 -2.66 5.62
N MET A 657 -8.96 -1.69 6.19
CA MET A 657 -8.29 -0.66 6.98
C MET A 657 -7.88 -1.20 8.34
N SER A 658 -8.70 -2.07 8.94
CA SER A 658 -8.35 -2.62 10.25
C SER A 658 -7.25 -3.67 10.13
N ARG A 659 -7.02 -4.19 8.93
CA ARG A 659 -5.82 -5.02 8.73
C ARG A 659 -4.57 -4.17 8.58
N SER A 660 -4.71 -2.87 8.31
CA SER A 660 -3.57 -1.99 8.12
C SER A 660 -3.79 -0.61 8.75
N MET A 661 -4.55 -0.53 9.85
CA MET A 661 -4.67 0.75 10.54
C MET A 661 -3.34 1.30 11.04
N PRO A 662 -2.40 0.50 11.57
CA PRO A 662 -1.16 1.09 12.10
C PRO A 662 -0.43 2.01 11.14
N LEU A 663 -0.44 1.75 9.84
CA LEU A 663 0.29 2.61 8.90
C LEU A 663 -0.19 4.06 8.98
N PHE A 664 -1.46 4.30 8.61
CA PHE A 664 -1.97 5.66 8.58
C PHE A 664 -2.34 6.17 9.96
N MET A 665 -2.32 5.33 10.99
CA MET A 665 -2.49 5.86 12.35
C MET A 665 -1.15 6.35 12.90
N THR A 666 -0.07 5.65 12.56
CA THR A 666 1.25 5.95 13.08
C THR A 666 2.08 6.82 12.16
N LEU A 667 1.53 7.28 11.03
CA LEU A 667 2.22 8.35 10.31
C LEU A 667 2.44 9.57 11.22
N ALA A 668 1.41 9.96 11.96
CA ALA A 668 1.55 11.05 12.91
C ALA A 668 2.55 10.70 14.00
N TRP A 669 2.55 9.45 14.47
CA TRP A 669 3.52 9.03 15.46
C TRP A 669 4.93 8.98 14.88
N ILE A 670 5.06 8.79 13.57
CA ILE A 670 6.36 8.91 12.91
C ILE A 670 6.86 10.34 13.02
N TYR A 671 5.99 11.30 12.72
CA TYR A 671 6.39 12.69 12.91
C TYR A 671 6.76 12.95 14.36
N SER A 672 5.96 12.41 15.30
CA SER A 672 6.22 12.66 16.72
C SER A 672 7.54 12.05 17.17
N VAL A 673 7.82 10.82 16.76
CA VAL A 673 9.06 10.17 17.16
C VAL A 673 10.25 10.87 16.53
N ALA A 674 10.11 11.38 15.30
CA ALA A 674 11.17 12.18 14.72
C ALA A 674 11.42 13.44 15.56
N VAL A 675 10.35 14.10 15.99
CA VAL A 675 10.52 15.31 16.81
C VAL A 675 11.20 14.97 18.14
N ILE A 676 10.79 13.87 18.77
CA ILE A 676 11.36 13.51 20.07
C ILE A 676 12.83 13.16 19.93
N ILE A 677 13.18 12.38 18.92
CA ILE A 677 14.58 12.01 18.71
C ILE A 677 15.40 13.25 18.38
N LYS A 678 14.82 14.19 17.63
CA LYS A 678 15.52 15.43 17.32
C LYS A 678 15.79 16.22 18.59
N GLY A 679 14.80 16.31 19.48
CA GLY A 679 15.02 17.02 20.73
C GLY A 679 16.08 16.36 21.60
N ILE A 680 16.05 15.03 21.69
CA ILE A 680 17.04 14.34 22.51
C ILE A 680 18.44 14.53 21.97
N VAL A 681 18.63 14.36 20.66
CA VAL A 681 19.96 14.55 20.10
C VAL A 681 20.37 16.02 20.15
N TYR A 682 19.41 16.95 20.09
CA TYR A 682 19.75 18.36 20.21
C TYR A 682 20.28 18.68 21.60
N GLU A 683 19.62 18.18 22.64
CA GLU A 683 20.15 18.42 23.98
C GLU A 683 21.43 17.62 24.22
N LYS A 684 21.66 16.55 23.46
CA LYS A 684 22.92 15.82 23.58
C LYS A 684 24.05 16.55 22.85
N GLU A 685 23.72 17.36 21.84
CA GLU A 685 24.76 18.04 21.07
C GLU A 685 25.60 18.97 21.92
N ALA A 686 24.98 19.99 22.50
CA ALA A 686 25.70 20.94 23.33
C ALA A 686 26.00 20.39 24.72
N ARG A 687 25.86 19.08 24.90
CA ARG A 687 26.26 18.39 26.13
C ARG A 687 25.45 18.88 27.32
N LEU A 688 24.17 19.15 27.10
CA LEU A 688 23.28 19.49 28.20
C LEU A 688 23.11 18.35 29.19
N LYS A 689 23.05 17.11 28.71
CA LYS A 689 22.85 15.97 29.60
C LYS A 689 24.01 15.82 30.57
N GLU A 690 25.25 15.90 30.08
CA GLU A 690 26.40 15.73 30.96
C GLU A 690 26.49 16.85 31.99
N THR A 691 26.28 18.10 31.56
CA THR A 691 26.31 19.21 32.50
C THR A 691 25.20 19.10 33.53
N MET A 692 24.02 18.65 33.11
CA MET A 692 22.93 18.40 34.05
C MET A 692 23.33 17.34 35.06
N ARG A 693 24.02 16.28 34.60
CA ARG A 693 24.51 15.26 35.52
C ARG A 693 25.57 15.80 36.47
N ILE A 694 26.31 16.84 36.04
CA ILE A 694 27.32 17.43 36.92
C ILE A 694 26.69 18.03 38.16
N MET A 695 25.56 18.71 37.99
CA MET A 695 24.94 19.49 39.07
C MET A 695 24.27 18.63 40.12
N GLY A 696 24.46 17.32 40.10
CA GLY A 696 23.94 16.45 41.13
C GLY A 696 22.68 15.69 40.79
N LEU A 697 22.43 15.41 39.52
CA LEU A 697 21.26 14.65 39.12
C LEU A 697 21.71 13.44 38.29
N ASP A 698 21.03 12.32 38.49
CA ASP A 698 21.34 11.09 37.81
C ASP A 698 20.59 11.00 36.48
N ASN A 699 21.09 10.15 35.58
CA ASN A 699 20.47 10.00 34.28
C ASN A 699 19.06 9.45 34.36
N SER A 700 18.74 8.72 35.44
CA SER A 700 17.43 8.09 35.54
C SER A 700 16.33 9.14 35.59
N ILE A 701 16.51 10.20 36.37
CA ILE A 701 15.48 11.22 36.49
C ILE A 701 15.32 11.96 35.16
N LEU A 702 16.41 12.17 34.43
CA LEU A 702 16.32 12.81 33.12
C LEU A 702 15.55 11.94 32.13
N TRP A 703 15.84 10.63 32.13
CA TRP A 703 15.12 9.72 31.25
C TRP A 703 13.64 9.68 31.60
N PHE A 704 13.31 9.66 32.89
CA PHE A 704 11.91 9.65 33.30
C PHE A 704 11.21 10.94 32.90
N SER A 705 11.90 12.08 33.04
CA SER A 705 11.31 13.35 32.64
C SER A 705 11.05 13.40 31.15
N TRP A 706 12.01 12.93 30.34
CA TRP A 706 11.79 12.85 28.90
C TRP A 706 10.62 11.93 28.58
N PHE A 707 10.54 10.79 29.28
CA PHE A 707 9.43 9.86 29.13
C PHE A 707 8.09 10.56 29.34
N ILE A 708 7.95 11.26 30.46
CA ILE A 708 6.67 11.91 30.75
C ILE A 708 6.37 13.02 29.75
N SER A 709 7.36 13.89 29.50
CA SER A 709 7.15 15.06 28.67
C SER A 709 6.88 14.71 27.23
N SER A 710 7.36 13.56 26.75
CA SER A 710 7.06 13.14 25.39
C SER A 710 5.88 12.17 25.32
N LEU A 711 5.51 11.53 26.43
CA LEU A 711 4.32 10.68 26.44
C LEU A 711 3.04 11.50 26.51
N ILE A 712 3.07 12.66 27.18
CA ILE A 712 1.87 13.48 27.30
C ILE A 712 1.30 13.87 25.94
N PRO A 713 2.07 14.42 25.00
CA PRO A 713 1.50 14.68 23.66
C PRO A 713 1.02 13.41 22.96
N LEU A 714 1.73 12.30 23.13
CA LEU A 714 1.26 11.03 22.58
C LEU A 714 -0.06 10.62 23.22
N LEU A 715 -0.19 10.84 24.53
CA LEU A 715 -1.42 10.49 25.22
C LEU A 715 -2.60 11.32 24.70
N VAL A 716 -2.40 12.62 24.51
CA VAL A 716 -3.50 13.45 24.02
C VAL A 716 -3.83 13.11 22.57
N SER A 717 -2.82 12.77 21.77
CA SER A 717 -3.08 12.34 20.40
C SER A 717 -3.89 11.04 20.38
N ALA A 718 -3.54 10.09 21.27
CA ALA A 718 -4.29 8.85 21.36
C ALA A 718 -5.72 9.10 21.81
N GLY A 719 -5.91 10.04 22.74
CA GLY A 719 -7.26 10.40 23.15
C GLY A 719 -8.08 10.97 22.01
N LEU A 720 -7.48 11.84 21.20
CA LEU A 720 -8.17 12.36 20.03
C LEU A 720 -8.50 11.24 19.05
N LEU A 721 -7.57 10.29 18.88
CA LEU A 721 -7.83 9.17 17.99
C LEU A 721 -9.00 8.32 18.48
N VAL A 722 -9.06 8.07 19.79
CA VAL A 722 -10.17 7.30 20.35
C VAL A 722 -11.48 8.05 20.17
N VAL A 723 -11.46 9.37 20.36
CA VAL A 723 -12.67 10.16 20.15
C VAL A 723 -13.13 10.08 18.71
N ILE A 724 -12.20 10.19 17.76
CA ILE A 724 -12.58 10.15 16.35
C ILE A 724 -12.95 8.74 15.90
N LEU A 725 -12.54 7.71 16.63
CA LEU A 725 -12.95 6.35 16.29
C LEU A 725 -14.32 5.99 16.84
N LYS A 726 -14.54 6.24 18.14
CA LYS A 726 -15.82 5.87 18.75
C LYS A 726 -16.96 6.72 18.18
N LEU A 727 -16.78 8.04 18.14
CA LEU A 727 -17.83 8.93 17.64
C LEU A 727 -17.81 9.06 16.12
N GLY A 728 -16.78 8.55 15.45
CA GLY A 728 -16.69 8.64 14.01
C GLY A 728 -17.38 7.54 13.25
N ASN A 729 -18.06 6.63 13.94
CA ASN A 729 -18.73 5.48 13.31
C ASN A 729 -17.75 4.69 12.45
N LEU A 730 -16.61 4.36 13.05
CA LEU A 730 -15.53 3.67 12.35
C LEU A 730 -15.22 2.30 12.93
N LEU A 731 -15.05 2.20 14.24
CA LEU A 731 -14.78 0.93 14.92
C LEU A 731 -15.71 0.78 16.11
N PRO A 732 -17.01 0.55 15.87
CA PRO A 732 -17.93 0.31 16.99
C PRO A 732 -17.76 -1.07 17.59
N TYR A 733 -18.66 -1.45 18.49
CA TYR A 733 -18.71 -2.74 19.15
C TYR A 733 -17.53 -2.97 20.10
N SER A 734 -16.68 -1.98 20.30
CA SER A 734 -15.57 -2.06 21.24
C SER A 734 -15.58 -0.81 22.11
N ASP A 735 -15.36 -1.01 23.41
CA ASP A 735 -15.41 0.11 24.34
C ASP A 735 -14.24 1.07 24.09
N PRO A 736 -14.47 2.37 24.27
CA PRO A 736 -13.35 3.32 24.13
C PRO A 736 -12.23 3.08 25.13
N SER A 737 -12.55 2.52 26.29
CA SER A 737 -11.53 2.31 27.32
C SER A 737 -10.44 1.35 26.84
N VAL A 738 -10.83 0.24 26.21
CA VAL A 738 -9.83 -0.76 25.82
C VAL A 738 -8.95 -0.24 24.70
N VAL A 739 -9.52 0.46 23.72
CA VAL A 739 -8.70 1.00 22.63
C VAL A 739 -7.79 2.10 23.15
N PHE A 740 -8.29 2.92 24.09
CA PHE A 740 -7.44 3.93 24.70
C PHE A 740 -6.27 3.31 25.46
N VAL A 741 -6.53 2.25 26.21
CA VAL A 741 -5.46 1.56 26.95
C VAL A 741 -4.46 0.96 25.98
N PHE A 742 -4.93 0.33 24.90
CA PHE A 742 -4.02 -0.25 23.93
C PHE A 742 -3.18 0.81 23.25
N LEU A 743 -3.79 1.96 22.91
CA LEU A 743 -3.03 3.03 22.30
C LEU A 743 -1.99 3.59 23.26
N SER A 744 -2.33 3.72 24.54
CA SER A 744 -1.37 4.18 25.53
C SER A 744 -0.20 3.20 25.66
N VAL A 745 -0.50 1.89 25.66
CA VAL A 745 0.56 0.89 25.74
C VAL A 745 1.47 0.97 24.53
N PHE A 746 0.88 1.12 23.33
CA PHE A 746 1.68 1.25 22.13
C PHE A 746 2.52 2.52 22.17
N ALA A 747 1.97 3.60 22.71
CA ALA A 747 2.74 4.84 22.86
C ALA A 747 3.93 4.64 23.79
N VAL A 748 3.73 3.92 24.89
CA VAL A 748 4.84 3.66 25.80
C VAL A 748 5.91 2.83 25.11
N VAL A 749 5.49 1.79 24.37
CA VAL A 749 6.47 0.94 23.70
C VAL A 749 7.24 1.72 22.64
N THR A 750 6.54 2.56 21.88
CA THR A 750 7.23 3.30 20.81
C THR A 750 8.11 4.42 21.38
N ILE A 751 7.74 5.01 22.52
CA ILE A 751 8.63 6.01 23.12
C ILE A 751 9.87 5.34 23.66
N LEU A 752 9.74 4.12 24.21
CA LEU A 752 10.93 3.40 24.63
C LEU A 752 11.79 3.00 23.43
N GLN A 753 11.17 2.65 22.31
CA GLN A 753 11.93 2.40 21.09
C GLN A 753 12.66 3.65 20.62
N CYS A 754 12.00 4.81 20.75
CA CYS A 754 12.65 6.08 20.42
C CYS A 754 13.86 6.32 21.30
N PHE A 755 13.73 6.07 22.61
CA PHE A 755 14.86 6.22 23.51
C PHE A 755 15.99 5.27 23.16
N LEU A 756 15.63 4.05 22.73
CA LEU A 756 16.65 3.09 22.29
C LEU A 756 17.40 3.62 21.07
N ILE A 757 16.66 4.04 20.04
CA ILE A 757 17.29 4.41 18.77
C ILE A 757 17.92 5.79 18.81
N SER A 758 17.64 6.60 19.83
CA SER A 758 18.21 7.94 19.87
C SER A 758 19.69 7.93 20.27
N THR A 759 20.07 7.11 21.25
CA THR A 759 21.42 7.17 21.79
C THR A 759 22.48 6.67 20.82
N LEU A 760 22.10 6.07 19.70
CA LEU A 760 23.06 5.58 18.71
C LEU A 760 23.48 6.65 17.71
N PHE A 761 22.94 7.85 17.80
CA PHE A 761 23.18 8.90 16.82
C PHE A 761 23.87 10.08 17.49
N SER A 762 24.65 10.82 16.68
CA SER A 762 25.45 11.93 17.20
C SER A 762 25.25 13.21 16.40
N ARG A 763 24.25 13.28 15.53
CA ARG A 763 23.95 14.49 14.80
C ARG A 763 22.45 14.77 14.88
N ALA A 764 22.12 16.07 14.93
CA ALA A 764 20.74 16.47 15.20
C ALA A 764 19.84 16.20 14.01
N ASN A 765 20.10 16.88 12.89
CA ASN A 765 19.24 16.72 11.72
C ASN A 765 19.39 15.34 11.10
N LEU A 766 20.57 14.72 11.22
CA LEU A 766 20.73 13.34 10.76
C LEU A 766 19.77 12.42 11.49
N ALA A 767 19.71 12.54 12.83
CA ALA A 767 18.78 11.73 13.60
C ALA A 767 17.33 12.06 13.26
N ALA A 768 17.03 13.35 13.11
CA ALA A 768 15.66 13.75 12.79
C ALA A 768 15.20 13.15 11.48
N ALA A 769 16.05 13.16 10.46
CA ALA A 769 15.72 12.58 9.16
C ALA A 769 15.70 11.06 9.19
N CYS A 770 16.62 10.43 9.91
CA CYS A 770 16.75 8.98 9.88
C CYS A 770 15.77 8.27 10.80
N GLY A 771 15.12 8.99 11.72
CA GLY A 771 14.14 8.34 12.58
C GLY A 771 12.99 7.72 11.80
N GLY A 772 12.47 8.43 10.80
CA GLY A 772 11.40 7.89 9.99
C GLY A 772 11.81 6.65 9.22
N ILE A 773 13.01 6.67 8.64
CA ILE A 773 13.51 5.51 7.90
C ILE A 773 13.72 4.34 8.84
N ILE A 774 14.23 4.59 10.04
CA ILE A 774 14.42 3.52 11.02
C ILE A 774 13.07 2.91 11.40
N TYR A 775 12.05 3.76 11.61
CA TYR A 775 10.75 3.22 11.96
C TYR A 775 10.12 2.45 10.81
N PHE A 776 10.31 2.91 9.57
CA PHE A 776 9.86 2.13 8.42
C PHE A 776 10.52 0.76 8.39
N THR A 777 11.85 0.72 8.58
CA THR A 777 12.55 -0.56 8.60
C THR A 777 12.07 -1.44 9.73
N LEU A 778 11.68 -0.82 10.85
CA LEU A 778 11.21 -1.59 12.00
C LEU A 778 9.79 -2.12 11.76
N TYR A 779 8.98 -1.40 10.98
CA TYR A 779 7.59 -1.75 10.75
C TYR A 779 7.38 -2.72 9.59
N LEU A 780 8.19 -2.63 8.54
CA LEU A 780 7.97 -3.47 7.35
C LEU A 780 7.87 -4.97 7.65
N PRO A 781 8.64 -5.56 8.56
CA PRO A 781 8.48 -6.99 8.82
C PRO A 781 7.07 -7.40 9.20
N TYR A 782 6.28 -6.52 9.82
CA TYR A 782 4.88 -6.84 10.07
C TYR A 782 4.12 -7.04 8.77
N VAL A 783 4.34 -6.16 7.79
CA VAL A 783 3.70 -6.31 6.49
C VAL A 783 4.20 -7.58 5.80
N LEU A 784 5.48 -7.90 5.99
CA LEU A 784 6.02 -9.13 5.41
C LEU A 784 5.38 -10.38 6.03
N CYS A 785 5.13 -10.36 7.34
CA CYS A 785 4.64 -11.53 8.05
C CYS A 785 3.12 -11.63 8.07
N VAL A 786 2.40 -10.59 7.67
CA VAL A 786 0.94 -10.66 7.70
C VAL A 786 0.41 -11.72 6.73
N ALA A 787 1.15 -12.01 5.66
CA ALA A 787 0.69 -12.95 4.65
C ALA A 787 1.27 -14.35 4.79
N TRP A 788 2.49 -14.47 5.33
CA TRP A 788 3.14 -15.77 5.39
C TRP A 788 2.42 -16.71 6.35
N GLN A 789 1.94 -16.19 7.49
CA GLN A 789 1.21 -16.95 8.52
C GLN A 789 1.91 -18.26 8.88
N ASP A 790 3.21 -18.33 8.68
CA ASP A 790 4.01 -19.51 8.98
C ASP A 790 4.53 -19.51 10.40
N TYR A 791 4.19 -18.51 11.20
CA TYR A 791 4.74 -18.31 12.53
C TYR A 791 3.67 -18.43 13.61
N VAL A 792 2.83 -19.46 13.50
CA VAL A 792 1.74 -19.64 14.45
C VAL A 792 2.28 -19.97 15.84
N GLY A 793 3.37 -20.74 15.91
CA GLY A 793 3.91 -21.21 17.17
C GLY A 793 4.60 -20.14 17.98
N PHE A 794 5.45 -20.56 18.91
CA PHE A 794 6.14 -19.64 19.80
C PHE A 794 7.19 -18.79 19.09
N THR A 795 7.52 -19.10 17.84
CA THR A 795 8.37 -18.19 17.06
C THR A 795 7.69 -16.83 16.91
N LEU A 796 6.36 -16.81 16.95
CA LEU A 796 5.63 -15.56 16.91
C LEU A 796 6.02 -14.69 18.10
N LYS A 797 6.11 -15.29 19.28
CA LYS A 797 6.61 -14.57 20.45
C LYS A 797 8.07 -14.17 20.26
N ILE A 798 8.84 -14.98 19.52
CA ILE A 798 10.25 -14.66 19.30
C ILE A 798 10.39 -13.37 18.52
N PHE A 799 9.59 -13.20 17.47
CA PHE A 799 9.60 -11.94 16.73
C PHE A 799 8.71 -10.85 17.34
N ALA A 800 7.92 -11.18 18.36
CA ALA A 800 7.14 -10.17 19.07
C ALA A 800 7.91 -9.50 20.19
N SER A 801 8.71 -10.26 20.95
CA SER A 801 9.51 -9.67 22.02
C SER A 801 10.59 -8.76 21.45
N LEU A 802 11.24 -9.17 20.37
CA LEU A 802 12.33 -8.39 19.78
C LEU A 802 11.83 -7.17 19.03
N LEU A 803 10.64 -7.24 18.44
CA LEU A 803 10.17 -6.22 17.51
C LEU A 803 8.79 -5.74 17.94
N SER A 804 8.62 -4.41 18.00
CA SER A 804 7.44 -3.79 18.59
C SER A 804 6.21 -3.79 17.69
N PRO A 805 6.27 -3.24 16.46
CA PRO A 805 5.02 -3.02 15.71
C PRO A 805 4.24 -4.29 15.39
N VAL A 806 4.90 -5.46 15.37
CA VAL A 806 4.16 -6.69 15.07
C VAL A 806 3.14 -6.97 16.16
N ALA A 807 3.49 -6.75 17.42
CA ALA A 807 2.55 -7.01 18.51
C ALA A 807 1.34 -6.08 18.42
N PHE A 808 1.57 -4.81 18.09
CA PHE A 808 0.46 -3.88 17.94
C PHE A 808 -0.41 -4.25 16.75
N GLY A 809 0.22 -4.65 15.64
CA GLY A 809 -0.56 -5.11 14.49
C GLY A 809 -1.37 -6.34 14.81
N PHE A 810 -0.86 -7.19 15.70
CA PHE A 810 -1.57 -8.41 16.07
C PHE A 810 -2.76 -8.09 16.97
N GLY A 811 -2.57 -7.16 17.91
CA GLY A 811 -3.71 -6.64 18.65
C GLY A 811 -4.74 -5.99 17.75
N CYS A 812 -4.28 -5.30 16.71
CA CYS A 812 -5.19 -4.75 15.72
C CYS A 812 -5.93 -5.84 14.96
N GLU A 813 -5.25 -6.95 14.67
CA GLU A 813 -5.91 -8.08 14.03
C GLU A 813 -6.99 -8.65 14.92
N TYR A 814 -6.72 -8.77 16.22
CA TYR A 814 -7.74 -9.22 17.16
C TYR A 814 -8.91 -8.25 17.21
N PHE A 815 -8.61 -6.94 17.18
CA PHE A 815 -9.69 -5.94 17.16
C PHE A 815 -10.54 -6.07 15.91
N ALA A 816 -9.89 -6.30 14.76
CA ALA A 816 -10.65 -6.51 13.52
C ALA A 816 -11.51 -7.75 13.60
N LEU A 817 -10.98 -8.84 14.17
CA LEU A 817 -11.74 -10.08 14.27
C LEU A 817 -12.97 -9.91 15.15
N PHE A 818 -12.79 -9.27 16.31
CA PHE A 818 -13.89 -9.06 17.25
C PHE A 818 -14.65 -7.76 16.98
N GLU A 819 -14.38 -7.11 15.84
CA GLU A 819 -15.05 -5.85 15.55
C GLU A 819 -16.51 -6.06 15.18
N GLU A 820 -16.80 -7.04 14.34
CA GLU A 820 -18.17 -7.28 13.89
C GLU A 820 -19.02 -8.01 14.91
N GLN A 821 -18.47 -8.97 15.63
CA GLN A 821 -19.21 -9.78 16.60
C GLN A 821 -19.07 -9.12 17.98
N GLY A 822 -19.73 -7.99 18.15
CA GLY A 822 -19.68 -7.27 19.41
C GLY A 822 -21.05 -6.92 19.96
N PHE A 840 -1.87 -14.91 20.99
CA PHE A 840 -3.04 -14.92 20.11
C PHE A 840 -4.05 -13.86 20.53
N ASN A 841 -4.45 -13.90 21.79
CA ASN A 841 -5.44 -12.97 22.33
C ASN A 841 -4.78 -11.61 22.56
N LEU A 842 -5.61 -10.62 22.93
CA LEU A 842 -5.09 -9.29 23.21
C LEU A 842 -4.18 -9.27 24.43
N THR A 843 -4.43 -10.17 25.39
CA THR A 843 -3.56 -10.25 26.56
C THR A 843 -2.14 -10.66 26.15
N THR A 844 -2.02 -11.59 25.21
CA THR A 844 -0.71 -11.98 24.71
C THR A 844 -0.02 -10.79 24.04
N SER A 845 -0.76 -10.01 23.26
CA SER A 845 -0.18 -8.83 22.63
C SER A 845 0.30 -7.81 23.65
N VAL A 846 -0.49 -7.59 24.70
CA VAL A 846 -0.10 -6.65 25.75
C VAL A 846 1.15 -7.13 26.47
N SER A 847 1.21 -8.43 26.79
CA SER A 847 2.38 -8.99 27.46
C SER A 847 3.62 -8.88 26.57
N MET A 848 3.47 -9.17 25.27
CA MET A 848 4.59 -9.03 24.35
C MET A 848 5.05 -7.58 24.26
N MET A 849 4.12 -6.64 24.22
CA MET A 849 4.49 -5.23 24.19
C MET A 849 5.24 -4.81 25.45
N LEU A 850 4.78 -5.28 26.62
CA LEU A 850 5.47 -4.95 27.87
C LEU A 850 6.87 -5.54 27.90
N PHE A 851 7.01 -6.80 27.47
CA PHE A 851 8.32 -7.43 27.43
C PHE A 851 9.26 -6.70 26.45
N ASP A 852 8.73 -6.31 25.29
CA ASP A 852 9.53 -5.56 24.33
C ASP A 852 9.96 -4.22 24.90
N THR A 853 9.06 -3.55 25.62
CA THR A 853 9.41 -2.28 26.25
C THR A 853 10.50 -2.46 27.29
N PHE A 854 10.40 -3.50 28.11
CA PHE A 854 11.44 -3.75 29.10
C PHE A 854 12.79 -4.05 28.44
N LEU A 855 12.77 -4.88 27.38
CA LEU A 855 14.00 -5.17 26.67
C LEU A 855 14.58 -3.93 26.03
N TYR A 856 13.73 -3.06 25.47
CA TYR A 856 14.21 -1.82 24.88
C TYR A 856 14.84 -0.91 25.93
N GLY A 857 14.23 -0.83 27.11
CA GLY A 857 14.82 -0.05 28.18
C GLY A 857 16.17 -0.59 28.63
N VAL A 858 16.27 -1.92 28.75
CA VAL A 858 17.54 -2.53 29.13
C VAL A 858 18.60 -2.25 28.07
N MET A 859 18.22 -2.36 26.80
CA MET A 859 19.16 -2.09 25.71
C MET A 859 19.60 -0.64 25.70
N THR A 860 18.66 0.28 25.96
CA THR A 860 19.02 1.69 26.04
C THR A 860 19.99 1.96 27.19
N TRP A 861 19.75 1.35 28.35
CA TRP A 861 20.67 1.51 29.47
C TRP A 861 22.05 0.96 29.13
N TYR A 862 22.10 -0.21 28.49
CA TYR A 862 23.38 -0.80 28.11
C TYR A 862 24.11 0.08 27.10
N ILE A 863 23.40 0.63 26.12
CA ILE A 863 24.03 1.49 25.13
C ILE A 863 24.53 2.77 25.77
N GLU A 864 23.77 3.33 26.70
CA GLU A 864 24.23 4.53 27.40
C GLU A 864 25.47 4.25 28.23
N ALA A 865 25.52 3.10 28.90
CA ALA A 865 26.68 2.74 29.69
C ALA A 865 27.86 2.25 28.86
N VAL A 866 27.65 1.96 27.58
CA VAL A 866 28.71 1.45 26.71
C VAL A 866 29.01 2.40 25.57
N PHE A 867 28.54 3.64 25.63
CA PHE A 867 28.80 4.63 24.59
C PHE A 867 28.66 6.05 25.12
N ILE A 907 61.48 24.32 48.81
CA ILE A 907 62.14 25.18 47.84
C ILE A 907 61.10 25.93 47.01
N CYS A 908 60.26 25.16 46.31
CA CYS A 908 59.20 25.73 45.48
C CYS A 908 57.87 25.84 46.21
N MET A 909 57.82 25.52 47.49
CA MET A 909 56.58 25.52 48.26
C MET A 909 56.49 26.81 49.07
N GLU A 910 55.39 27.54 48.88
CA GLU A 910 55.18 28.77 49.63
C GLU A 910 54.71 28.46 51.05
N GLU A 911 54.99 29.40 51.96
CA GLU A 911 54.52 29.26 53.34
C GLU A 911 53.04 29.59 53.40
N GLU A 912 52.23 28.61 53.78
CA GLU A 912 50.79 28.78 53.79
C GLU A 912 50.36 29.59 55.00
N PRO A 913 49.71 30.74 54.82
CA PRO A 913 49.19 31.49 55.97
C PRO A 913 48.03 30.73 56.61
N THR A 914 48.19 30.38 57.89
CA THR A 914 47.16 29.66 58.61
C THR A 914 45.99 30.56 59.04
N HIS A 915 46.14 31.88 58.91
CA HIS A 915 45.07 32.79 59.29
C HIS A 915 43.83 32.58 58.43
N LEU A 916 44.02 32.41 57.12
CA LEU A 916 42.89 32.25 56.20
C LEU A 916 42.36 30.82 56.27
N LYS A 917 41.04 30.70 56.25
CA LYS A 917 40.40 29.40 56.42
C LYS A 917 40.67 28.50 55.23
N LEU A 918 40.83 27.20 55.51
CA LEU A 918 41.07 26.21 54.47
C LEU A 918 39.74 25.65 53.99
N GLY A 919 39.40 25.94 52.74
CA GLY A 919 38.13 25.51 52.19
C GLY A 919 38.17 24.14 51.54
N VAL A 920 39.22 23.87 50.77
CA VAL A 920 39.41 22.61 50.09
C VAL A 920 40.79 22.10 50.47
N SER A 921 40.85 21.07 51.30
CA SER A 921 42.12 20.49 51.76
C SER A 921 42.23 19.07 51.23
N ILE A 922 42.89 18.96 50.07
CA ILE A 922 43.09 17.65 49.46
C ILE A 922 44.39 17.06 49.96
N GLN A 923 44.30 15.93 50.66
CA GLN A 923 45.48 15.26 51.20
C GLN A 923 45.44 13.79 50.80
N ASN A 924 46.60 13.24 50.46
CA ASN A 924 46.76 11.82 50.13
C ASN A 924 45.80 11.41 49.00
N LEU A 925 45.99 12.05 47.84
CA LEU A 925 45.21 11.74 46.66
C LEU A 925 45.90 10.62 45.88
N VAL A 926 45.21 9.50 45.70
CA VAL A 926 45.75 8.34 45.02
C VAL A 926 44.94 8.13 43.74
N LYS A 927 45.63 8.06 42.60
CA LYS A 927 44.97 7.87 41.32
C LYS A 927 45.84 7.00 40.43
N VAL A 928 45.20 6.26 39.52
CA VAL A 928 45.91 5.41 38.58
C VAL A 928 45.51 5.77 37.15
N ASP A 938 48.01 9.30 40.29
CA ASP A 938 49.12 10.14 40.72
C ASP A 938 48.97 10.56 42.19
N GLY A 939 50.10 10.76 42.85
CA GLY A 939 50.09 11.16 44.25
C GLY A 939 50.47 12.61 44.46
N LEU A 940 49.50 13.42 44.87
CA LEU A 940 49.74 14.84 45.09
C LEU A 940 48.73 15.36 46.11
N ALA A 941 49.04 16.52 46.68
CA ALA A 941 48.18 17.17 47.66
C ALA A 941 48.29 18.67 47.51
N LEU A 942 47.19 19.36 47.78
CA LEU A 942 47.17 20.82 47.69
C LEU A 942 45.99 21.34 48.50
N ASN A 943 46.12 22.58 48.97
CA ASN A 943 45.13 23.22 49.83
C ASN A 943 44.70 24.55 49.22
N PHE A 944 43.46 24.94 49.47
CA PHE A 944 42.88 26.16 48.95
C PHE A 944 42.19 26.94 50.05
N TYR A 945 42.14 28.25 49.88
CA TYR A 945 41.63 29.16 50.90
C TYR A 945 40.21 29.58 50.59
N GLU A 946 39.55 30.15 51.61
CA GLU A 946 38.13 30.48 51.49
C GLU A 946 37.89 31.55 50.43
N GLY A 947 38.68 32.62 50.44
CA GLY A 947 38.45 33.72 49.53
C GLY A 947 39.55 33.93 48.51
N GLN A 948 40.46 32.96 48.40
CA GLN A 948 41.61 33.14 47.53
C GLN A 948 41.33 32.60 46.12
N ILE A 949 41.59 33.43 45.13
CA ILE A 949 41.50 33.02 43.73
C ILE A 949 42.63 32.05 43.43
N THR A 950 42.33 30.99 42.66
CA THR A 950 43.27 29.93 42.39
C THR A 950 43.25 29.58 40.90
N SER A 951 44.43 29.38 40.32
CA SER A 951 44.58 28.99 38.92
C SER A 951 45.31 27.66 38.85
N PHE A 952 44.87 26.78 37.95
CA PHE A 952 45.44 25.46 37.79
C PHE A 952 46.00 25.34 36.38
N LEU A 953 47.29 25.04 36.27
CA LEU A 953 48.00 25.04 35.00
C LEU A 953 48.65 23.69 34.74
N GLY A 954 48.88 23.40 33.46
CA GLY A 954 49.54 22.16 33.09
C GLY A 954 49.49 21.95 31.59
N HIS A 955 49.85 20.73 31.17
CA HIS A 955 50.04 20.39 29.76
C HIS A 955 48.89 19.62 29.13
N ASN A 956 47.77 19.43 29.83
CA ASN A 956 46.59 18.70 29.37
C ASN A 956 46.85 17.20 29.24
N GLY A 957 48.05 16.73 29.57
CA GLY A 957 48.36 15.31 29.48
C GLY A 957 48.62 14.66 30.82
N ALA A 958 49.12 15.44 31.78
CA ALA A 958 49.45 14.96 33.10
C ALA A 958 48.30 15.09 34.10
N GLY A 959 47.07 15.19 33.62
CA GLY A 959 45.92 15.26 34.49
C GLY A 959 44.98 16.41 34.18
N LYS A 960 44.48 17.06 35.22
CA LYS A 960 43.64 18.26 35.10
C LYS A 960 42.31 17.96 34.44
N THR A 961 42.13 16.74 34.00
CA THR A 961 40.84 16.20 33.62
C THR A 961 40.41 15.13 34.61
N THR A 962 41.36 14.45 35.23
CA THR A 962 41.05 13.63 36.40
C THR A 962 40.83 14.49 37.64
N THR A 963 41.58 15.58 37.79
CA THR A 963 41.49 16.39 39.01
C THR A 963 40.13 17.07 39.13
N MET A 964 39.71 17.77 38.07
CA MET A 964 38.40 18.43 38.11
C MET A 964 37.27 17.42 38.14
N SER A 965 37.46 16.27 37.49
CA SER A 965 36.47 15.20 37.58
C SER A 965 36.32 14.71 39.01
N ILE A 966 37.44 14.59 39.72
CA ILE A 966 37.40 14.23 41.14
C ILE A 966 36.68 15.32 41.94
N LEU A 967 36.97 16.58 41.64
CA LEU A 967 36.26 17.68 42.28
C LEU A 967 34.77 17.61 41.99
N THR A 968 34.41 17.19 40.78
CA THR A 968 33.01 17.00 40.41
C THR A 968 32.61 15.55 40.68
N GLY A 969 31.47 15.14 40.13
CA GLY A 969 30.97 13.79 40.27
C GLY A 969 31.23 12.86 39.10
N LEU A 970 32.15 13.22 38.20
CA LEU A 970 32.42 12.38 37.04
C LEU A 970 32.95 11.01 37.44
N PHE A 971 33.99 10.98 38.26
CA PHE A 971 34.56 9.70 38.65
C PHE A 971 35.25 9.81 39.99
N PRO A 972 34.81 9.05 41.01
CA PRO A 972 35.40 9.18 42.33
C PRO A 972 36.85 8.70 42.33
N PRO A 973 37.68 9.23 43.22
CA PRO A 973 39.07 8.77 43.29
C PRO A 973 39.16 7.37 43.85
N THR A 974 40.31 6.73 43.58
CA THR A 974 40.57 5.37 44.01
C THR A 974 41.42 5.40 45.28
N SER A 975 40.87 4.88 46.38
CA SER A 975 41.57 4.80 47.65
C SER A 975 42.09 6.17 48.09
N GLY A 976 41.25 7.20 47.93
CA GLY A 976 41.62 8.55 48.28
C GLY A 976 40.43 9.30 48.84
N THR A 977 40.67 10.56 49.20
CA THR A 977 39.64 11.42 49.77
C THR A 977 40.01 12.87 49.52
N ALA A 978 39.02 13.75 49.68
CA ALA A 978 39.19 15.18 49.47
C ALA A 978 38.28 15.92 50.44
N TYR A 979 38.88 16.57 51.43
CA TYR A 979 38.12 17.35 52.40
C TYR A 979 37.62 18.61 51.72
N ILE A 980 36.31 18.67 51.45
CA ILE A 980 35.67 19.83 50.85
C ILE A 980 34.83 20.48 51.94
N LEU A 981 35.24 21.66 52.39
CA LEU A 981 34.58 22.37 53.49
C LEU A 981 34.52 21.52 54.75
N GLY A 982 35.50 20.64 54.93
CA GLY A 982 35.50 19.72 56.05
C GLY A 982 34.59 18.53 55.87
N LYS A 983 33.97 18.38 54.70
CA LYS A 983 33.04 17.28 54.43
C LYS A 983 33.68 16.32 53.43
N ASP A 984 33.63 15.02 53.75
CA ASP A 984 34.20 14.01 52.88
C ASP A 984 33.25 13.71 51.72
N ILE A 985 33.81 13.62 50.51
CA ILE A 985 33.01 13.32 49.34
C ILE A 985 32.46 11.89 49.41
N ARG A 986 33.25 10.96 49.95
CA ARG A 986 32.80 9.58 50.07
C ARG A 986 31.77 9.44 51.20
N SER A 987 32.02 10.08 52.34
CA SER A 987 31.07 10.01 53.44
C SER A 987 29.79 10.78 53.12
N GLU A 988 29.91 11.93 52.47
CA GLU A 988 28.78 12.77 52.12
C GLU A 988 28.74 12.91 50.59
N MET A 989 27.76 12.26 49.97
CA MET A 989 27.58 12.33 48.52
C MET A 989 26.36 13.13 48.11
N SER A 990 25.66 13.77 49.05
CA SER A 990 24.47 14.56 48.74
C SER A 990 24.63 16.03 49.12
N THR A 991 25.06 16.33 50.35
CA THR A 991 25.14 17.70 50.83
C THR A 991 26.19 18.51 50.09
N ILE A 992 27.18 17.86 49.46
CA ILE A 992 28.28 18.60 48.86
C ILE A 992 27.94 19.07 47.45
N ARG A 993 26.96 18.44 46.80
CA ARG A 993 26.68 18.75 45.41
C ARG A 993 25.93 20.08 45.25
N GLN A 994 24.99 20.38 46.14
CA GLN A 994 24.16 21.56 45.96
C GLN A 994 24.90 22.86 46.22
N ASN A 995 26.10 22.81 46.80
CA ASN A 995 26.91 24.00 47.04
C ASN A 995 28.23 23.90 46.30
N LEU A 996 28.20 23.39 45.07
CA LEU A 996 29.40 23.21 44.25
C LEU A 996 29.11 23.79 42.87
N GLY A 997 29.60 25.01 42.62
CA GLY A 997 29.45 25.60 41.31
C GLY A 997 30.41 25.01 40.30
N VAL A 998 30.06 25.16 39.02
CA VAL A 998 30.85 24.60 37.94
C VAL A 998 30.42 25.27 36.64
N CYS A 999 31.35 25.33 35.68
CA CYS A 999 31.07 25.84 34.35
C CYS A 999 32.02 25.20 33.34
N PRO A 1000 31.54 24.32 32.49
CA PRO A 1000 32.43 23.64 31.54
C PRO A 1000 32.75 24.48 30.31
N GLN A 1001 33.47 23.89 29.35
CA GLN A 1001 33.81 24.59 28.12
C GLN A 1001 32.56 24.98 27.36
N HIS A 1002 31.79 23.98 26.93
CA HIS A 1002 30.56 24.22 26.18
C HIS A 1002 29.57 25.02 27.01
N ASN A 1003 29.01 26.06 26.40
CA ASN A 1003 28.06 26.91 27.10
C ASN A 1003 26.75 26.16 27.34
N VAL A 1004 26.21 26.34 28.53
CA VAL A 1004 24.93 25.75 28.91
C VAL A 1004 23.86 26.82 28.71
N LEU A 1005 23.23 26.80 27.54
CA LEU A 1005 22.23 27.80 27.19
C LEU A 1005 21.13 27.13 26.39
N PHE A 1006 19.97 26.94 27.03
CA PHE A 1006 18.81 26.41 26.34
C PHE A 1006 18.33 27.42 25.31
N ASP A 1007 18.45 27.07 24.03
CA ASP A 1007 18.06 27.98 22.97
C ASP A 1007 16.54 28.16 22.95
N MET A 1008 16.11 29.23 22.28
CA MET A 1008 14.71 29.66 22.25
C MET A 1008 14.19 30.01 23.64
N LEU A 1009 15.08 30.41 24.54
CA LEU A 1009 14.72 30.83 25.88
C LEU A 1009 15.48 32.10 26.23
N THR A 1010 14.92 32.89 27.14
CA THR A 1010 15.55 34.13 27.56
C THR A 1010 16.36 33.91 28.83
N VAL A 1011 16.99 34.99 29.31
CA VAL A 1011 17.91 34.89 30.43
C VAL A 1011 17.16 34.55 31.72
N GLU A 1012 15.95 35.10 31.88
CA GLU A 1012 15.23 34.96 33.15
C GLU A 1012 14.91 33.50 33.44
N GLU A 1013 14.44 32.77 32.44
CA GLU A 1013 14.14 31.35 32.68
C GLU A 1013 15.39 30.53 32.92
N HIS A 1014 16.49 30.83 32.25
CA HIS A 1014 17.75 30.13 32.55
C HIS A 1014 18.14 30.33 34.01
N ILE A 1015 18.18 31.58 34.46
CA ILE A 1015 18.66 31.83 35.83
C ILE A 1015 17.67 31.28 36.85
N TRP A 1016 16.37 31.40 36.58
CA TRP A 1016 15.36 30.85 37.48
C TRP A 1016 15.48 29.33 37.57
N PHE A 1017 15.64 28.66 36.43
CA PHE A 1017 15.77 27.21 36.41
C PHE A 1017 17.01 26.75 37.16
N TYR A 1018 18.13 27.44 36.96
CA TYR A 1018 19.34 27.03 37.67
C TYR A 1018 19.23 27.27 39.17
N ALA A 1019 18.63 28.39 39.57
CA ALA A 1019 18.42 28.65 40.99
C ALA A 1019 17.51 27.59 41.61
N ARG A 1020 16.46 27.20 40.90
CA ARG A 1020 15.59 26.13 41.39
C ARG A 1020 16.34 24.81 41.49
N LEU A 1021 17.15 24.50 40.49
CA LEU A 1021 17.87 23.23 40.50
C LEU A 1021 18.91 23.18 41.60
N LYS A 1022 19.42 24.34 42.03
CA LYS A 1022 20.37 24.34 43.14
C LYS A 1022 19.71 23.86 44.43
N GLY A 1023 18.41 24.05 44.56
CA GLY A 1023 17.65 23.52 45.67
C GLY A 1023 17.31 24.49 46.79
N LEU A 1024 16.86 25.70 46.48
CA LEU A 1024 16.51 26.66 47.52
C LEU A 1024 15.01 26.93 47.49
N SER A 1025 14.57 27.85 48.36
CA SER A 1025 13.16 28.20 48.46
C SER A 1025 12.79 29.17 47.33
N GLU A 1026 11.60 29.78 47.44
CA GLU A 1026 11.11 30.68 46.39
C GLU A 1026 11.64 32.10 46.59
N LYS A 1027 11.41 32.67 47.78
CA LYS A 1027 11.90 34.01 48.05
C LYS A 1027 13.42 34.08 48.00
N HIS A 1028 14.09 33.01 48.45
CA HIS A 1028 15.56 32.98 48.42
C HIS A 1028 16.08 33.05 46.99
N VAL A 1029 15.52 32.23 46.09
CA VAL A 1029 15.99 32.25 44.71
C VAL A 1029 15.61 33.55 44.02
N LYS A 1030 14.45 34.12 44.35
CA LYS A 1030 14.09 35.42 43.77
C LYS A 1030 15.08 36.50 44.20
N ALA A 1031 15.43 36.54 45.50
CA ALA A 1031 16.38 37.52 45.98
C ALA A 1031 17.76 37.32 45.36
N GLU A 1032 18.21 36.07 45.27
CA GLU A 1032 19.51 35.80 44.65
C GLU A 1032 19.50 36.18 43.18
N MET A 1033 18.40 35.91 42.48
CA MET A 1033 18.27 36.29 41.08
C MET A 1033 18.38 37.80 40.91
N GLU A 1034 17.63 38.55 41.72
CA GLU A 1034 17.69 40.00 41.62
C GLU A 1034 19.08 40.54 41.94
N GLN A 1035 19.68 40.03 43.01
CA GLN A 1035 21.00 40.51 43.41
C GLN A 1035 22.04 40.23 42.32
N MET A 1036 22.02 39.02 41.75
CA MET A 1036 22.96 38.69 40.69
C MET A 1036 22.71 39.54 39.45
N ALA A 1037 21.44 39.78 39.11
CA ALA A 1037 21.14 40.59 37.93
C ALA A 1037 21.58 42.03 38.12
N LEU A 1038 21.55 42.55 39.34
CA LEU A 1038 21.96 43.93 39.58
C LEU A 1038 23.42 44.17 39.22
N ASP A 1039 24.30 43.25 39.60
CA ASP A 1039 25.73 43.49 39.47
C ASP A 1039 26.39 42.71 38.34
N VAL A 1040 25.71 41.74 37.73
CA VAL A 1040 26.31 41.01 36.62
C VAL A 1040 26.42 41.90 35.39
N GLY A 1041 25.48 42.83 35.22
CA GLY A 1041 25.45 43.67 34.04
C GLY A 1041 24.45 43.17 33.01
N LEU A 1042 23.34 42.61 33.48
CA LEU A 1042 22.29 42.10 32.60
C LEU A 1042 20.95 42.78 32.86
N SER A 1044 20.97 43.94 33.54
CA SER A 1044 19.74 44.68 33.79
C SER A 1044 19.16 45.31 32.53
N SER A 1045 19.92 45.34 31.43
CA SER A 1045 19.41 45.90 30.18
C SER A 1045 18.64 44.85 29.38
N LYS A 1046 19.28 43.71 29.12
CA LYS A 1046 18.64 42.62 28.37
C LYS A 1046 17.89 41.71 29.35
N LEU A 1047 16.82 42.27 29.91
CA LEU A 1047 16.03 41.55 30.90
C LEU A 1047 15.34 40.34 30.31
N LYS A 1048 14.83 40.46 29.07
CA LYS A 1048 14.06 39.40 28.44
C LYS A 1048 14.55 39.13 27.03
N SER A 1049 15.83 39.38 26.78
CA SER A 1049 16.41 39.15 25.46
C SER A 1049 16.64 37.66 25.23
N LYS A 1050 16.56 37.25 23.97
CA LYS A 1050 16.79 35.85 23.62
C LYS A 1050 18.28 35.53 23.72
N THR A 1051 18.59 34.42 24.40
CA THR A 1051 20.00 34.05 24.59
C THR A 1051 20.67 33.72 23.27
N SER A 1052 19.92 33.18 22.30
CA SER A 1052 20.48 32.96 20.97
C SER A 1052 20.85 34.27 20.29
N GLN A 1053 20.22 35.37 20.67
CA GLN A 1053 20.54 36.68 20.10
C GLN A 1053 21.67 37.38 20.84
N LEU A 1054 22.14 36.83 21.96
CA LEU A 1054 23.23 37.44 22.71
C LEU A 1054 24.56 37.12 22.02
N SER A 1055 25.53 38.01 22.23
CA SER A 1055 26.86 37.83 21.68
C SER A 1055 27.59 36.70 22.41
N GLY A 1056 28.57 36.11 21.71
CA GLY A 1056 29.29 34.99 22.28
C GLY A 1056 29.98 35.34 23.58
N GLY A 1057 30.61 36.51 23.64
CA GLY A 1057 31.21 36.95 24.88
C GLY A 1057 30.21 37.14 25.99
N MET A 1058 29.06 37.74 25.66
CA MET A 1058 28.00 37.88 26.65
C MET A 1058 27.47 36.52 27.07
N GLN A 1059 27.43 35.56 26.13
CA GLN A 1059 27.02 34.21 26.47
C GLN A 1059 27.97 33.57 27.47
N ARG A 1060 29.28 33.73 27.25
CA ARG A 1060 30.26 33.21 28.21
C ARG A 1060 30.13 33.88 29.56
N LYS A 1061 29.93 35.20 29.57
CA LYS A 1061 29.74 35.91 30.83
C LYS A 1061 28.50 35.41 31.56
N LEU A 1062 27.42 35.18 30.82
CA LEU A 1062 26.19 34.68 31.43
C LEU A 1062 26.40 33.28 31.99
N SER A 1063 27.14 32.43 31.27
CA SER A 1063 27.40 31.08 31.76
C SER A 1063 28.21 31.12 33.05
N VAL A 1064 29.28 31.92 33.07
CA VAL A 1064 30.08 31.97 34.29
C VAL A 1064 29.30 32.62 35.42
N ALA A 1065 28.37 33.54 35.10
CA ALA A 1065 27.48 34.07 36.13
C ALA A 1065 26.57 32.98 36.69
N LEU A 1066 26.03 32.14 35.82
CA LEU A 1066 25.26 30.99 36.27
C LEU A 1066 26.09 30.09 37.18
N ALA A 1067 27.39 30.01 36.91
CA ALA A 1067 28.28 29.20 37.74
C ALA A 1067 28.35 29.69 39.18
N PHE A 1068 28.02 30.96 39.44
CA PHE A 1068 28.10 31.53 40.78
C PHE A 1068 26.75 31.75 41.45
N VAL A 1069 25.64 31.47 40.78
CA VAL A 1069 24.34 31.75 41.38
C VAL A 1069 24.11 30.79 42.54
N GLY A 1070 23.18 31.15 43.43
CA GLY A 1070 22.81 30.31 44.54
C GLY A 1070 23.74 30.33 45.73
N GLY A 1071 24.78 31.16 45.71
CA GLY A 1071 25.70 31.24 46.83
C GLY A 1071 26.49 29.97 47.08
N SER A 1072 27.03 29.36 46.04
CA SER A 1072 27.82 28.15 46.20
C SER A 1072 29.14 28.46 46.92
N LYS A 1073 29.45 27.67 47.95
CA LYS A 1073 30.66 27.92 48.72
C LYS A 1073 31.93 27.50 47.97
N VAL A 1074 31.81 26.59 47.00
CA VAL A 1074 32.94 26.18 46.19
C VAL A 1074 32.52 26.18 44.73
N VAL A 1075 33.39 26.70 43.86
CA VAL A 1075 33.13 26.78 42.43
C VAL A 1075 34.41 26.43 41.68
N ILE A 1076 34.26 25.66 40.61
CA ILE A 1076 35.39 25.22 39.79
C ILE A 1076 35.13 25.65 38.35
N LEU A 1077 36.08 26.38 37.77
CA LEU A 1077 36.03 26.77 36.38
C LEU A 1077 37.02 25.93 35.57
N ASP A 1078 36.88 25.96 34.25
CA ASP A 1078 37.72 25.14 33.40
C ASP A 1078 37.90 25.89 32.07
N GLU A 1079 39.03 26.59 31.94
CA GLU A 1079 39.34 27.57 30.89
C GLU A 1079 38.11 28.34 30.42
N PRO A 1080 37.51 29.16 31.27
CA PRO A 1080 36.46 30.07 30.80
C PRO A 1080 37.06 31.16 29.92
N THR A 1081 36.18 31.84 29.19
CA THR A 1081 36.56 32.98 28.35
C THR A 1081 37.59 32.59 27.29
N ALA A 1082 37.20 31.63 26.45
CA ALA A 1082 38.11 31.16 25.40
C ALA A 1082 37.87 31.88 24.08
N GLY A 1083 36.66 31.77 23.55
CA GLY A 1083 36.31 32.41 22.28
C GLY A 1083 35.59 33.72 22.49
N VAL A 1084 36.09 34.51 23.42
CA VAL A 1084 35.37 35.66 23.98
C VAL A 1084 35.97 36.96 23.45
N ASP A 1085 35.14 37.99 23.41
CA ASP A 1085 35.59 39.32 22.99
C ASP A 1085 36.62 39.86 23.98
N PRO A 1086 37.75 40.40 23.51
CA PRO A 1086 38.71 41.01 24.44
C PRO A 1086 38.13 42.09 25.33
N TYR A 1087 37.15 42.86 24.84
CA TYR A 1087 36.55 43.89 25.67
C TYR A 1087 35.84 43.29 26.88
N SER A 1088 35.13 42.17 26.68
CA SER A 1088 34.40 41.52 27.75
C SER A 1088 35.31 40.78 28.74
N ARG A 1089 36.60 40.65 28.42
CA ARG A 1089 37.53 40.02 29.36
C ARG A 1089 37.57 40.79 30.66
N ARG A 1090 37.62 42.12 30.58
CA ARG A 1090 37.69 42.94 31.79
C ARG A 1090 36.39 42.87 32.58
N GLY A 1091 35.25 42.78 31.90
CA GLY A 1091 33.99 42.63 32.60
C GLY A 1091 33.91 41.31 33.34
N ILE A 1092 34.33 40.23 32.70
CA ILE A 1092 34.33 38.92 33.36
C ILE A 1092 35.34 38.91 34.50
N TRP A 1093 36.47 39.59 34.33
CA TRP A 1093 37.43 39.72 35.41
C TRP A 1093 36.83 40.47 36.60
N GLU A 1094 36.07 41.53 36.31
CA GLU A 1094 35.40 42.29 37.35
C GLU A 1094 34.41 41.41 38.10
N LEU A 1095 33.64 40.61 37.36
CA LEU A 1095 32.71 39.68 38.01
C LEU A 1095 33.45 38.70 38.91
N LEU A 1096 34.57 38.14 38.41
CA LEU A 1096 35.32 37.17 39.20
C LEU A 1096 35.89 37.79 40.46
N LEU A 1097 36.44 39.01 40.35
CA LEU A 1097 37.04 39.65 41.53
C LEU A 1097 35.97 40.13 42.50
N LYS A 1098 34.78 40.43 42.00
CA LYS A 1098 33.66 40.78 42.87
C LYS A 1098 33.10 39.58 43.60
N TYR A 1099 33.09 38.40 42.98
CA TYR A 1099 32.54 37.20 43.60
C TYR A 1099 33.62 36.33 44.24
N ARG A 1100 34.67 36.96 44.77
CA ARG A 1100 35.78 36.25 45.38
C ARG A 1100 35.78 36.32 46.90
N GLN A 1101 34.71 36.84 47.50
CA GLN A 1101 34.62 36.99 48.95
C GLN A 1101 34.18 35.67 49.56
N GLY A 1102 35.15 34.85 49.94
CA GLY A 1102 34.87 33.57 50.56
C GLY A 1102 34.12 32.60 49.67
N ARG A 1103 34.71 32.24 48.54
CA ARG A 1103 34.04 31.38 47.56
C ARG A 1103 34.92 30.27 47.00
N THR A 1104 36.23 30.31 47.20
CA THR A 1104 37.17 29.28 46.75
C THR A 1104 37.05 29.04 45.24
N ILE A 1105 37.28 30.10 44.47
CA ILE A 1105 37.15 30.01 43.02
C ILE A 1105 38.34 29.23 42.48
N ILE A 1106 38.07 28.30 41.56
CA ILE A 1106 39.10 27.47 40.95
C ILE A 1106 39.12 27.75 39.45
N LEU A 1107 40.30 28.03 38.92
CA LEU A 1107 40.51 28.21 37.48
C LEU A 1107 41.43 27.12 36.96
N SER A 1108 41.04 26.50 35.84
CA SER A 1108 41.88 25.56 35.11
C SER A 1108 41.87 26.00 33.65
N THR A 1109 42.80 26.90 33.30
CA THR A 1109 42.82 27.53 31.98
C THR A 1109 44.16 27.31 31.32
N HIS A 1110 44.15 27.34 29.99
CA HIS A 1110 45.37 27.26 29.20
C HIS A 1110 46.00 28.62 28.94
N HIS A 1111 45.32 29.70 29.29
CA HIS A 1111 45.87 31.03 29.10
C HIS A 1111 46.82 31.39 30.24
N MET A 1112 47.82 32.20 29.91
CA MET A 1112 48.86 32.60 30.85
C MET A 1112 48.58 33.93 31.52
N ASP A 1113 48.19 34.95 30.74
CA ASP A 1113 48.00 36.28 31.29
C ASP A 1113 46.89 36.32 32.33
N GLU A 1114 45.76 35.67 32.03
CA GLU A 1114 44.64 35.69 32.96
C GLU A 1114 44.98 34.98 34.26
N ALA A 1115 45.64 33.83 34.18
CA ALA A 1115 46.04 33.11 35.37
C ALA A 1115 47.03 33.89 36.22
N ASP A 1116 47.74 34.85 35.62
CA ASP A 1116 48.71 35.67 36.35
C ASP A 1116 48.05 36.88 36.99
N VAL A 1117 47.40 37.72 36.17
CA VAL A 1117 46.85 38.97 36.69
C VAL A 1117 45.68 38.70 37.62
N LEU A 1118 44.85 37.70 37.31
CA LEU A 1118 43.75 37.34 38.22
C LEU A 1118 44.24 36.47 39.36
N GLY A 1119 44.78 35.29 39.06
CA GLY A 1119 45.18 34.34 40.07
C GLY A 1119 46.28 34.83 40.98
N ASP A 1120 46.02 34.80 42.29
CA ASP A 1120 47.04 35.15 43.27
C ASP A 1120 47.90 33.95 43.69
N ARG A 1121 47.49 32.73 43.32
CA ARG A 1121 48.28 31.54 43.57
C ARG A 1121 48.03 30.56 42.44
N ILE A 1122 49.11 30.02 41.88
CA ILE A 1122 49.06 29.10 40.76
C ILE A 1122 49.87 27.86 41.10
N ALA A 1123 49.56 26.77 40.39
CA ALA A 1123 50.22 25.49 40.57
C ALA A 1123 50.64 24.93 39.23
N ILE A 1124 51.86 24.41 39.17
CA ILE A 1124 52.41 23.79 37.97
C ILE A 1124 52.71 22.33 38.31
N ILE A 1125 52.19 21.43 37.48
CA ILE A 1125 52.25 19.99 37.71
C ILE A 1125 52.97 19.34 36.54
N SER A 1126 53.95 18.49 36.84
CA SER A 1126 54.72 17.78 35.83
C SER A 1126 54.56 16.28 36.03
N HIS A 1127 54.15 15.58 34.97
CA HIS A 1127 54.01 14.13 34.97
C HIS A 1127 53.10 13.65 36.11
N GLY A 1128 52.04 14.40 36.37
CA GLY A 1128 51.12 14.06 37.43
C GLY A 1128 51.59 14.41 38.82
N LYS A 1129 52.76 15.04 38.95
CA LYS A 1129 53.31 15.44 40.24
C LYS A 1129 53.34 16.96 40.31
N LEU A 1130 52.89 17.50 41.44
CA LEU A 1130 52.83 18.95 41.61
C LEU A 1130 54.24 19.48 41.69
N CYS A 1131 54.74 20.01 40.57
CA CYS A 1131 56.12 20.48 40.51
C CYS A 1131 56.33 21.69 41.41
N CYS A 1132 55.40 22.64 41.38
CA CYS A 1132 55.53 23.84 42.20
C CYS A 1132 54.17 24.48 42.40
N VAL A 1133 54.10 25.36 43.39
CA VAL A 1133 52.86 26.09 43.69
C VAL A 1133 53.23 27.34 44.49
N GLY A 1134 52.49 28.40 44.26
CA GLY A 1134 52.70 29.63 45.01
C GLY A 1134 52.19 30.82 44.22
N SER A 1135 52.44 32.00 44.79
CA SER A 1135 52.01 33.23 44.14
C SER A 1135 52.93 33.55 42.97
N SER A 1136 52.44 34.42 42.07
CA SER A 1136 53.17 34.72 40.85
C SER A 1136 54.52 35.35 41.15
N LEU A 1137 54.55 36.40 41.96
CA LEU A 1137 55.80 37.09 42.25
C LEU A 1137 56.76 36.20 43.03
N PHE A 1138 56.25 35.44 44.00
CA PHE A 1138 57.11 34.54 44.77
C PHE A 1138 57.69 33.46 43.89
N LEU A 1139 56.87 32.86 43.02
CA LEU A 1139 57.37 31.85 42.10
C LEU A 1139 58.39 32.44 41.14
N LYS A 1140 58.18 33.69 40.72
CA LYS A 1140 59.15 34.37 39.86
C LYS A 1140 60.47 34.62 40.59
N ASN A 1141 60.42 34.84 41.90
CA ASN A 1141 61.58 35.26 42.68
C ASN A 1141 62.76 34.30 42.56
N GLN A 1142 62.55 32.99 42.57
CA GLN A 1142 63.66 32.05 42.52
C GLN A 1142 63.79 31.31 41.20
N LEU A 1143 62.69 31.12 40.46
CA LEU A 1143 62.72 30.35 39.22
C LEU A 1143 62.32 31.22 38.04
N GLY A 1144 62.47 32.54 38.18
CA GLY A 1144 62.13 33.44 37.10
C GLY A 1144 63.35 33.82 36.27
N THR A 1145 63.11 33.99 34.97
CA THR A 1145 64.17 34.40 34.06
C THR A 1145 64.52 35.87 34.31
N GLY A 1146 65.63 36.30 33.74
CA GLY A 1146 66.15 37.62 34.05
C GLY A 1146 65.22 38.73 33.58
N TYR A 1147 65.36 39.89 34.23
CA TYR A 1147 64.57 41.06 33.90
C TYR A 1147 64.84 41.51 32.47
N TYR A 1148 63.78 41.90 31.76
CA TYR A 1148 63.86 42.28 30.36
C TYR A 1148 63.59 43.77 30.21
N LEU A 1149 64.35 44.40 29.31
CA LEU A 1149 64.16 45.79 28.94
C LEU A 1149 64.11 45.89 27.41
N THR A 1150 63.18 46.68 26.89
CA THR A 1150 62.96 46.78 25.45
C THR A 1150 63.29 48.19 24.98
N LEU A 1151 63.94 48.26 23.82
CA LEU A 1151 64.26 49.50 23.14
C LEU A 1151 63.68 49.47 21.74
N VAL A 1152 63.38 50.64 21.19
CA VAL A 1152 62.75 50.76 19.89
C VAL A 1152 63.54 51.75 19.04
N LYS A 1153 63.36 51.64 17.73
CA LYS A 1153 64.01 52.48 16.74
C LYS A 1153 62.99 53.40 16.08
N LYS A 1154 63.45 54.17 15.11
CA LYS A 1154 62.57 55.06 14.36
C LYS A 1154 62.22 54.47 13.00
N LEU A 1197 68.39 50.02 11.44
CA LEU A 1197 68.77 50.43 10.10
C LEU A 1197 69.53 51.74 10.13
N THR A 1198 68.87 52.80 10.58
CA THR A 1198 69.47 54.12 10.70
C THR A 1198 70.09 54.36 12.08
N ILE A 1199 70.03 53.38 12.98
CA ILE A 1199 70.54 53.51 14.34
C ILE A 1199 71.59 52.44 14.56
N ASP A 1200 72.76 52.85 15.05
CA ASP A 1200 73.82 51.89 15.37
C ASP A 1200 73.39 51.04 16.56
N VAL A 1201 73.54 49.73 16.42
CA VAL A 1201 73.23 48.81 17.51
C VAL A 1201 74.45 48.55 18.38
N SER A 1202 75.63 48.50 17.77
CA SER A 1202 76.85 48.28 18.53
C SER A 1202 77.10 49.43 19.51
N ALA A 1203 76.75 50.66 19.12
CA ALA A 1203 76.96 51.80 19.99
C ALA A 1203 76.15 51.68 21.28
N ILE A 1204 74.84 51.43 21.15
CA ILE A 1204 74.01 51.29 22.34
C ILE A 1204 74.38 50.04 23.12
N SER A 1205 74.76 48.97 22.43
CA SER A 1205 75.19 47.75 23.13
C SER A 1205 76.41 48.02 24.00
N ASN A 1206 77.41 48.71 23.44
CA ASN A 1206 78.61 49.05 24.20
C ASN A 1206 78.29 50.01 25.34
N LEU A 1207 77.41 50.99 25.09
CA LEU A 1207 77.06 51.95 26.13
C LEU A 1207 76.40 51.25 27.31
N ILE A 1208 75.47 50.32 27.04
CA ILE A 1208 74.81 49.61 28.12
C ILE A 1208 75.76 48.64 28.81
N ARG A 1209 76.62 47.96 28.03
CA ARG A 1209 77.54 47.01 28.62
C ARG A 1209 78.60 47.68 29.47
N LYS A 1210 78.94 48.94 29.19
CA LYS A 1210 79.90 49.65 30.01
C LYS A 1210 79.40 49.83 31.43
N HIS A 1211 78.12 50.19 31.58
CA HIS A 1211 77.57 50.44 32.92
C HIS A 1211 77.37 49.13 33.68
N VAL A 1212 76.81 48.12 33.02
CA VAL A 1212 76.57 46.82 33.62
C VAL A 1212 77.12 45.73 32.70
N SER A 1213 77.87 44.80 33.27
CA SER A 1213 78.49 43.73 32.49
C SER A 1213 77.63 42.47 32.43
N GLU A 1214 76.48 42.45 33.10
CA GLU A 1214 75.60 41.29 33.11
C GLU A 1214 74.49 41.39 32.07
N ALA A 1215 74.46 42.46 31.29
CA ALA A 1215 73.43 42.61 30.26
C ALA A 1215 73.73 41.70 29.08
N ARG A 1216 72.68 41.11 28.52
CA ARG A 1216 72.80 40.22 27.37
C ARG A 1216 71.67 40.46 26.40
N LEU A 1217 71.98 40.44 25.11
CA LEU A 1217 70.97 40.56 24.06
C LEU A 1217 70.29 39.21 23.87
N VAL A 1218 68.97 39.18 24.03
CA VAL A 1218 68.22 37.94 23.88
C VAL A 1218 67.55 37.81 22.52
N GLU A 1219 67.23 38.93 21.87
CA GLU A 1219 66.58 38.88 20.56
C GLU A 1219 66.95 40.14 19.78
N ASP A 1220 66.80 40.05 18.47
CA ASP A 1220 67.09 41.17 17.57
C ASP A 1220 66.13 41.07 16.39
N ILE A 1221 65.04 41.86 16.43
CA ILE A 1221 64.04 41.87 15.38
C ILE A 1221 63.81 43.32 14.95
N GLY A 1222 63.18 43.47 13.79
CA GLY A 1222 63.01 44.77 13.17
C GLY A 1222 62.42 45.85 14.05
N HIS A 1223 63.13 46.96 14.17
CA HIS A 1223 62.72 48.11 14.97
C HIS A 1223 62.54 47.76 16.44
N GLU A 1224 63.15 46.68 16.91
CA GLU A 1224 63.02 46.26 18.30
C GLU A 1224 64.36 45.78 18.82
N LEU A 1225 64.53 45.86 20.14
CA LEU A 1225 65.71 45.38 20.82
C LEU A 1225 65.32 44.99 22.23
N THR A 1226 65.94 43.93 22.75
CA THR A 1226 65.62 43.46 24.10
C THR A 1226 66.89 42.99 24.79
N TYR A 1227 67.13 43.48 25.99
CA TYR A 1227 68.25 43.05 26.82
C TYR A 1227 67.74 42.43 28.12
N VAL A 1228 68.49 41.45 28.63
CA VAL A 1228 68.13 40.72 29.82
C VAL A 1228 69.24 40.87 30.85
N LEU A 1229 68.86 41.10 32.11
CA LEU A 1229 69.79 41.21 33.21
C LEU A 1229 69.38 40.27 34.33
N PRO A 1230 70.33 39.56 34.94
CA PRO A 1230 69.98 38.64 36.02
C PRO A 1230 69.50 39.39 37.26
N TYR A 1231 68.58 38.74 37.99
CA TYR A 1231 68.12 39.30 39.25
C TYR A 1231 69.24 39.33 40.29
N GLU A 1232 70.06 38.28 40.35
CA GLU A 1232 71.18 38.26 41.28
C GLU A 1232 72.18 39.35 40.92
N ALA A 1233 72.69 40.04 41.94
CA ALA A 1233 73.58 41.18 41.78
C ALA A 1233 72.96 42.24 40.86
N ALA A 1234 71.83 42.79 41.35
CA ALA A 1234 71.10 43.78 40.57
C ALA A 1234 71.92 45.03 40.30
N LYS A 1235 72.86 45.35 41.18
CA LYS A 1235 73.75 46.51 41.01
C LYS A 1235 72.92 47.79 40.87
N GLU A 1236 72.22 48.14 41.97
CA GLU A 1236 71.27 49.24 41.94
C GLU A 1236 71.91 50.55 41.50
N GLY A 1237 73.18 50.77 41.86
CA GLY A 1237 73.88 51.97 41.49
C GLY A 1237 73.93 52.18 39.99
N ALA A 1238 74.63 51.29 39.27
CA ALA A 1238 74.71 51.40 37.82
C ALA A 1238 73.34 51.22 37.17
N PHE A 1239 72.43 50.51 37.85
CA PHE A 1239 71.07 50.33 37.35
C PHE A 1239 70.37 51.69 37.19
N VAL A 1240 70.23 52.41 38.31
CA VAL A 1240 69.63 53.74 38.29
C VAL A 1240 70.46 54.69 37.45
N GLU A 1241 71.78 54.55 37.46
CA GLU A 1241 72.63 55.41 36.63
C GLU A 1241 72.30 55.25 35.15
N LEU A 1242 72.24 54.01 34.67
CA LEU A 1242 71.95 53.76 33.27
C LEU A 1242 70.57 54.29 32.90
N PHE A 1243 69.59 54.14 33.80
CA PHE A 1243 68.32 54.81 33.56
C PHE A 1243 68.50 56.32 33.46
N HIS A 1244 69.39 56.89 34.28
CA HIS A 1244 69.61 58.34 34.22
C HIS A 1244 70.16 58.76 32.86
N GLU A 1245 71.15 58.03 32.32
CA GLU A 1245 71.65 58.40 31.01
C GLU A 1245 70.61 58.16 29.92
N ILE A 1246 69.89 57.03 29.95
CA ILE A 1246 68.94 56.79 28.88
C ILE A 1246 67.77 57.76 28.91
N ASP A 1247 67.42 58.29 30.09
CA ASP A 1247 66.42 59.35 30.15
C ASP A 1247 67.01 60.68 29.68
N ASP A 1248 68.25 60.97 30.07
CA ASP A 1248 68.87 62.23 29.68
C ASP A 1248 69.24 62.23 28.20
N ARG A 1249 69.73 61.11 27.68
CA ARG A 1249 70.19 61.02 26.30
C ARG A 1249 69.22 60.21 25.44
N LEU A 1250 67.93 60.30 25.74
CA LEU A 1250 66.93 59.62 24.92
C LEU A 1250 66.88 60.21 23.52
N SER A 1251 66.86 61.54 23.41
CA SER A 1251 66.86 62.21 22.11
C SER A 1251 68.25 62.48 21.57
N ASP A 1252 69.29 62.34 22.40
CA ASP A 1252 70.65 62.57 21.92
C ASP A 1252 71.05 61.52 20.89
N LEU A 1253 70.71 60.26 21.12
CA LEU A 1253 70.95 59.21 20.17
C LEU A 1253 69.80 59.13 19.18
N GLY A 1254 69.86 58.15 18.27
CA GLY A 1254 68.79 57.97 17.31
C GLY A 1254 67.57 57.28 17.85
N ILE A 1255 67.64 56.74 19.07
CA ILE A 1255 66.50 56.02 19.64
C ILE A 1255 65.34 56.98 19.88
N SER A 1256 64.14 56.41 20.00
CA SER A 1256 62.93 57.18 20.21
C SER A 1256 62.36 57.03 21.62
N SER A 1257 62.27 55.81 22.13
CA SER A 1257 61.73 55.57 23.46
C SER A 1257 62.20 54.20 23.94
N TYR A 1258 61.63 53.75 25.05
CA TYR A 1258 61.98 52.47 25.63
C TYR A 1258 60.75 51.89 26.33
N GLY A 1259 60.92 50.73 26.94
CA GLY A 1259 59.82 50.09 27.63
C GLY A 1259 60.30 48.96 28.51
N ILE A 1260 59.41 48.52 29.38
CA ILE A 1260 59.69 47.46 30.34
C ILE A 1260 58.72 46.32 30.10
N SER A 1261 59.24 45.11 29.96
CA SER A 1261 58.45 43.90 29.79
C SER A 1261 58.94 42.88 30.81
N GLU A 1262 58.12 42.59 31.82
CA GLU A 1262 58.49 41.62 32.82
C GLU A 1262 58.51 40.21 32.24
N THR A 1263 59.28 39.33 32.89
CA THR A 1263 59.37 37.95 32.46
C THR A 1263 57.98 37.30 32.49
N THR A 1264 57.47 36.97 31.31
CA THR A 1264 56.12 36.42 31.20
C THR A 1264 56.05 35.04 31.84
N LEU A 1265 54.89 34.73 32.41
CA LEU A 1265 54.67 33.44 33.05
C LEU A 1265 54.78 32.27 32.08
N GLU A 1266 54.66 32.50 30.77
CA GLU A 1266 54.64 31.41 29.81
C GLU A 1266 55.99 30.69 29.71
N GLU A 1267 57.09 31.41 29.55
CA GLU A 1267 58.38 30.73 29.49
C GLU A 1267 58.77 30.14 30.83
N ILE A 1268 58.31 30.74 31.93
CA ILE A 1268 58.51 30.12 33.25
C ILE A 1268 57.79 28.79 33.31
N PHE A 1269 56.57 28.74 32.78
CA PHE A 1269 55.81 27.49 32.75
C PHE A 1269 56.53 26.45 31.89
N LEU A 1270 57.02 26.85 30.73
CA LEU A 1270 57.75 25.90 29.88
C LEU A 1270 59.02 25.40 30.56
N LYS A 1271 59.76 26.28 31.25
CA LYS A 1271 61.00 25.86 31.87
C LYS A 1271 60.75 24.94 33.07
N VAL A 1272 59.79 25.31 33.94
CA VAL A 1272 59.53 24.53 35.14
C VAL A 1272 58.99 23.15 34.77
N ALA A 1273 58.03 23.11 33.83
CA ALA A 1273 57.45 21.85 33.41
C ALA A 1273 57.51 21.72 31.89
N TRP A 1343 48.36 24.88 -20.73
CA TRP A 1343 49.62 24.99 -20.00
C TRP A 1343 49.87 23.74 -19.17
N LYS A 1344 51.14 23.49 -18.83
CA LYS A 1344 51.48 22.33 -18.02
C LYS A 1344 50.96 22.48 -16.59
N LEU A 1345 50.96 23.70 -16.06
CA LEU A 1345 50.48 23.92 -14.70
C LEU A 1345 48.98 23.63 -14.59
N THR A 1346 48.20 24.01 -15.60
CA THR A 1346 46.77 23.74 -15.58
C THR A 1346 46.49 22.25 -15.56
N GLN A 1347 47.19 21.47 -16.39
CA GLN A 1347 47.00 20.03 -16.40
C GLN A 1347 47.48 19.41 -15.09
N GLN A 1348 48.57 19.94 -14.53
CA GLN A 1348 49.04 19.45 -13.23
C GLN A 1348 48.00 19.67 -12.15
N GLN A 1349 47.38 20.85 -12.12
CA GLN A 1349 46.31 21.09 -11.15
C GLN A 1349 45.11 20.19 -11.40
N PHE A 1350 44.75 19.99 -12.67
CA PHE A 1350 43.62 19.14 -13.00
C PHE A 1350 43.84 17.73 -12.47
N VAL A 1351 45.00 17.14 -12.80
CA VAL A 1351 45.29 15.80 -12.29
C VAL A 1351 45.47 15.80 -10.78
N ALA A 1352 45.86 16.94 -10.19
CA ALA A 1352 45.98 17.03 -8.74
C ALA A 1352 44.62 16.88 -8.07
N LEU A 1353 43.58 17.50 -8.63
CA LEU A 1353 42.24 17.33 -8.07
C LEU A 1353 41.79 15.88 -8.12
N LEU A 1354 42.03 15.18 -9.23
CA LEU A 1354 41.64 13.78 -9.31
C LEU A 1354 42.46 12.92 -8.35
N TRP A 1355 43.75 13.21 -8.20
CA TRP A 1355 44.57 12.48 -7.23
C TRP A 1355 44.06 12.70 -5.82
N LYS A 1356 43.67 13.94 -5.51
CA LYS A 1356 43.00 14.24 -4.25
C LYS A 1356 41.77 13.36 -4.06
N ARG A 1357 40.90 13.31 -5.07
CA ARG A 1357 39.59 12.72 -4.87
C ARG A 1357 39.61 11.19 -4.88
N LEU A 1358 40.52 10.58 -5.64
CA LEU A 1358 40.60 9.12 -5.67
C LEU A 1358 40.85 8.57 -4.27
N LEU A 1359 41.51 9.34 -3.42
CA LEU A 1359 41.87 8.92 -2.07
C LEU A 1359 40.67 8.70 -1.18
N ILE A 1360 39.61 9.51 -1.30
CA ILE A 1360 38.41 9.30 -0.48
C ILE A 1360 37.82 7.93 -0.74
N ALA A 1361 37.70 7.55 -2.01
CA ALA A 1361 37.23 6.22 -2.38
C ALA A 1361 38.21 5.12 -2.00
N ARG A 1362 39.51 5.36 -2.13
CA ARG A 1362 40.49 4.30 -1.89
C ARG A 1362 40.69 4.01 -0.42
N ARG A 1363 40.50 5.00 0.45
CA ARG A 1363 40.81 4.85 1.87
C ARG A 1363 39.58 4.65 2.74
N SER A 1364 38.40 5.08 2.29
CA SER A 1364 37.20 4.96 3.12
C SER A 1364 36.58 3.57 3.01
N ARG A 1365 37.30 2.55 3.48
CA ARG A 1365 36.73 1.20 3.53
C ARG A 1365 35.53 1.17 4.48
N LYS A 1366 35.65 1.81 5.64
CA LYS A 1366 34.55 1.93 6.58
C LYS A 1366 33.74 3.22 6.38
N GLY A 1367 34.08 4.01 5.36
CA GLY A 1367 33.43 5.28 5.12
C GLY A 1367 32.06 5.15 4.48
N PHE A 1368 31.75 6.08 3.59
CA PHE A 1368 30.45 6.14 2.93
C PHE A 1368 30.42 5.12 1.79
N PHE A 1369 30.46 3.84 2.16
CA PHE A 1369 30.39 2.76 1.19
C PHE A 1369 28.95 2.40 0.83
N ALA A 1370 27.96 3.04 1.46
CA ALA A 1370 26.57 2.81 1.12
C ALA A 1370 26.20 3.36 -0.25
N GLN A 1371 27.08 4.17 -0.87
CA GLN A 1371 26.81 4.66 -2.21
C GLN A 1371 26.79 3.53 -3.23
N ILE A 1372 27.38 2.39 -2.90
CA ILE A 1372 27.42 1.23 -3.79
C ILE A 1372 26.50 0.12 -3.31
N VAL A 1373 26.49 -0.17 -2.00
CA VAL A 1373 25.75 -1.31 -1.49
C VAL A 1373 24.24 -1.06 -1.60
N LEU A 1374 23.79 0.14 -1.24
CA LEU A 1374 22.36 0.40 -1.17
C LEU A 1374 21.66 0.25 -2.51
N PRO A 1375 22.13 0.86 -3.63
CA PRO A 1375 21.42 0.68 -4.91
C PRO A 1375 21.35 -0.77 -5.35
N ALA A 1376 22.42 -1.54 -5.10
CA ALA A 1376 22.42 -2.94 -5.48
C ALA A 1376 21.35 -3.72 -4.73
N VAL A 1377 21.22 -3.50 -3.43
CA VAL A 1377 20.21 -4.21 -2.65
C VAL A 1377 18.81 -3.74 -3.04
N PHE A 1378 18.65 -2.44 -3.32
CA PHE A 1378 17.34 -1.93 -3.65
C PHE A 1378 16.91 -2.35 -5.06
N VAL A 1379 17.86 -2.76 -5.89
CA VAL A 1379 17.50 -3.35 -7.18
C VAL A 1379 17.29 -4.86 -7.03
N CYS A 1380 18.01 -5.49 -6.11
CA CYS A 1380 17.77 -6.90 -5.81
C CYS A 1380 16.35 -7.12 -5.32
N ILE A 1381 15.88 -6.24 -4.43
CA ILE A 1381 14.53 -6.38 -3.91
C ILE A 1381 13.49 -6.16 -5.01
N ALA A 1382 13.77 -5.22 -5.93
CA ALA A 1382 12.86 -5.00 -7.05
C ALA A 1382 12.80 -6.23 -7.96
N LEU A 1383 13.96 -6.85 -8.22
CA LEU A 1383 13.98 -8.06 -9.03
C LEU A 1383 13.22 -9.19 -8.36
N VAL A 1384 13.40 -9.34 -7.04
CA VAL A 1384 12.69 -10.39 -6.31
C VAL A 1384 11.19 -10.16 -6.38
N PHE A 1385 10.76 -8.90 -6.22
CA PHE A 1385 9.34 -8.57 -6.37
C PHE A 1385 8.83 -8.87 -7.77
N SER A 1386 9.61 -8.54 -8.81
CA SER A 1386 9.18 -8.77 -10.18
C SER A 1386 9.12 -10.25 -10.53
N LEU A 1387 9.92 -11.09 -9.88
CA LEU A 1387 9.94 -12.52 -10.16
C LEU A 1387 8.84 -13.29 -9.46
N ILE A 1388 8.00 -12.60 -8.66
CA ILE A 1388 6.94 -13.25 -7.91
C ILE A 1388 5.56 -12.91 -8.47
N VAL A 1389 5.38 -11.69 -8.96
CA VAL A 1389 4.09 -11.22 -9.46
C VAL A 1389 3.66 -12.07 -10.65
N PRO A 1390 2.36 -12.31 -10.84
CA PRO A 1390 1.93 -13.18 -11.94
C PRO A 1390 2.09 -12.49 -13.28
N PRO A 1391 2.41 -13.23 -14.34
CA PRO A 1391 2.63 -12.60 -15.65
C PRO A 1391 1.41 -11.91 -16.22
N PHE A 1392 0.20 -12.29 -15.79
CA PHE A 1392 -1.09 -11.81 -16.29
C PHE A 1392 -1.37 -12.26 -17.71
N GLY A 1393 -0.44 -12.97 -18.36
CA GLY A 1393 -0.64 -13.50 -19.69
C GLY A 1393 -0.66 -15.01 -19.78
N LYS A 1394 -0.74 -15.72 -18.66
CA LYS A 1394 -0.74 -17.18 -18.64
C LYS A 1394 -2.14 -17.74 -18.42
N TYR A 1395 -3.15 -17.12 -19.02
CA TYR A 1395 -4.51 -17.66 -19.00
C TYR A 1395 -4.57 -19.12 -19.45
N PRO A 1396 -3.91 -19.54 -20.53
CA PRO A 1396 -3.92 -20.97 -20.87
C PRO A 1396 -3.33 -21.81 -19.75
N SER A 1397 -3.90 -23.00 -19.56
CA SER A 1397 -3.45 -23.93 -18.55
C SER A 1397 -4.00 -25.30 -18.88
N LEU A 1398 -3.45 -26.32 -18.23
CA LEU A 1398 -3.88 -27.70 -18.40
C LEU A 1398 -4.44 -28.17 -17.07
N GLU A 1399 -5.73 -27.91 -16.85
CA GLU A 1399 -6.42 -28.34 -15.65
C GLU A 1399 -7.22 -29.60 -15.92
N LEU A 1400 -7.24 -30.48 -14.94
CA LEU A 1400 -8.21 -31.57 -14.88
C LEU A 1400 -9.47 -30.99 -14.24
N GLN A 1401 -10.48 -31.82 -13.98
CA GLN A 1401 -11.63 -31.41 -13.18
C GLN A 1401 -11.94 -32.43 -12.08
N PRO A 1402 -11.00 -32.65 -11.15
CA PRO A 1402 -11.37 -33.29 -9.88
C PRO A 1402 -11.83 -32.25 -8.89
N TRP A 1403 -12.03 -32.65 -7.64
CA TRP A 1403 -12.22 -31.68 -6.57
C TRP A 1403 -11.09 -30.66 -6.54
N MET A 1404 -9.86 -31.10 -6.84
CA MET A 1404 -8.66 -30.25 -6.95
C MET A 1404 -8.51 -29.31 -5.76
N TYR A 1405 -9.07 -29.66 -4.61
CA TYR A 1405 -9.10 -28.76 -3.47
C TYR A 1405 -8.52 -29.46 -2.25
N ASN A 1406 -7.86 -28.67 -1.41
CA ASN A 1406 -7.06 -29.23 -0.32
C ASN A 1406 -7.90 -30.12 0.60
N GLU A 1407 -8.89 -29.53 1.26
CA GLU A 1407 -9.75 -30.30 2.16
C GLU A 1407 -11.18 -29.82 2.00
N GLN A 1408 -12.10 -30.78 1.90
CA GLN A 1408 -13.52 -30.50 1.69
C GLN A 1408 -14.27 -31.82 1.79
N TYR A 1409 -15.59 -31.73 1.84
CA TYR A 1409 -16.41 -32.91 1.70
C TYR A 1409 -17.82 -32.54 1.27
N THR A 1410 -18.39 -33.38 0.41
CA THR A 1410 -19.66 -33.14 -0.25
C THR A 1410 -20.79 -33.78 0.56
N PHE A 1411 -21.97 -33.89 -0.05
CA PHE A 1411 -23.09 -34.54 0.60
C PHE A 1411 -24.03 -35.10 -0.47
N VAL A 1412 -24.58 -36.29 -0.19
CA VAL A 1412 -25.48 -36.98 -1.10
C VAL A 1412 -26.83 -37.10 -0.42
N SER A 1413 -27.88 -36.64 -1.10
CA SER A 1413 -29.24 -36.67 -0.57
C SER A 1413 -30.12 -37.53 -1.49
N ASN A 1414 -30.34 -38.77 -1.09
CA ASN A 1414 -31.21 -39.68 -1.86
C ASN A 1414 -32.66 -39.31 -1.58
N ASP A 1415 -33.09 -38.20 -2.16
CA ASP A 1415 -34.48 -37.78 -2.04
C ASP A 1415 -35.39 -38.75 -2.78
N ALA A 1416 -36.63 -38.86 -2.28
CA ALA A 1416 -37.63 -39.78 -2.81
C ALA A 1416 -37.08 -41.19 -2.88
N PRO A 1417 -36.89 -41.85 -1.74
CA PRO A 1417 -36.28 -43.21 -1.74
C PRO A 1417 -37.28 -44.29 -2.18
N GLU A 1418 -37.64 -44.25 -3.45
CA GLU A 1418 -38.55 -45.22 -4.04
C GLU A 1418 -37.82 -46.31 -4.81
N ASP A 1419 -36.47 -46.33 -4.72
CA ASP A 1419 -35.60 -47.33 -5.34
C ASP A 1419 -36.02 -47.71 -6.76
N THR A 1420 -36.41 -46.72 -7.56
CA THR A 1420 -36.77 -47.01 -8.95
C THR A 1420 -35.52 -47.09 -9.83
N GLY A 1421 -34.79 -45.99 -9.95
CA GLY A 1421 -33.54 -45.97 -10.67
C GLY A 1421 -32.50 -45.14 -9.95
N THR A 1422 -32.94 -44.48 -8.87
CA THR A 1422 -32.03 -43.65 -8.09
C THR A 1422 -31.08 -44.49 -7.27
N LEU A 1423 -31.53 -45.67 -6.84
CA LEU A 1423 -30.69 -46.54 -6.01
C LEU A 1423 -29.43 -46.96 -6.75
N GLU A 1424 -29.54 -47.28 -8.03
CA GLU A 1424 -28.36 -47.67 -8.80
C GLU A 1424 -27.36 -46.52 -8.90
N LEU A 1425 -27.86 -45.30 -9.14
CA LEU A 1425 -26.95 -44.16 -9.26
C LEU A 1425 -26.28 -43.87 -7.91
N LEU A 1426 -27.01 -44.00 -6.81
CA LEU A 1426 -26.41 -43.83 -5.50
C LEU A 1426 -25.35 -44.89 -5.24
N ASN A 1427 -25.63 -46.14 -5.62
CA ASN A 1427 -24.64 -47.20 -5.44
C ASN A 1427 -23.39 -46.90 -6.24
N ALA A 1428 -23.53 -46.40 -7.46
CA ALA A 1428 -22.38 -46.06 -8.28
C ALA A 1428 -21.51 -44.97 -7.66
N LEU A 1429 -22.05 -44.21 -6.69
CA LEU A 1429 -21.30 -43.17 -6.02
C LEU A 1429 -20.54 -43.66 -4.78
N THR A 1430 -20.78 -44.89 -4.35
CA THR A 1430 -20.21 -45.37 -3.08
C THR A 1430 -19.70 -46.81 -3.23
N LYS A 1431 -18.96 -47.07 -4.30
CA LYS A 1431 -18.36 -48.37 -4.53
C LYS A 1431 -16.85 -48.21 -4.73
N ASP A 1432 -16.22 -49.31 -5.13
CA ASP A 1432 -14.77 -49.33 -5.36
C ASP A 1432 -14.28 -48.26 -6.33
N PRO A 1433 -14.94 -47.96 -7.46
CA PRO A 1433 -14.43 -46.88 -8.32
C PRO A 1433 -14.34 -45.54 -7.62
N GLY A 1434 -15.22 -45.27 -6.66
CA GLY A 1434 -15.10 -44.10 -5.83
C GLY A 1434 -15.83 -42.89 -6.37
N PHE A 1435 -15.61 -41.78 -5.67
CA PHE A 1435 -16.30 -40.53 -5.92
C PHE A 1435 -15.79 -39.78 -7.14
N GLY A 1436 -14.62 -40.10 -7.65
CA GLY A 1436 -14.01 -39.28 -8.68
C GLY A 1436 -13.80 -39.97 -10.02
N THR A 1437 -12.70 -39.61 -10.69
CA THR A 1437 -12.42 -40.06 -12.05
C THR A 1437 -11.27 -41.05 -12.12
N ARG A 1438 -10.90 -41.67 -11.01
CA ARG A 1438 -9.77 -42.60 -11.01
C ARG A 1438 -10.13 -43.90 -11.70
N CYS A 1439 -9.11 -44.58 -12.22
CA CYS A 1439 -9.26 -45.89 -12.86
C CYS A 1439 -7.98 -46.69 -12.63
N MET A 1440 -7.99 -47.49 -11.56
CA MET A 1440 -6.90 -48.40 -11.18
C MET A 1440 -5.52 -47.74 -11.25
N GLU A 1441 -5.46 -46.41 -11.14
CA GLU A 1441 -4.23 -45.66 -11.26
C GLU A 1441 -4.49 -44.22 -10.86
N GLY A 1442 -3.47 -43.56 -10.34
CA GLY A 1442 -3.60 -42.16 -9.96
C GLY A 1442 -3.32 -41.24 -11.12
N ASN A 1443 -4.39 -40.79 -11.80
CA ASN A 1443 -4.20 -39.88 -12.92
C ASN A 1443 -3.90 -38.45 -12.47
N PRO A 1444 -4.68 -37.84 -11.56
CA PRO A 1444 -4.32 -36.49 -11.11
C PRO A 1444 -3.10 -36.54 -10.21
N ILE A 1445 -2.03 -35.87 -10.63
CA ILE A 1445 -0.80 -35.87 -9.87
C ILE A 1445 -0.94 -35.16 -8.52
N PRO A 1446 -1.87 -34.22 -8.32
CA PRO A 1446 -2.15 -33.76 -6.95
C PRO A 1446 -2.97 -34.75 -6.13
N ASP A 1447 -3.70 -35.67 -6.77
CA ASP A 1447 -4.69 -36.46 -6.06
C ASP A 1447 -4.06 -37.36 -5.00
N THR A 1448 -3.06 -38.16 -5.40
CA THR A 1448 -2.44 -39.14 -4.53
C THR A 1448 -3.50 -40.02 -3.88
N PRO A 1449 -4.03 -41.00 -4.62
CA PRO A 1449 -5.29 -41.67 -4.22
C PRO A 1449 -5.44 -41.96 -2.72
N CYS A 1450 -4.51 -42.70 -2.12
CA CYS A 1450 -4.52 -43.05 -0.70
C CYS A 1450 -5.92 -43.43 -0.22
N GLN A 1451 -6.46 -44.49 -0.84
CA GLN A 1451 -7.82 -44.94 -0.55
C GLN A 1451 -7.82 -45.63 0.81
N ALA A 1452 -7.91 -44.80 1.85
CA ALA A 1452 -7.98 -45.27 3.23
C ALA A 1452 -9.19 -44.64 3.90
N GLY A 1453 -10.05 -45.48 4.46
CA GLY A 1453 -11.26 -45.00 5.10
C GLY A 1453 -12.30 -46.10 5.29
N GLU A 1454 -13.00 -46.07 6.41
CA GLU A 1454 -13.97 -47.10 6.71
C GLU A 1454 -15.19 -47.00 5.78
N GLU A 1455 -15.74 -48.15 5.45
CA GLU A 1455 -16.90 -48.24 4.55
C GLU A 1455 -18.23 -48.21 5.30
N GLU A 1456 -18.21 -48.10 6.62
CA GLU A 1456 -19.41 -48.10 7.43
C GLU A 1456 -19.68 -46.71 7.96
N TRP A 1457 -20.95 -46.29 7.90
CA TRP A 1457 -21.33 -44.94 8.29
C TRP A 1457 -21.15 -44.75 9.79
N THR A 1458 -20.47 -43.67 10.18
CA THR A 1458 -20.21 -43.37 11.58
C THR A 1458 -20.66 -41.94 11.87
N THR A 1459 -21.58 -41.80 12.82
CA THR A 1459 -22.07 -40.48 13.20
C THR A 1459 -21.07 -39.79 14.13
N ALA A 1460 -20.89 -38.49 13.90
CA ALA A 1460 -20.01 -37.69 14.74
C ALA A 1460 -20.56 -37.60 16.16
N PRO A 1461 -19.69 -37.45 17.16
CA PRO A 1461 -20.17 -37.33 18.54
C PRO A 1461 -21.07 -36.13 18.71
N VAL A 1462 -22.10 -36.28 19.55
CA VAL A 1462 -23.12 -35.26 19.70
C VAL A 1462 -23.00 -34.60 21.07
N PRO A 1463 -23.36 -33.32 21.21
CA PRO A 1463 -23.38 -32.70 22.54
C PRO A 1463 -24.60 -33.12 23.33
N GLN A 1464 -24.79 -32.55 24.53
CA GLN A 1464 -25.96 -32.86 25.35
C GLN A 1464 -27.12 -31.93 24.99
N THR A 1465 -27.61 -32.10 23.76
CA THR A 1465 -28.77 -31.37 23.26
C THR A 1465 -29.77 -32.30 22.60
N ILE A 1466 -29.75 -33.59 22.95
CA ILE A 1466 -30.68 -34.54 22.36
C ILE A 1466 -32.12 -34.20 22.73
N MET A 1467 -32.33 -33.69 23.95
CA MET A 1467 -33.66 -33.23 24.32
C MET A 1467 -34.09 -32.01 23.51
N ASP A 1468 -33.14 -31.15 23.14
CA ASP A 1468 -33.47 -30.02 22.28
C ASP A 1468 -34.01 -30.51 20.94
N LEU A 1469 -33.35 -31.52 20.36
CA LEU A 1469 -33.85 -32.11 19.12
C LEU A 1469 -35.18 -32.80 19.34
N PHE A 1470 -35.36 -33.43 20.49
CA PHE A 1470 -36.63 -34.11 20.79
C PHE A 1470 -37.78 -33.11 20.81
N GLN A 1471 -37.57 -31.95 21.40
CA GLN A 1471 -38.61 -30.92 21.46
C GLN A 1471 -38.60 -29.97 20.27
N ASN A 1472 -37.67 -30.12 19.32
CA ASN A 1472 -37.85 -29.42 18.05
C ASN A 1472 -39.07 -29.95 17.29
N GLY A 1473 -39.37 -31.23 17.46
CA GLY A 1473 -40.58 -31.79 16.85
C GLY A 1473 -41.84 -31.08 17.28
N ASN A 1474 -41.84 -30.48 18.46
CA ASN A 1474 -42.97 -29.68 18.92
C ASN A 1474 -42.88 -28.28 18.34
N TRP A 1475 -43.94 -27.85 17.65
CA TRP A 1475 -44.12 -26.52 17.06
C TRP A 1475 -43.20 -26.25 15.87
N THR A 1476 -42.30 -27.17 15.52
CA THR A 1476 -41.56 -27.11 14.27
C THR A 1476 -41.62 -28.49 13.64
N MET A 1477 -42.36 -28.61 12.55
CA MET A 1477 -42.66 -29.90 11.94
C MET A 1477 -41.45 -30.41 11.15
N GLN A 1478 -41.64 -31.47 10.38
CA GLN A 1478 -40.58 -31.95 9.50
C GLN A 1478 -40.25 -30.90 8.43
N ASN A 1479 -41.27 -30.23 7.90
CA ASN A 1479 -41.04 -29.31 6.79
C ASN A 1479 -40.10 -28.17 7.16
N PRO A 1480 -40.32 -27.40 8.24
CA PRO A 1480 -39.25 -26.48 8.68
C PRO A 1480 -38.44 -27.06 9.83
N SER A 1481 -37.11 -26.90 9.79
CA SER A 1481 -36.25 -27.23 10.92
C SER A 1481 -35.28 -26.08 11.17
N PRO A 1482 -35.80 -24.87 11.43
CA PRO A 1482 -34.92 -23.70 11.55
C PRO A 1482 -34.53 -23.37 12.98
N ALA A 1483 -33.63 -22.41 13.12
CA ALA A 1483 -33.37 -21.74 14.39
C ALA A 1483 -33.31 -20.25 14.11
N CYS A 1484 -33.74 -19.45 15.09
CA CYS A 1484 -33.74 -18.00 14.91
C CYS A 1484 -32.32 -17.50 14.67
N GLN A 1485 -32.20 -16.49 13.80
CA GLN A 1485 -30.92 -15.98 13.38
C GLN A 1485 -30.83 -14.48 13.64
N CYS A 1486 -29.62 -14.04 14.00
CA CYS A 1486 -29.37 -12.64 14.35
C CYS A 1486 -29.08 -11.84 13.09
N SER A 1487 -30.15 -11.55 12.35
CA SER A 1487 -30.03 -10.71 11.17
C SER A 1487 -29.63 -9.30 11.57
N SER A 1488 -28.95 -8.60 10.66
CA SER A 1488 -28.46 -7.27 10.96
C SER A 1488 -29.62 -6.30 11.18
N ASP A 1489 -29.44 -5.41 12.15
CA ASP A 1489 -30.43 -4.39 12.46
C ASP A 1489 -30.19 -3.16 11.58
N LYS A 1490 -31.10 -2.19 11.66
CA LYS A 1490 -30.96 -0.99 10.85
C LYS A 1490 -29.71 -0.20 11.23
N ILE A 1491 -29.36 -0.18 12.52
CA ILE A 1491 -28.19 0.55 12.98
C ILE A 1491 -27.06 -0.38 13.44
N LYS A 1492 -27.35 -1.65 13.71
CA LYS A 1492 -26.38 -2.60 14.22
C LYS A 1492 -26.23 -3.74 13.23
N LYS A 1493 -24.99 -4.11 12.93
CA LYS A 1493 -24.73 -5.06 11.85
C LYS A 1493 -23.50 -5.89 12.16
N MET A 1494 -23.36 -7.01 11.46
CA MET A 1494 -22.20 -7.87 11.58
C MET A 1494 -22.08 -8.75 10.33
N LEU A 1495 -20.87 -9.29 10.13
CA LEU A 1495 -20.63 -10.07 8.92
C LEU A 1495 -21.23 -11.47 9.00
N PRO A 1496 -20.88 -12.34 9.99
CA PRO A 1496 -21.67 -13.57 10.17
C PRO A 1496 -23.11 -13.33 10.55
N VAL A 1497 -23.85 -14.42 10.73
CA VAL A 1497 -25.12 -14.44 11.45
C VAL A 1497 -25.02 -15.52 12.52
N CYS A 1498 -25.23 -15.13 13.78
CA CYS A 1498 -24.92 -16.02 14.89
C CYS A 1498 -26.09 -16.98 15.13
N PRO A 1499 -25.87 -18.29 15.07
CA PRO A 1499 -26.89 -19.23 15.51
C PRO A 1499 -26.82 -19.45 17.01
N PRO A 1500 -27.84 -19.03 17.75
CA PRO A 1500 -27.81 -19.22 19.22
C PRO A 1500 -27.68 -20.67 19.64
N GLY A 1501 -28.33 -21.59 18.93
CA GLY A 1501 -28.19 -23.00 19.22
C GLY A 1501 -27.39 -23.72 18.16
N ALA A 1502 -28.06 -24.49 17.31
CA ALA A 1502 -27.40 -25.16 16.20
C ALA A 1502 -28.46 -25.42 15.13
N GLY A 1503 -28.46 -24.58 14.09
CA GLY A 1503 -29.33 -24.84 12.96
C GLY A 1503 -28.90 -26.10 12.24
N GLY A 1504 -29.85 -27.00 11.98
CA GLY A 1504 -29.50 -28.31 11.47
C GLY A 1504 -28.63 -29.05 12.47
N LEU A 1505 -29.06 -29.05 13.73
CA LEU A 1505 -28.22 -29.55 14.80
C LEU A 1505 -27.74 -30.99 14.67
N PRO A 1506 -28.57 -31.98 14.29
CA PRO A 1506 -28.09 -33.37 14.34
C PRO A 1506 -26.98 -33.60 13.33
N PRO A 1507 -25.81 -34.02 13.79
CA PRO A 1507 -24.69 -34.25 12.88
C PRO A 1507 -25.03 -35.35 11.88
N PRO A 1508 -25.05 -35.02 10.59
CA PRO A 1508 -25.39 -36.03 9.58
C PRO A 1508 -24.33 -37.11 9.51
N GLN A 1509 -24.76 -38.28 9.02
CA GLN A 1509 -23.87 -39.43 8.92
C GLN A 1509 -22.65 -39.10 8.10
N ARG A 1510 -21.55 -39.80 8.38
CA ARG A 1510 -20.26 -39.50 7.78
C ARG A 1510 -19.62 -40.78 7.25
N LYS A 1511 -18.81 -40.62 6.22
CA LYS A 1511 -18.09 -41.74 5.61
C LYS A 1511 -16.92 -41.19 4.83
N GLN A 1512 -15.69 -41.50 5.26
CA GLN A 1512 -14.48 -41.01 4.59
C GLN A 1512 -14.11 -41.98 3.48
N ASN A 1513 -14.08 -41.47 2.25
CA ASN A 1513 -13.80 -42.30 1.08
C ASN A 1513 -12.47 -41.94 0.41
N THR A 1514 -12.31 -40.69 -0.02
CA THR A 1514 -11.07 -40.27 -0.68
C THR A 1514 -10.94 -38.76 -0.50
N ALA A 1515 -10.11 -38.35 0.46
CA ALA A 1515 -9.85 -36.95 0.77
C ALA A 1515 -11.11 -36.18 1.13
N ASP A 1516 -12.21 -36.89 1.41
CA ASP A 1516 -13.46 -36.25 1.77
C ASP A 1516 -14.31 -37.23 2.57
N ILE A 1517 -15.25 -36.69 3.33
CA ILE A 1517 -16.13 -37.47 4.18
C ILE A 1517 -17.56 -37.03 3.85
N LEU A 1518 -18.18 -37.68 2.87
CA LEU A 1518 -19.47 -37.22 2.38
C LEU A 1518 -20.56 -37.44 3.42
N GLN A 1519 -21.46 -36.46 3.52
CA GLN A 1519 -22.59 -36.50 4.45
C GLN A 1519 -23.81 -37.08 3.76
N ASP A 1520 -24.22 -38.28 4.17
CA ASP A 1520 -25.39 -38.92 3.58
C ASP A 1520 -26.65 -38.29 4.17
N LEU A 1521 -26.95 -37.07 3.73
CA LEU A 1521 -28.22 -36.45 4.08
C LEU A 1521 -29.36 -37.24 3.46
N THR A 1522 -30.52 -37.19 4.12
CA THR A 1522 -31.71 -37.87 3.60
C THR A 1522 -32.94 -37.24 4.23
N GLY A 1523 -33.77 -36.58 3.43
CA GLY A 1523 -35.00 -36.01 3.92
C GLY A 1523 -34.85 -34.76 4.75
N ARG A 1524 -33.65 -34.21 4.85
CA ARG A 1524 -33.43 -32.99 5.60
C ARG A 1524 -33.78 -31.78 4.75
N ASN A 1525 -34.14 -30.68 5.42
CA ASN A 1525 -34.35 -29.43 4.71
C ASN A 1525 -33.01 -28.85 4.33
N ILE A 1526 -32.51 -29.23 3.14
CA ILE A 1526 -31.13 -28.95 2.77
C ILE A 1526 -30.89 -27.44 2.68
N SER A 1527 -31.87 -26.69 2.18
CA SER A 1527 -31.70 -25.25 2.02
C SER A 1527 -31.43 -24.57 3.35
N ASP A 1528 -32.15 -24.95 4.40
CA ASP A 1528 -31.91 -24.39 5.72
C ASP A 1528 -30.63 -24.96 6.32
N TYR A 1529 -30.41 -26.27 6.16
CA TYR A 1529 -29.27 -26.92 6.81
C TYR A 1529 -27.95 -26.34 6.33
N LEU A 1530 -27.80 -26.17 5.01
CA LEU A 1530 -26.55 -25.62 4.49
C LEU A 1530 -26.31 -24.21 5.00
N VAL A 1531 -27.35 -23.38 4.94
CA VAL A 1531 -27.20 -21.98 5.38
C VAL A 1531 -26.80 -21.93 6.84
N LYS A 1532 -27.35 -22.80 7.67
CA LYS A 1532 -26.99 -22.78 9.08
C LYS A 1532 -25.58 -23.31 9.30
N THR A 1533 -25.31 -24.54 8.88
CA THR A 1533 -24.04 -25.18 9.18
C THR A 1533 -22.85 -24.47 8.55
N TYR A 1534 -23.03 -23.79 7.41
CA TYR A 1534 -21.92 -23.04 6.82
C TYR A 1534 -21.41 -21.98 7.79
N VAL A 1535 -22.30 -21.17 8.33
CA VAL A 1535 -21.90 -20.18 9.32
C VAL A 1535 -21.41 -20.86 10.59
N GLN A 1536 -22.11 -21.93 11.01
CA GLN A 1536 -21.75 -22.60 12.25
C GLN A 1536 -20.31 -23.12 12.21
N ILE A 1537 -19.79 -23.41 11.02
CA ILE A 1537 -18.41 -23.86 10.87
C ILE A 1537 -17.46 -22.70 10.61
N ILE A 1538 -17.88 -21.73 9.78
CA ILE A 1538 -16.98 -20.62 9.43
C ILE A 1538 -16.69 -19.75 10.63
N ALA A 1539 -17.71 -19.49 11.47
CA ALA A 1539 -17.45 -18.69 12.67
C ALA A 1539 -16.44 -19.36 13.59
N LYS A 1540 -16.59 -20.67 13.80
CA LYS A 1540 -15.64 -21.39 14.64
C LYS A 1540 -14.24 -21.38 14.05
N SER A 1541 -14.13 -21.59 12.74
CA SER A 1541 -12.82 -21.63 12.09
C SER A 1541 -12.23 -20.25 11.88
N LEU A 1542 -13.02 -19.19 12.08
CA LEU A 1542 -12.54 -17.82 11.92
C LEU A 1542 -12.22 -17.15 13.25
N LYS A 1543 -12.81 -17.61 14.35
CA LYS A 1543 -12.48 -17.03 15.65
C LYS A 1543 -11.00 -17.24 15.97
N ASN A 1544 -10.46 -18.41 15.67
CA ASN A 1544 -9.02 -18.62 15.81
C ASN A 1544 -8.23 -17.95 14.71
N LYS A 1545 -8.90 -17.51 13.65
CA LYS A 1545 -8.27 -16.86 12.50
C LYS A 1545 -7.15 -17.72 11.92
N ILE A 1546 -7.53 -18.90 11.41
CA ILE A 1546 -6.60 -19.73 10.66
C ILE A 1546 -6.50 -19.29 9.21
N TRP A 1547 -7.20 -18.23 8.84
CA TRP A 1547 -7.33 -17.79 7.44
C TRP A 1547 -7.87 -18.94 6.59
N VAL A 1548 -9.05 -19.40 6.96
CA VAL A 1548 -9.65 -20.62 6.42
C VAL A 1548 -10.35 -20.32 5.11
N ASN A 1549 -10.23 -21.26 4.17
CA ASN A 1549 -10.97 -21.19 2.92
C ASN A 1549 -12.42 -21.59 3.18
N GLU A 1550 -13.22 -21.66 2.12
CA GLU A 1550 -14.61 -22.08 2.26
C GLU A 1550 -14.70 -23.52 2.72
N PHE A 1551 -15.75 -23.83 3.48
CA PHE A 1551 -15.84 -25.12 4.15
C PHE A 1551 -16.13 -26.23 3.14
N ARG A 1552 -17.28 -26.16 2.46
CA ARG A 1552 -17.67 -27.13 1.45
C ARG A 1552 -17.81 -26.43 0.11
N TYR A 1553 -17.33 -27.08 -0.94
CA TYR A 1553 -17.33 -26.51 -2.28
C TYR A 1553 -18.43 -27.08 -3.17
N GLY A 1554 -19.25 -27.99 -2.67
CA GLY A 1554 -20.37 -28.47 -3.46
C GLY A 1554 -20.70 -29.94 -3.28
N GLY A 1555 -21.98 -30.26 -3.31
CA GLY A 1555 -22.46 -31.63 -3.31
C GLY A 1555 -23.57 -31.80 -4.30
N PHE A 1556 -24.44 -32.79 -4.12
CA PHE A 1556 -25.56 -32.95 -5.03
C PHE A 1556 -26.62 -33.83 -4.40
N SER A 1557 -27.87 -33.57 -4.77
CA SER A 1557 -29.02 -34.31 -4.28
C SER A 1557 -29.66 -35.07 -5.45
N LEU A 1558 -29.89 -36.36 -5.25
CA LEU A 1558 -30.56 -37.18 -6.25
C LEU A 1558 -32.06 -36.97 -6.15
N GLY A 1559 -32.82 -37.77 -6.87
CA GLY A 1559 -34.26 -37.70 -6.78
C GLY A 1559 -34.93 -38.25 -8.03
N VAL A 1560 -36.26 -38.22 -8.00
CA VAL A 1560 -37.09 -38.67 -9.10
C VAL A 1560 -38.18 -37.65 -9.33
N SER A 1561 -38.39 -37.27 -10.59
CA SER A 1561 -39.44 -36.31 -10.92
C SER A 1561 -40.81 -36.97 -10.79
N ASN A 1562 -41.82 -36.14 -10.58
CA ASN A 1562 -43.19 -36.63 -10.41
C ASN A 1562 -43.68 -37.31 -11.69
N THR A 1563 -44.36 -38.43 -11.52
CA THR A 1563 -44.87 -39.22 -12.63
C THR A 1563 -46.33 -38.91 -12.95
N GLN A 1564 -46.82 -37.74 -12.55
CA GLN A 1564 -48.19 -37.35 -12.83
C GLN A 1564 -48.42 -37.01 -14.30
N ALA A 1565 -47.37 -36.93 -15.11
CA ALA A 1565 -47.48 -36.55 -16.50
C ALA A 1565 -48.09 -37.70 -17.31
N LEU A 1566 -48.15 -37.52 -18.63
CA LEU A 1566 -48.73 -38.51 -19.51
C LEU A 1566 -47.83 -39.74 -19.61
N PRO A 1567 -48.37 -40.86 -20.09
CA PRO A 1567 -47.56 -42.09 -20.24
C PRO A 1567 -46.28 -41.83 -21.00
N PRO A 1568 -45.27 -42.69 -20.82
CA PRO A 1568 -43.94 -42.41 -21.39
C PRO A 1568 -43.90 -42.27 -22.90
N SER A 1569 -42.74 -41.87 -23.42
CA SER A 1569 -42.59 -41.61 -24.85
C SER A 1569 -42.80 -42.85 -25.70
N GLN A 1570 -42.73 -44.05 -25.11
CA GLN A 1570 -43.01 -45.26 -25.87
C GLN A 1570 -44.44 -45.24 -26.43
N GLU A 1571 -45.35 -44.54 -25.76
CA GLU A 1571 -46.69 -44.35 -26.28
C GLU A 1571 -46.80 -43.16 -27.21
N VAL A 1572 -46.06 -42.09 -26.96
CA VAL A 1572 -46.12 -40.91 -27.81
C VAL A 1572 -45.60 -41.22 -29.21
N ASN A 1573 -44.49 -41.96 -29.30
CA ASN A 1573 -43.94 -42.32 -30.60
C ASN A 1573 -44.91 -43.19 -31.38
N ASP A 1574 -45.53 -44.16 -30.70
CA ASP A 1574 -46.52 -45.02 -31.36
C ASP A 1574 -47.74 -44.19 -31.80
N ALA A 1575 -48.14 -43.22 -30.99
CA ALA A 1575 -49.25 -42.35 -31.38
C ALA A 1575 -48.90 -41.55 -32.63
N ILE A 1576 -47.67 -41.03 -32.70
CA ILE A 1576 -47.24 -40.29 -33.88
C ILE A 1576 -47.22 -41.20 -35.10
N LYS A 1577 -46.73 -42.43 -34.92
CA LYS A 1577 -46.69 -43.38 -36.04
C LYS A 1577 -48.09 -43.72 -36.53
N GLN A 1578 -49.03 -43.90 -35.60
CA GLN A 1578 -50.41 -44.19 -35.99
C GLN A 1578 -51.08 -43.00 -36.63
N MET A 1579 -50.71 -41.78 -36.21
CA MET A 1579 -51.32 -40.58 -36.77
C MET A 1579 -50.82 -40.34 -38.18
N LYS A 1580 -49.51 -40.46 -38.41
CA LYS A 1580 -48.95 -40.12 -39.72
C LYS A 1580 -49.47 -41.02 -40.82
N LYS A 1581 -49.62 -42.32 -40.53
CA LYS A 1581 -50.16 -43.24 -41.54
C LYS A 1581 -51.61 -42.90 -41.86
N HIS A 1582 -52.32 -42.27 -40.93
CA HIS A 1582 -53.66 -41.78 -41.19
C HIS A 1582 -53.60 -40.35 -41.71
N LEU A 1583 -54.77 -39.83 -42.12
CA LEU A 1583 -54.94 -38.45 -42.54
C LEU A 1583 -53.99 -38.09 -43.69
N LYS A 1584 -54.18 -38.79 -44.81
CA LYS A 1584 -53.43 -38.55 -46.04
C LYS A 1584 -51.92 -38.71 -45.81
N LEU A 1585 -51.54 -39.94 -45.50
CA LEU A 1585 -50.15 -40.28 -45.25
C LEU A 1585 -49.29 -39.90 -46.46
N ALA A 1586 -48.17 -39.25 -46.20
CA ALA A 1586 -47.24 -38.82 -47.24
C ALA A 1586 -45.83 -39.23 -46.86
N LYS A 1587 -45.03 -39.56 -47.87
CA LYS A 1587 -43.63 -39.96 -47.70
C LYS A 1587 -42.67 -38.89 -48.22
N ASP A 1588 -43.11 -37.64 -48.26
CA ASP A 1588 -42.26 -36.56 -48.75
C ASP A 1588 -41.19 -36.22 -47.73
N SER A 1589 -40.40 -35.20 -48.04
CA SER A 1589 -39.32 -34.75 -47.17
C SER A 1589 -39.78 -33.74 -46.13
N SER A 1590 -41.06 -33.38 -46.12
CA SER A 1590 -41.59 -32.39 -45.19
C SER A 1590 -42.43 -33.00 -44.08
N ALA A 1591 -43.39 -33.86 -44.41
CA ALA A 1591 -44.22 -34.47 -43.40
C ALA A 1591 -43.43 -35.43 -42.52
N ASP A 1592 -42.63 -36.29 -43.13
CA ASP A 1592 -41.86 -37.26 -42.37
C ASP A 1592 -40.90 -36.57 -41.41
N ARG A 1593 -40.14 -35.60 -41.92
CA ARG A 1593 -39.17 -34.90 -41.08
C ARG A 1593 -39.85 -34.15 -39.95
N PHE A 1594 -40.96 -33.45 -40.24
CA PHE A 1594 -41.65 -32.70 -39.20
C PHE A 1594 -42.21 -33.62 -38.13
N LEU A 1595 -42.84 -34.73 -38.54
CA LEU A 1595 -43.41 -35.65 -37.57
C LEU A 1595 -42.32 -36.30 -36.72
N ASN A 1596 -41.20 -36.68 -37.34
CA ASN A 1596 -40.11 -37.25 -36.56
C ASN A 1596 -39.53 -36.23 -35.58
N SER A 1597 -39.39 -34.98 -36.02
CA SER A 1597 -38.89 -33.93 -35.12
C SER A 1597 -39.86 -33.70 -33.97
N LEU A 1598 -41.17 -33.70 -34.24
CA LEU A 1598 -42.14 -33.54 -33.18
C LEU A 1598 -42.10 -34.70 -32.19
N GLY A 1599 -41.94 -35.92 -32.70
CA GLY A 1599 -41.80 -37.07 -31.82
C GLY A 1599 -40.57 -36.97 -30.94
N ARG A 1600 -39.44 -36.55 -31.52
CA ARG A 1600 -38.23 -36.37 -30.73
C ARG A 1600 -38.40 -35.25 -29.70
N PHE A 1601 -39.11 -34.18 -30.07
CA PHE A 1601 -39.35 -33.09 -29.14
C PHE A 1601 -40.19 -33.57 -27.96
N MET A 1602 -41.22 -34.37 -28.23
CA MET A 1602 -42.01 -34.95 -27.14
C MET A 1602 -41.16 -35.87 -26.27
N THR A 1603 -40.32 -36.70 -26.91
CA THR A 1603 -39.48 -37.61 -26.15
C THR A 1603 -38.45 -36.87 -25.30
N GLY A 1604 -38.05 -35.68 -25.72
CA GLY A 1604 -37.03 -34.94 -25.01
C GLY A 1604 -37.54 -34.02 -23.93
N LEU A 1605 -38.78 -34.23 -23.48
CA LEU A 1605 -39.36 -33.42 -22.42
C LEU A 1605 -39.69 -34.20 -21.16
N ASP A 1606 -39.37 -35.48 -21.09
CA ASP A 1606 -39.64 -36.30 -19.92
C ASP A 1606 -38.39 -36.46 -19.06
N THR A 1607 -38.61 -36.70 -17.78
CA THR A 1607 -37.52 -36.88 -16.81
C THR A 1607 -37.91 -38.02 -15.87
N LYS A 1608 -37.39 -39.23 -16.15
CA LYS A 1608 -37.64 -40.35 -15.26
C LYS A 1608 -36.93 -40.14 -13.92
N ASN A 1609 -35.78 -39.49 -13.93
CA ASN A 1609 -35.09 -39.08 -12.73
C ASN A 1609 -34.20 -37.89 -13.06
N ASN A 1610 -33.78 -37.17 -12.03
CA ASN A 1610 -32.96 -35.98 -12.25
C ASN A 1610 -32.15 -35.69 -10.99
N VAL A 1611 -30.85 -35.56 -11.15
CA VAL A 1611 -29.97 -35.15 -10.06
C VAL A 1611 -29.81 -33.64 -10.12
N LYS A 1612 -29.50 -33.04 -8.97
CA LYS A 1612 -29.34 -31.60 -8.87
C LYS A 1612 -28.04 -31.30 -8.14
N VAL A 1613 -27.17 -30.56 -8.81
CA VAL A 1613 -25.81 -30.31 -8.33
C VAL A 1613 -25.82 -29.04 -7.50
N TRP A 1614 -25.67 -29.18 -6.19
CA TRP A 1614 -25.55 -28.03 -5.29
C TRP A 1614 -24.10 -27.57 -5.33
N PHE A 1615 -23.79 -26.68 -6.27
CA PHE A 1615 -22.41 -26.25 -6.43
C PHE A 1615 -22.18 -24.93 -5.72
N ASN A 1616 -21.06 -24.84 -5.00
CA ASN A 1616 -20.64 -23.62 -4.35
C ASN A 1616 -19.83 -22.80 -5.34
N ASN A 1617 -20.31 -21.59 -5.65
CA ASN A 1617 -19.70 -20.79 -6.70
C ASN A 1617 -18.42 -20.10 -6.27
N LYS A 1618 -18.07 -20.15 -4.98
CA LYS A 1618 -16.83 -19.51 -4.54
C LYS A 1618 -15.63 -20.17 -5.19
N GLY A 1619 -15.59 -21.51 -5.18
CA GLY A 1619 -14.60 -22.22 -5.97
C GLY A 1619 -14.86 -21.99 -7.45
N TRP A 1620 -13.87 -21.46 -8.17
CA TRP A 1620 -14.11 -21.01 -9.53
C TRP A 1620 -14.49 -22.17 -10.44
N HIS A 1621 -13.83 -23.31 -10.29
CA HIS A 1621 -14.02 -24.46 -11.18
C HIS A 1621 -14.82 -25.58 -10.54
N ALA A 1622 -15.74 -25.23 -9.63
CA ALA A 1622 -16.55 -26.26 -8.98
C ALA A 1622 -17.62 -26.82 -9.89
N ILE A 1623 -18.22 -25.96 -10.72
CA ILE A 1623 -19.38 -26.37 -11.52
C ILE A 1623 -18.99 -27.50 -12.47
N SER A 1624 -17.98 -27.27 -13.31
CA SER A 1624 -17.57 -28.27 -14.27
C SER A 1624 -17.06 -29.53 -13.58
N SER A 1625 -16.33 -29.37 -12.48
CA SER A 1625 -15.78 -30.53 -11.78
C SER A 1625 -16.88 -31.43 -11.26
N PHE A 1626 -17.86 -30.85 -10.56
CA PHE A 1626 -18.94 -31.66 -10.01
C PHE A 1626 -19.83 -32.24 -11.11
N LEU A 1627 -20.02 -31.49 -12.20
CA LEU A 1627 -20.76 -32.04 -13.32
C LEU A 1627 -20.05 -33.26 -13.90
N ASN A 1628 -18.72 -33.18 -14.03
CA ASN A 1628 -17.94 -34.31 -14.52
C ASN A 1628 -18.04 -35.49 -13.57
N VAL A 1629 -18.00 -35.22 -12.25
CA VAL A 1629 -18.10 -36.29 -11.27
C VAL A 1629 -19.43 -37.02 -11.40
N ILE A 1630 -20.52 -36.26 -11.50
CA ILE A 1630 -21.84 -36.89 -11.58
C ILE A 1630 -22.01 -37.62 -12.90
N ASN A 1631 -21.48 -37.06 -13.99
CA ASN A 1631 -21.57 -37.77 -15.27
C ASN A 1631 -20.77 -39.08 -15.25
N ASN A 1632 -19.62 -39.07 -14.59
CA ASN A 1632 -18.88 -40.31 -14.40
C ASN A 1632 -19.71 -41.31 -13.61
N ALA A 1633 -20.39 -40.84 -12.57
CA ALA A 1633 -21.27 -41.72 -11.81
C ALA A 1633 -22.39 -42.28 -12.69
N ILE A 1634 -22.94 -41.44 -13.56
CA ILE A 1634 -24.03 -41.88 -14.45
C ILE A 1634 -23.53 -42.98 -15.37
N LEU A 1635 -22.35 -42.80 -15.96
CA LEU A 1635 -21.81 -43.83 -16.84
C LEU A 1635 -21.51 -45.11 -16.08
N ARG A 1636 -20.96 -44.98 -14.87
CA ARG A 1636 -20.67 -46.18 -14.08
C ARG A 1636 -21.95 -46.93 -13.71
N ALA A 1637 -23.04 -46.21 -13.44
CA ALA A 1637 -24.30 -46.84 -13.11
C ALA A 1637 -24.99 -47.44 -14.32
N ASN A 1638 -24.87 -46.82 -15.50
CA ASN A 1638 -25.62 -47.26 -16.65
C ASN A 1638 -25.09 -48.56 -17.25
N LEU A 1639 -23.79 -48.83 -17.10
CA LEU A 1639 -23.20 -50.04 -17.68
C LEU A 1639 -23.83 -51.28 -17.07
N GLN A 1640 -24.06 -52.29 -17.89
CA GLN A 1640 -24.75 -53.51 -17.48
C GLN A 1640 -23.79 -54.68 -17.53
N LYS A 1641 -23.74 -55.44 -16.43
CA LYS A 1641 -22.96 -56.67 -16.35
C LYS A 1641 -21.49 -56.44 -16.67
N GLY A 1642 -20.99 -55.24 -16.39
CA GLY A 1642 -19.60 -54.95 -16.62
C GLY A 1642 -18.70 -55.70 -15.67
N GLU A 1643 -17.47 -55.97 -16.12
CA GLU A 1643 -16.50 -56.66 -15.27
C GLU A 1643 -16.15 -55.83 -14.05
N ASN A 1644 -15.96 -54.52 -14.23
CA ASN A 1644 -15.72 -53.61 -13.13
C ASN A 1644 -15.97 -52.18 -13.58
N PRO A 1645 -16.75 -51.39 -12.84
CA PRO A 1645 -16.95 -49.98 -13.21
C PRO A 1645 -15.78 -49.09 -12.86
N SER A 1646 -14.70 -49.64 -12.30
CA SER A 1646 -13.52 -48.84 -11.99
C SER A 1646 -12.73 -48.50 -13.24
N HIS A 1647 -12.81 -49.34 -14.27
CA HIS A 1647 -12.00 -49.12 -15.47
C HIS A 1647 -12.44 -47.87 -16.23
N TYR A 1648 -13.75 -47.60 -16.27
CA TYR A 1648 -14.27 -46.51 -17.09
C TYR A 1648 -14.03 -45.17 -16.38
N GLY A 1649 -14.57 -44.10 -16.96
CA GLY A 1649 -14.41 -42.76 -16.42
C GLY A 1649 -14.18 -41.74 -17.52
N ILE A 1650 -14.49 -40.49 -17.21
CA ILE A 1650 -14.35 -39.40 -18.18
C ILE A 1650 -13.66 -38.23 -17.47
N THR A 1651 -12.78 -37.55 -18.21
CA THR A 1651 -12.15 -36.34 -17.74
C THR A 1651 -12.28 -35.25 -18.79
N ALA A 1652 -12.39 -33.99 -18.35
CA ALA A 1652 -12.68 -32.89 -19.25
C ALA A 1652 -11.81 -31.69 -18.89
N PHE A 1653 -10.65 -31.58 -19.54
CA PHE A 1653 -9.77 -30.44 -19.35
C PHE A 1653 -10.43 -29.16 -19.82
N ASN A 1654 -10.09 -28.07 -19.13
CA ASN A 1654 -10.40 -26.71 -19.59
C ASN A 1654 -9.09 -26.07 -20.00
N HIS A 1655 -9.04 -25.54 -21.22
CA HIS A 1655 -7.81 -24.97 -21.76
C HIS A 1655 -8.14 -23.94 -22.83
N PRO A 1656 -8.24 -22.67 -22.47
CA PRO A 1656 -8.71 -21.67 -23.44
C PRO A 1656 -7.80 -21.48 -24.65
N LEU A 1657 -8.26 -20.67 -25.61
CA LEU A 1657 -7.50 -20.42 -26.82
C LEU A 1657 -6.34 -19.47 -26.53
N ASN A 1658 -5.49 -19.28 -27.53
CA ASN A 1658 -4.52 -18.19 -27.48
C ASN A 1658 -5.23 -16.87 -27.67
N LEU A 1659 -4.69 -15.83 -27.03
CA LEU A 1659 -5.34 -14.53 -27.04
C LEU A 1659 -5.28 -13.90 -28.43
N THR A 1660 -6.17 -12.95 -28.67
CA THR A 1660 -6.24 -12.26 -29.94
C THR A 1660 -5.36 -11.01 -29.90
N LYS A 1661 -5.47 -10.17 -30.92
CA LYS A 1661 -4.61 -8.98 -30.99
C LYS A 1661 -4.92 -8.00 -29.87
N GLN A 1662 -6.20 -7.67 -29.68
CA GLN A 1662 -6.58 -6.72 -28.64
C GLN A 1662 -6.24 -7.26 -27.25
N GLN A 1663 -6.52 -8.55 -27.02
CA GLN A 1663 -6.21 -9.14 -25.72
C GLN A 1663 -4.71 -9.17 -25.47
N LEU A 1664 -3.91 -9.47 -26.49
CA LEU A 1664 -2.46 -9.47 -26.33
C LEU A 1664 -1.94 -8.06 -26.04
N SER A 1665 -2.49 -7.05 -26.73
CA SER A 1665 -2.10 -5.68 -26.43
C SER A 1665 -2.47 -5.30 -25.00
N GLU A 1666 -3.65 -5.71 -24.56
CA GLU A 1666 -4.10 -5.38 -23.21
C GLU A 1666 -3.21 -6.04 -22.16
N VAL A 1667 -2.84 -7.31 -22.36
CA VAL A 1667 -1.98 -7.97 -21.38
C VAL A 1667 -0.57 -7.39 -21.42
N ALA A 1668 -0.11 -6.94 -22.59
CA ALA A 1668 1.17 -6.24 -22.63
C ALA A 1668 1.12 -4.94 -21.84
N LEU A 1669 0.02 -4.20 -21.97
CA LEU A 1669 -0.14 -2.97 -21.19
C LEU A 1669 -0.19 -3.28 -19.69
N MET A 1670 -0.85 -4.37 -19.31
CA MET A 1670 -0.89 -4.76 -17.91
C MET A 1670 0.50 -5.13 -17.39
N THR A 1671 1.30 -5.83 -18.21
CA THR A 1671 2.67 -6.14 -17.83
C THR A 1671 3.49 -4.87 -17.66
N THR A 1672 3.25 -3.88 -18.53
CA THR A 1672 3.90 -2.58 -18.36
C THR A 1672 3.50 -1.93 -17.04
N SER A 1673 2.21 -1.95 -16.71
CA SER A 1673 1.75 -1.38 -15.45
C SER A 1673 2.39 -2.08 -14.27
N VAL A 1674 2.63 -3.39 -14.39
CA VAL A 1674 3.32 -4.13 -13.32
C VAL A 1674 4.78 -3.70 -13.23
N ASP A 1675 5.46 -3.57 -14.38
CA ASP A 1675 6.88 -3.20 -14.40
C ASP A 1675 7.12 -1.74 -14.02
N VAL A 1676 6.05 -0.95 -13.90
CA VAL A 1676 6.19 0.43 -13.42
C VAL A 1676 6.95 0.47 -12.10
N LEU A 1677 6.65 -0.47 -11.20
CA LEU A 1677 7.33 -0.47 -9.90
C LEU A 1677 8.83 -0.77 -10.04
N VAL A 1678 9.18 -1.70 -10.92
CA VAL A 1678 10.60 -1.97 -11.16
C VAL A 1678 11.28 -0.73 -11.69
N SER A 1679 10.62 -0.02 -12.61
CA SER A 1679 11.20 1.21 -13.14
C SER A 1679 11.38 2.25 -12.05
N ILE A 1680 10.40 2.39 -11.16
CA ILE A 1680 10.51 3.40 -10.12
C ILE A 1680 11.62 3.04 -9.14
N CYS A 1681 11.81 1.75 -8.86
CA CYS A 1681 12.92 1.34 -8.00
C CYS A 1681 14.27 1.64 -8.65
N VAL A 1682 14.39 1.35 -9.95
CA VAL A 1682 15.66 1.59 -10.64
C VAL A 1682 15.97 3.09 -10.66
N ILE A 1683 14.96 3.91 -10.96
CA ILE A 1683 15.20 5.35 -11.01
C ILE A 1683 15.48 5.88 -9.60
N PHE A 1684 14.88 5.29 -8.57
CA PHE A 1684 15.25 5.63 -7.21
C PHE A 1684 16.73 5.40 -6.95
N ALA A 1685 17.22 4.21 -7.29
CA ALA A 1685 18.63 3.91 -7.04
C ALA A 1685 19.55 4.84 -7.83
N MET A 1686 19.24 5.04 -9.11
CA MET A 1686 20.11 5.83 -9.98
C MET A 1686 20.05 7.32 -9.71
N SER A 1687 18.96 7.83 -9.14
CA SER A 1687 18.91 9.22 -8.70
C SER A 1687 19.32 9.37 -7.24
N PHE A 1688 19.49 8.27 -6.52
CA PHE A 1688 20.01 8.30 -5.17
C PHE A 1688 21.53 8.24 -5.14
N VAL A 1689 22.15 7.63 -6.16
CA VAL A 1689 23.61 7.54 -6.21
C VAL A 1689 24.30 8.91 -6.20
N PRO A 1690 23.83 9.96 -6.89
CA PRO A 1690 24.57 11.23 -6.85
C PRO A 1690 24.48 11.96 -5.52
N ALA A 1691 23.70 11.44 -4.57
CA ALA A 1691 23.61 12.07 -3.26
C ALA A 1691 24.97 12.07 -2.57
N SER A 1692 25.74 11.00 -2.73
CA SER A 1692 27.08 10.96 -2.15
C SER A 1692 27.95 12.07 -2.71
N PHE A 1693 27.92 12.26 -4.03
CA PHE A 1693 28.71 13.31 -4.66
C PHE A 1693 28.30 14.68 -4.14
N VAL A 1694 27.00 14.94 -4.06
CA VAL A 1694 26.56 16.27 -3.66
C VAL A 1694 26.88 16.53 -2.19
N VAL A 1695 26.68 15.52 -1.32
CA VAL A 1695 26.97 15.75 0.09
C VAL A 1695 28.46 15.92 0.30
N PHE A 1696 29.31 15.24 -0.47
CA PHE A 1696 30.74 15.52 -0.39
C PHE A 1696 31.04 16.93 -0.88
N LEU A 1697 30.28 17.42 -1.86
CA LEU A 1697 30.47 18.78 -2.32
C LEU A 1697 30.19 19.79 -1.22
N ILE A 1698 29.07 19.64 -0.51
CA ILE A 1698 28.83 20.52 0.64
C ILE A 1698 29.89 20.30 1.73
N GLN A 1699 30.34 19.06 1.90
CA GLN A 1699 31.37 18.79 2.91
C GLN A 1699 32.64 19.59 2.64
N GLU A 1700 33.08 19.62 1.38
CA GLU A 1700 34.27 20.39 1.05
C GLU A 1700 33.97 21.88 0.92
N ARG A 1701 32.72 22.27 0.75
CA ARG A 1701 32.39 23.68 0.57
C ARG A 1701 32.41 24.47 1.86
N VAL A 1702 32.11 23.85 3.01
CA VAL A 1702 31.86 24.60 4.24
C VAL A 1702 33.22 24.88 4.86
N SER A 1703 33.86 25.94 4.35
CA SER A 1703 35.13 26.45 4.89
C SER A 1703 36.18 25.35 4.99
N LYS A 1704 36.18 24.42 4.02
CA LYS A 1704 37.13 23.33 4.01
C LYS A 1704 38.08 23.41 2.82
N ALA A 1705 37.55 23.44 1.60
CA ALA A 1705 38.40 23.54 0.42
C ALA A 1705 37.94 24.51 -0.65
N LYS A 1706 36.64 24.84 -0.73
CA LYS A 1706 36.16 25.66 -1.84
C LYS A 1706 36.85 27.02 -1.87
N HIS A 1707 36.61 27.83 -0.84
CA HIS A 1707 37.28 29.13 -0.75
C HIS A 1707 38.80 28.95 -0.66
N LEU A 1708 39.25 27.98 0.13
CA LEU A 1708 40.68 27.78 0.34
C LEU A 1708 41.38 27.47 -0.98
N GLN A 1709 40.79 26.62 -1.81
CA GLN A 1709 41.32 26.44 -3.16
C GLN A 1709 41.12 27.69 -4.01
N PHE A 1710 40.13 28.52 -3.67
CA PHE A 1710 39.90 29.72 -4.47
C PHE A 1710 41.00 30.76 -4.29
N ILE A 1711 41.60 30.86 -3.10
CA ILE A 1711 42.76 31.74 -2.95
C ILE A 1711 43.88 31.31 -3.90
N SER A 1712 44.19 30.01 -3.91
CA SER A 1712 45.19 29.50 -4.83
C SER A 1712 44.70 29.60 -6.27
N GLY A 1713 45.63 29.88 -7.17
CA GLY A 1713 45.28 29.93 -8.58
C GLY A 1713 44.91 28.56 -9.09
N VAL A 1714 43.63 28.34 -9.34
CA VAL A 1714 43.13 27.02 -9.71
C VAL A 1714 42.24 27.11 -10.95
N LYS A 1715 42.01 28.33 -11.44
CA LYS A 1715 41.14 28.57 -12.59
C LYS A 1715 39.77 27.93 -12.36
N PRO A 1716 38.92 28.54 -11.53
CA PRO A 1716 37.66 27.90 -11.10
C PRO A 1716 36.84 27.28 -12.21
N VAL A 1717 37.08 27.68 -13.46
CA VAL A 1717 36.39 27.06 -14.59
C VAL A 1717 36.74 25.58 -14.67
N ILE A 1718 38.01 25.23 -14.48
CA ILE A 1718 38.43 23.84 -14.63
C ILE A 1718 38.18 23.02 -13.38
N TYR A 1719 38.02 23.66 -12.21
CA TYR A 1719 37.77 22.92 -10.98
C TYR A 1719 36.46 22.15 -11.05
N TRP A 1720 35.39 22.82 -11.51
CA TRP A 1720 34.09 22.16 -11.62
C TRP A 1720 34.13 21.09 -12.71
N LEU A 1721 34.87 21.32 -13.79
CA LEU A 1721 35.01 20.30 -14.83
C LEU A 1721 35.70 19.07 -14.28
N SER A 1722 36.74 19.26 -13.45
CA SER A 1722 37.42 18.13 -12.82
C SER A 1722 36.48 17.38 -11.88
N ASN A 1723 35.67 18.12 -11.11
CA ASN A 1723 34.70 17.47 -10.24
C ASN A 1723 33.71 16.64 -11.05
N PHE A 1724 33.22 17.18 -12.16
CA PHE A 1724 32.31 16.44 -13.03
C PHE A 1724 32.99 15.20 -13.62
N VAL A 1725 34.26 15.34 -14.01
CA VAL A 1725 35.00 14.21 -14.55
C VAL A 1725 35.10 13.10 -13.51
N TRP A 1726 35.40 13.45 -12.26
CA TRP A 1726 35.37 12.45 -11.20
C TRP A 1726 33.99 11.86 -11.04
N ASP A 1727 32.95 12.68 -11.08
CA ASP A 1727 31.61 12.16 -10.87
C ASP A 1727 31.27 11.11 -11.91
N MET A 1728 31.60 11.37 -13.17
CA MET A 1728 31.43 10.36 -14.20
C MET A 1728 32.32 9.14 -13.95
N CYS A 1729 33.58 9.36 -13.60
CA CYS A 1729 34.51 8.24 -13.43
C CYS A 1729 34.11 7.35 -12.27
N ASN A 1730 33.37 7.87 -11.30
CA ASN A 1730 32.93 7.07 -10.17
C ASN A 1730 31.55 6.48 -10.43
N TYR A 1731 30.71 7.19 -11.20
CA TYR A 1731 29.36 6.72 -11.51
C TYR A 1731 29.34 5.41 -12.28
N VAL A 1732 30.43 5.08 -12.99
CA VAL A 1732 30.41 3.89 -13.83
C VAL A 1732 30.27 2.63 -12.99
N VAL A 1733 30.95 2.59 -11.83
CA VAL A 1733 30.92 1.37 -11.01
C VAL A 1733 29.52 1.00 -10.56
N PRO A 1734 28.73 1.90 -9.95
CA PRO A 1734 27.32 1.54 -9.69
C PRO A 1734 26.55 1.25 -10.96
N ALA A 1735 26.86 1.96 -12.05
CA ALA A 1735 26.18 1.69 -13.31
C ALA A 1735 26.50 0.31 -13.84
N THR A 1736 27.78 -0.07 -13.83
CA THR A 1736 28.14 -1.42 -14.27
C THR A 1736 27.52 -2.48 -13.37
N LEU A 1737 27.52 -2.25 -12.06
CA LEU A 1737 26.93 -3.24 -11.15
C LEU A 1737 25.43 -3.38 -11.37
N VAL A 1738 24.72 -2.27 -11.62
CA VAL A 1738 23.29 -2.38 -11.83
C VAL A 1738 22.97 -2.92 -13.23
N ILE A 1739 23.89 -2.81 -14.18
CA ILE A 1739 23.72 -3.53 -15.44
C ILE A 1739 23.90 -5.03 -15.22
N ILE A 1740 24.91 -5.41 -14.45
CA ILE A 1740 25.21 -6.83 -14.25
C ILE A 1740 24.16 -7.49 -13.35
N ILE A 1741 23.49 -6.72 -12.50
CA ILE A 1741 22.66 -7.31 -11.46
C ILE A 1741 21.49 -8.08 -12.07
N PHE A 1742 20.93 -7.59 -13.18
CA PHE A 1742 19.84 -8.30 -13.85
C PHE A 1742 20.26 -8.81 -15.22
N ILE A 1743 21.56 -8.86 -15.49
CA ILE A 1743 22.02 -9.50 -16.72
C ILE A 1743 22.24 -10.99 -16.49
N CYS A 1744 22.45 -11.41 -15.24
CA CYS A 1744 22.52 -12.84 -14.94
C CYS A 1744 21.16 -13.50 -15.11
N PHE A 1745 20.10 -12.80 -14.73
CA PHE A 1745 18.74 -13.31 -14.92
C PHE A 1745 18.30 -13.05 -16.35
N GLN A 1746 17.02 -13.25 -16.63
CA GLN A 1746 16.46 -13.10 -17.97
C GLN A 1746 15.29 -12.14 -17.95
N GLN A 1747 15.46 -11.00 -17.29
CA GLN A 1747 14.45 -9.96 -17.22
C GLN A 1747 15.05 -8.62 -17.61
N LYS A 1748 14.38 -7.90 -18.50
CA LYS A 1748 14.70 -6.54 -18.94
C LYS A 1748 15.97 -6.46 -19.77
N SER A 1749 16.69 -7.57 -19.96
CA SER A 1749 17.90 -7.56 -20.75
C SER A 1749 18.19 -8.98 -21.23
N TYR A 1750 18.72 -9.09 -22.44
CA TYR A 1750 19.00 -10.39 -23.04
C TYR A 1750 20.24 -10.26 -23.91
N VAL A 1751 20.59 -11.36 -24.60
CA VAL A 1751 21.71 -11.34 -25.52
C VAL A 1751 21.41 -10.50 -26.75
N SER A 1752 20.14 -10.19 -26.99
CA SER A 1752 19.75 -9.42 -28.16
C SER A 1752 20.30 -8.01 -28.10
N SER A 1753 20.57 -7.45 -29.28
CA SER A 1753 21.08 -6.08 -29.40
C SER A 1753 19.98 -5.03 -29.32
N THR A 1754 18.75 -5.44 -28.98
CA THR A 1754 17.65 -4.50 -28.78
C THR A 1754 17.46 -4.11 -27.33
N ASN A 1755 18.26 -4.66 -26.42
CA ASN A 1755 18.15 -4.36 -24.99
C ASN A 1755 19.40 -3.70 -24.44
N LEU A 1756 20.58 -4.31 -24.66
CA LEU A 1756 21.81 -3.77 -24.09
C LEU A 1756 22.15 -2.37 -24.58
N PRO A 1757 22.16 -2.08 -25.88
CA PRO A 1757 22.53 -0.71 -26.30
C PRO A 1757 21.62 0.38 -25.78
N VAL A 1758 20.32 0.08 -25.61
CA VAL A 1758 19.38 1.11 -25.18
C VAL A 1758 19.24 1.20 -23.67
N LEU A 1759 19.80 0.26 -22.92
CA LEU A 1759 19.73 0.28 -21.46
C LEU A 1759 21.07 0.58 -20.81
N ALA A 1760 22.14 -0.12 -21.21
CA ALA A 1760 23.45 0.12 -20.63
C ALA A 1760 23.94 1.53 -20.95
N LEU A 1761 23.78 1.96 -22.20
CA LEU A 1761 24.20 3.31 -22.57
C LEU A 1761 23.37 4.36 -21.82
N LEU A 1762 22.06 4.13 -21.71
CA LEU A 1762 21.21 5.06 -20.99
C LEU A 1762 21.64 5.17 -19.52
N LEU A 1763 21.91 4.02 -18.89
CA LEU A 1763 22.33 4.04 -17.49
C LEU A 1763 23.67 4.74 -17.32
N LEU A 1764 24.62 4.44 -18.21
CA LEU A 1764 25.95 5.07 -18.11
C LEU A 1764 25.86 6.58 -18.31
N LEU A 1765 25.05 7.03 -19.27
CA LEU A 1765 24.99 8.43 -19.63
C LEU A 1765 23.98 9.21 -18.79
N TYR A 1766 23.19 8.54 -17.97
CA TYR A 1766 22.29 9.23 -17.05
C TYR A 1766 23.04 10.14 -16.08
N GLY A 1767 24.30 9.83 -15.78
CA GLY A 1767 25.10 10.75 -14.99
C GLY A 1767 25.25 12.11 -15.66
N TRP A 1768 25.43 12.11 -16.99
CA TRP A 1768 25.55 13.35 -17.75
C TRP A 1768 24.38 14.28 -17.53
N SER A 1769 23.20 13.74 -17.22
CA SER A 1769 22.01 14.55 -16.99
C SER A 1769 21.74 14.79 -15.50
N ILE A 1770 22.13 13.86 -14.64
CA ILE A 1770 21.73 13.96 -13.23
C ILE A 1770 22.75 14.75 -12.42
N THR A 1771 24.03 14.59 -12.72
CA THR A 1771 25.05 15.23 -11.88
C THR A 1771 25.21 16.72 -12.13
N PRO A 1772 25.14 17.25 -13.36
CA PRO A 1772 25.21 18.72 -13.51
C PRO A 1772 24.11 19.47 -12.78
N LEU A 1773 22.91 18.89 -12.68
CA LEU A 1773 21.81 19.58 -12.03
C LEU A 1773 21.96 19.57 -10.51
N MET A 1774 22.73 18.62 -9.96
CA MET A 1774 22.93 18.58 -8.52
C MET A 1774 23.81 19.72 -8.03
N TYR A 1775 24.73 20.20 -8.86
CA TYR A 1775 25.65 21.25 -8.44
C TYR A 1775 24.95 22.55 -8.04
N PRO A 1776 24.00 23.08 -8.81
CA PRO A 1776 23.32 24.30 -8.34
C PRO A 1776 22.53 24.10 -7.05
N ALA A 1777 22.17 22.87 -6.71
CA ALA A 1777 21.48 22.58 -5.47
C ALA A 1777 22.42 22.55 -4.27
N SER A 1778 23.67 22.98 -4.45
CA SER A 1778 24.65 23.03 -3.37
C SER A 1778 25.29 24.40 -3.21
N PHE A 1779 25.05 25.33 -4.13
CA PHE A 1779 25.69 26.64 -4.05
C PHE A 1779 25.24 27.39 -2.79
N VAL A 1780 23.96 27.74 -2.73
CA VAL A 1780 23.39 28.39 -1.55
C VAL A 1780 22.72 27.28 -0.75
N PHE A 1781 23.49 26.62 0.11
CA PHE A 1781 22.97 25.54 0.95
C PHE A 1781 23.80 25.55 2.23
N LYS A 1782 23.34 26.30 3.22
CA LYS A 1782 24.12 26.55 4.43
C LYS A 1782 23.75 25.56 5.54
N ILE A 1783 23.90 24.29 5.22
CA ILE A 1783 23.61 23.20 6.16
C ILE A 1783 24.25 21.92 5.63
N PRO A 1784 25.05 21.22 6.42
CA PRO A 1784 25.77 20.05 5.92
C PRO A 1784 25.04 18.73 6.13
N SER A 1785 25.29 17.81 5.20
CA SER A 1785 24.87 16.41 5.31
C SER A 1785 23.35 16.26 5.47
N THR A 1786 22.59 17.24 4.98
CA THR A 1786 21.13 17.12 4.95
C THR A 1786 20.55 17.09 3.55
N ALA A 1787 21.31 17.51 2.53
CA ALA A 1787 20.85 17.36 1.16
C ALA A 1787 20.66 15.90 0.78
N TYR A 1788 21.34 15.00 1.50
CA TYR A 1788 21.24 13.56 1.21
C TYR A 1788 19.81 13.07 1.31
N VAL A 1789 18.96 13.77 2.07
CA VAL A 1789 17.57 13.38 2.25
C VAL A 1789 16.64 14.21 1.36
N VAL A 1790 16.82 15.53 1.35
CA VAL A 1790 15.90 16.39 0.61
C VAL A 1790 16.05 16.18 -0.90
N LEU A 1791 17.29 15.96 -1.37
CA LEU A 1791 17.48 15.70 -2.80
C LEU A 1791 16.83 14.39 -3.21
N THR A 1792 16.96 13.35 -2.36
CA THR A 1792 16.29 12.09 -2.65
C THR A 1792 14.77 12.26 -2.67
N SER A 1793 14.24 13.03 -1.72
CA SER A 1793 12.80 13.23 -1.66
C SER A 1793 12.29 13.97 -2.90
N VAL A 1794 12.99 15.03 -3.30
CA VAL A 1794 12.54 15.79 -4.48
C VAL A 1794 12.72 14.96 -5.75
N ASN A 1795 13.73 14.10 -5.80
CA ASN A 1795 13.88 13.22 -6.95
C ASN A 1795 12.75 12.19 -7.01
N LEU A 1796 12.34 11.66 -5.85
CA LEU A 1796 11.17 10.78 -5.83
C LEU A 1796 9.91 11.51 -6.29
N PHE A 1797 9.68 12.72 -5.79
CA PHE A 1797 8.48 13.45 -6.17
C PHE A 1797 8.50 13.82 -7.65
N ILE A 1798 9.68 14.04 -8.22
CA ILE A 1798 9.79 14.21 -9.66
C ILE A 1798 9.47 12.91 -10.38
N GLY A 1799 10.04 11.80 -9.93
CA GLY A 1799 9.87 10.54 -10.62
C GLY A 1799 8.45 10.02 -10.59
N ILE A 1800 7.79 10.12 -9.43
CA ILE A 1800 6.42 9.65 -9.29
C ILE A 1800 5.47 10.62 -9.97
N ILE A 1820 -5.80 13.01 -24.79
CA ILE A 1820 -4.56 12.37 -25.19
C ILE A 1820 -3.54 13.42 -25.60
N ASN A 1821 -3.95 14.69 -25.55
CA ASN A 1821 -3.04 15.78 -25.91
C ASN A 1821 -1.88 15.88 -24.92
N ASP A 1822 -2.16 15.67 -23.64
CA ASP A 1822 -1.10 15.75 -22.63
C ASP A 1822 -0.06 14.66 -22.83
N ILE A 1823 -0.51 13.44 -23.16
CA ILE A 1823 0.43 12.35 -23.38
C ILE A 1823 1.33 12.65 -24.58
N LEU A 1824 0.77 13.18 -25.66
CA LEU A 1824 1.57 13.54 -26.83
C LEU A 1824 2.51 14.70 -26.56
N LYS A 1825 2.08 15.68 -25.76
CA LYS A 1825 2.92 16.83 -25.46
C LYS A 1825 3.96 16.55 -24.36
N SER A 1826 3.82 15.44 -23.64
CA SER A 1826 4.80 15.11 -22.61
C SER A 1826 6.19 14.89 -23.18
N VAL A 1827 6.28 14.55 -24.47
CA VAL A 1827 7.59 14.39 -25.10
C VAL A 1827 8.35 15.71 -25.11
N PHE A 1828 7.66 16.80 -25.49
CA PHE A 1828 8.29 18.12 -25.46
C PHE A 1828 8.37 18.68 -24.05
N LEU A 1829 7.40 18.33 -23.18
CA LEU A 1829 7.43 18.83 -21.81
C LEU A 1829 8.63 18.30 -21.04
N ILE A 1830 8.97 17.02 -21.24
CA ILE A 1830 10.13 16.43 -20.59
C ILE A 1830 11.41 16.59 -21.39
N PHE A 1831 11.36 17.27 -22.53
CA PHE A 1831 12.56 17.51 -23.31
C PHE A 1831 13.59 18.34 -22.57
N PRO A 1832 13.26 19.47 -21.95
CA PRO A 1832 14.26 20.18 -21.14
C PRO A 1832 14.53 19.55 -19.79
N HIS A 1833 13.62 18.71 -19.29
CA HIS A 1833 13.82 18.05 -18.02
C HIS A 1833 14.80 16.88 -18.17
N PHE A 1834 15.32 16.42 -17.03
CA PHE A 1834 16.38 15.41 -17.04
C PHE A 1834 16.08 14.17 -16.23
N CYS A 1835 15.14 14.22 -15.27
CA CYS A 1835 14.93 13.10 -14.35
C CYS A 1835 13.67 12.31 -14.65
N LEU A 1836 12.53 12.98 -14.77
CA LEU A 1836 11.26 12.27 -14.94
C LEU A 1836 11.22 11.47 -16.23
N GLY A 1837 11.76 12.03 -17.32
CA GLY A 1837 11.67 11.37 -18.61
C GLY A 1837 12.41 10.04 -18.68
N ARG A 1838 13.39 9.84 -17.78
CA ARG A 1838 14.21 8.65 -17.86
C ARG A 1838 13.40 7.39 -17.64
N GLY A 1839 12.63 7.34 -16.54
CA GLY A 1839 11.81 6.17 -16.28
C GLY A 1839 10.73 5.97 -17.30
N LEU A 1840 10.12 7.06 -17.76
CA LEU A 1840 9.08 6.95 -18.78
C LEU A 1840 9.63 6.34 -20.06
N ILE A 1841 10.81 6.79 -20.50
CA ILE A 1841 11.42 6.25 -21.71
C ILE A 1841 11.86 4.81 -21.51
N ASP A 1842 12.36 4.48 -20.31
CA ASP A 1842 12.70 3.09 -20.01
C ASP A 1842 11.47 2.19 -20.11
N MET A 1843 10.34 2.67 -19.59
CA MET A 1843 9.10 1.89 -19.70
C MET A 1843 8.63 1.78 -21.14
N VAL A 1844 8.79 2.84 -21.92
CA VAL A 1844 8.45 2.77 -23.34
C VAL A 1844 9.30 1.70 -24.02
N LYS A 1845 10.60 1.66 -23.72
CA LYS A 1845 11.47 0.65 -24.30
C LYS A 1845 11.03 -0.76 -23.88
N ASN A 1846 10.72 -0.95 -22.60
CA ASN A 1846 10.34 -2.28 -22.12
C ASN A 1846 9.03 -2.73 -22.78
N GLN A 1847 8.04 -1.84 -22.83
CA GLN A 1847 6.77 -2.21 -23.44
C GLN A 1847 6.90 -2.44 -24.93
N ALA A 1848 7.76 -1.67 -25.62
CA ALA A 1848 7.98 -1.90 -27.03
C ALA A 1848 8.62 -3.25 -27.27
N MET A 1849 9.61 -3.62 -26.45
CA MET A 1849 10.24 -4.93 -26.59
C MET A 1849 9.25 -6.06 -26.33
N ALA A 1850 8.43 -5.91 -25.28
CA ALA A 1850 7.44 -6.94 -24.98
C ALA A 1850 6.41 -7.07 -26.10
N ASP A 1851 5.92 -5.94 -26.61
CA ASP A 1851 4.96 -5.97 -27.70
C ASP A 1851 5.56 -6.60 -28.95
N ALA A 1852 6.82 -6.27 -29.25
CA ALA A 1852 7.47 -6.84 -30.42
C ALA A 1852 7.61 -8.35 -30.27
N LEU A 1853 8.03 -8.83 -29.10
CA LEU A 1853 8.18 -10.27 -28.93
C LEU A 1853 6.84 -10.99 -29.04
N GLU A 1854 5.80 -10.46 -28.37
CA GLU A 1854 4.51 -11.13 -28.40
C GLU A 1854 3.89 -11.12 -29.79
N ARG A 1855 4.07 -10.02 -30.54
CA ARG A 1855 3.50 -9.96 -31.88
C ARG A 1855 4.27 -10.85 -32.85
N PHE A 1856 5.61 -10.81 -32.81
CA PHE A 1856 6.39 -11.65 -33.71
C PHE A 1856 6.32 -13.13 -33.35
N GLY A 1857 5.85 -13.46 -32.15
CA GLY A 1857 5.68 -14.86 -31.79
C GLY A 1857 4.67 -15.58 -32.68
N GLU A 1858 3.57 -14.91 -33.01
CA GLU A 1858 2.50 -15.57 -33.74
C GLU A 1858 1.86 -14.70 -34.82
N ASN A 1859 2.49 -13.59 -35.22
CA ASN A 1859 1.90 -12.70 -36.22
C ASN A 1859 3.01 -12.24 -37.15
N ARG A 1860 2.73 -11.19 -37.92
CA ARG A 1860 3.66 -10.70 -38.92
C ARG A 1860 4.88 -10.07 -38.25
N PHE A 1861 5.83 -9.62 -39.07
CA PHE A 1861 7.08 -9.08 -38.61
C PHE A 1861 7.08 -7.56 -38.73
N VAL A 1862 7.56 -6.89 -37.68
CA VAL A 1862 7.70 -5.45 -37.65
C VAL A 1862 9.10 -5.09 -37.18
N SER A 1863 9.54 -3.91 -37.55
CA SER A 1863 10.88 -3.46 -37.19
C SER A 1863 10.92 -3.01 -35.73
N PRO A 1864 11.78 -3.60 -34.90
CA PRO A 1864 11.89 -3.13 -33.51
C PRO A 1864 12.37 -1.70 -33.45
N LEU A 1865 11.84 -0.95 -32.49
CA LEU A 1865 12.11 0.47 -32.34
C LEU A 1865 12.73 0.76 -30.97
N SER A 1866 13.64 -0.12 -30.52
CA SER A 1866 14.30 0.11 -29.24
C SER A 1866 15.19 1.34 -29.27
N TRP A 1867 15.97 1.49 -30.34
CA TRP A 1867 16.88 2.63 -30.49
C TRP A 1867 16.39 3.63 -31.52
N ASP A 1868 15.08 3.64 -31.79
CA ASP A 1868 14.50 4.50 -32.82
C ASP A 1868 14.31 5.92 -32.26
N LEU A 1869 13.58 6.74 -32.99
CA LEU A 1869 13.35 8.14 -32.60
C LEU A 1869 12.14 8.32 -31.71
N VAL A 1870 11.48 7.24 -31.31
CA VAL A 1870 10.29 7.37 -30.47
C VAL A 1870 10.66 7.71 -29.04
N GLY A 1871 11.36 6.79 -28.37
CA GLY A 1871 11.78 7.02 -26.99
C GLY A 1871 13.27 7.19 -26.81
N ARG A 1872 14.06 6.44 -27.58
CA ARG A 1872 15.50 6.44 -27.37
C ARG A 1872 16.14 7.75 -27.79
N ASN A 1873 15.81 8.25 -28.98
CA ASN A 1873 16.39 9.51 -29.44
C ASN A 1873 15.97 10.67 -28.57
N LEU A 1874 14.71 10.69 -28.13
CA LEU A 1874 14.27 11.72 -27.20
C LEU A 1874 15.05 11.64 -25.89
N PHE A 1875 15.30 10.43 -25.40
CA PHE A 1875 16.11 10.27 -24.19
C PHE A 1875 17.51 10.82 -24.39
N ALA A 1876 18.14 10.47 -25.51
CA ALA A 1876 19.49 10.93 -25.78
C ALA A 1876 19.54 12.46 -25.85
N MET A 1877 18.58 13.06 -26.55
CA MET A 1877 18.56 14.51 -26.67
C MET A 1877 18.34 15.18 -25.32
N ALA A 1878 17.38 14.68 -24.54
CA ALA A 1878 17.09 15.29 -23.24
C ALA A 1878 18.27 15.17 -22.30
N VAL A 1879 18.95 14.02 -22.30
CA VAL A 1879 20.09 13.84 -21.40
C VAL A 1879 21.27 14.68 -21.86
N GLU A 1880 21.56 14.70 -23.17
CA GLU A 1880 22.69 15.47 -23.68
C GLU A 1880 22.44 16.97 -23.61
N GLY A 1881 21.20 17.39 -23.41
CA GLY A 1881 20.94 18.80 -23.19
C GLY A 1881 21.41 19.32 -21.85
N VAL A 1882 21.92 18.45 -20.98
CA VAL A 1882 22.40 18.88 -19.66
C VAL A 1882 23.76 19.54 -19.72
N VAL A 1883 24.42 19.55 -20.87
CA VAL A 1883 25.65 20.33 -21.01
C VAL A 1883 25.34 21.81 -20.78
N PHE A 1884 24.18 22.27 -21.24
CA PHE A 1884 23.76 23.64 -20.96
C PHE A 1884 23.56 23.86 -19.46
N PHE A 1885 22.98 22.89 -18.76
CA PHE A 1885 22.82 23.01 -17.32
C PHE A 1885 24.17 23.07 -16.61
N LEU A 1886 25.13 22.25 -17.04
CA LEU A 1886 26.46 22.29 -16.46
C LEU A 1886 27.13 23.64 -16.72
N ILE A 1887 26.98 24.17 -17.93
CA ILE A 1887 27.54 25.48 -18.24
C ILE A 1887 26.89 26.56 -17.39
N THR A 1888 25.58 26.44 -17.16
CA THR A 1888 24.89 27.39 -16.30
C THR A 1888 25.40 27.31 -14.86
N VAL A 1889 25.65 26.11 -14.37
CA VAL A 1889 26.22 25.95 -13.03
C VAL A 1889 27.60 26.58 -12.96
N LEU A 1890 28.42 26.37 -14.00
CA LEU A 1890 29.74 26.99 -14.03
C LEU A 1890 29.65 28.51 -14.07
N ILE A 1891 28.68 29.04 -14.83
CA ILE A 1891 28.49 30.49 -14.88
C ILE A 1891 28.06 31.02 -13.53
N GLN A 1892 27.17 30.30 -12.83
CA GLN A 1892 26.75 30.71 -11.49
C GLN A 1892 27.93 30.71 -10.53
N TYR A 1893 28.81 29.70 -10.63
CA TYR A 1893 30.02 29.69 -9.82
C TYR A 1893 30.90 30.89 -10.15
N ARG A 1894 31.04 31.23 -11.43
CA ARG A 1894 31.81 32.38 -11.84
C ARG A 1894 31.18 33.70 -11.36
N PHE A 1895 29.88 33.72 -11.13
CA PHE A 1895 29.18 34.90 -10.65
C PHE A 1895 29.22 35.03 -9.13
N PHE A 1896 29.83 34.07 -8.43
CA PHE A 1896 29.95 34.08 -6.98
C PHE A 1896 28.59 34.18 -6.29
N GLY A 2010 49.02 33.07 0.59
CA GLY A 2010 48.72 32.11 1.63
C GLY A 2010 47.47 32.47 2.41
N TYR A 2011 46.75 31.45 2.86
CA TYR A 2011 45.52 31.64 3.62
C TYR A 2011 45.40 30.59 4.71
N CYS A 2012 44.79 30.98 5.82
CA CYS A 2012 44.53 30.08 6.94
C CYS A 2012 43.32 30.63 7.68
N PRO A 2013 42.16 29.98 7.57
CA PRO A 2013 40.95 30.53 8.15
C PRO A 2013 40.78 30.22 9.63
N GLN A 2014 39.76 30.85 10.22
CA GLN A 2014 39.53 30.71 11.65
C GLN A 2014 39.20 29.27 12.03
N PHE A 2015 38.33 28.63 11.26
CA PHE A 2015 38.02 27.22 11.46
C PHE A 2015 38.99 26.35 10.68
N ASP A 2016 39.36 25.22 11.28
CA ASP A 2016 40.28 24.30 10.62
C ASP A 2016 39.65 23.79 9.32
N ALA A 2017 40.45 23.80 8.25
CA ALA A 2017 39.99 23.41 6.92
C ALA A 2017 40.73 22.14 6.52
N ILE A 2018 40.20 21.00 6.92
CA ILE A 2018 40.81 19.70 6.68
C ILE A 2018 39.73 18.72 6.28
N THR A 2019 39.95 17.98 5.20
CA THR A 2019 39.06 16.88 4.86
C THR A 2019 39.11 15.83 5.95
N GLU A 2020 37.94 15.33 6.34
CA GLU A 2020 37.84 14.51 7.53
C GLU A 2020 38.38 13.10 7.37
N LEU A 2021 38.97 12.65 6.26
CA LEU A 2021 39.45 11.28 6.17
C LEU A 2021 40.86 11.17 5.59
N LEU A 2022 41.35 12.21 4.93
CA LEU A 2022 42.72 12.14 4.42
C LEU A 2022 43.73 12.41 5.53
N THR A 2023 45.00 12.35 5.17
CA THR A 2023 46.09 12.56 6.13
C THR A 2023 46.82 13.87 5.83
N GLY A 2024 47.58 14.34 6.82
CA GLY A 2024 48.30 15.60 6.67
C GLY A 2024 49.42 15.52 5.65
N ARG A 2025 50.12 14.39 5.60
CA ARG A 2025 51.15 14.21 4.58
C ARG A 2025 50.58 14.42 3.18
N GLU A 2026 49.46 13.78 2.88
CA GLU A 2026 48.88 13.95 1.56
C GLU A 2026 48.25 15.33 1.39
N HIS A 2027 47.81 15.94 2.49
CA HIS A 2027 47.31 17.31 2.41
C HIS A 2027 48.41 18.25 1.93
N VAL A 2028 49.59 18.16 2.54
CA VAL A 2028 50.68 19.05 2.14
C VAL A 2028 51.19 18.68 0.76
N GLU A 2029 51.16 17.39 0.41
CA GLU A 2029 51.52 17.01 -0.96
C GLU A 2029 50.57 17.64 -1.98
N PHE A 2030 49.26 17.58 -1.71
CA PHE A 2030 48.28 18.20 -2.60
C PHE A 2030 48.50 19.69 -2.72
N PHE A 2031 48.69 20.38 -1.59
CA PHE A 2031 48.85 21.83 -1.66
C PHE A 2031 50.15 22.24 -2.33
N ALA A 2032 51.23 21.48 -2.11
CA ALA A 2032 52.48 21.75 -2.82
C ALA A 2032 52.32 21.54 -4.31
N LEU A 2033 51.66 20.45 -4.72
CA LEU A 2033 51.46 20.20 -6.14
C LEU A 2033 50.59 21.27 -6.77
N LEU A 2034 49.63 21.82 -6.03
CA LEU A 2034 48.85 22.94 -6.56
C LEU A 2034 49.67 24.22 -6.57
N ARG A 2035 50.69 24.33 -5.72
CA ARG A 2035 51.48 25.55 -5.67
C ARG A 2035 52.22 25.80 -6.98
N GLY A 2036 52.86 24.78 -7.52
CA GLY A 2036 53.58 24.92 -8.77
C GLY A 2036 54.91 24.19 -8.81
N VAL A 2037 55.32 23.62 -7.69
CA VAL A 2037 56.55 22.83 -7.64
C VAL A 2037 56.36 21.56 -8.48
N PRO A 2038 57.31 21.21 -9.34
CA PRO A 2038 57.10 20.04 -10.20
C PRO A 2038 57.13 18.73 -9.42
N GLU A 2039 56.49 17.71 -10.01
CA GLU A 2039 56.28 16.44 -9.31
C GLU A 2039 57.59 15.77 -8.92
N LYS A 2040 58.68 16.08 -9.61
CA LYS A 2040 59.96 15.46 -9.30
C LYS A 2040 60.47 15.87 -7.92
N GLU A 2041 59.96 16.98 -7.38
CA GLU A 2041 60.41 17.48 -6.08
C GLU A 2041 59.28 17.98 -5.21
N VAL A 2042 58.05 17.49 -5.41
CA VAL A 2042 56.96 17.86 -4.52
C VAL A 2042 57.18 17.28 -3.12
N GLY A 2043 57.50 15.98 -3.05
CA GLY A 2043 57.68 15.34 -1.75
C GLY A 2043 58.79 15.96 -0.94
N LYS A 2044 59.93 16.23 -1.59
CA LYS A 2044 61.03 16.93 -0.91
C LYS A 2044 60.55 18.25 -0.33
N VAL A 2045 59.65 18.94 -1.03
CA VAL A 2045 59.05 20.15 -0.46
C VAL A 2045 58.15 19.79 0.71
N GLY A 2046 57.25 18.82 0.51
CA GLY A 2046 56.30 18.49 1.56
C GLY A 2046 56.97 17.96 2.80
N GLU A 2047 57.90 17.01 2.63
CA GLU A 2047 58.63 16.48 3.77
C GLU A 2047 59.47 17.56 4.44
N TRP A 2048 59.73 18.67 3.75
CA TRP A 2048 60.34 19.81 4.41
C TRP A 2048 59.33 20.54 5.27
N ALA A 2049 58.16 20.87 4.71
CA ALA A 2049 57.19 21.70 5.41
C ALA A 2049 56.69 21.03 6.68
N ILE A 2050 56.44 19.72 6.62
CA ILE A 2050 55.99 19.00 7.80
C ILE A 2050 57.05 19.08 8.89
N ARG A 2051 58.34 19.04 8.51
CA ARG A 2051 59.38 19.16 9.52
C ARG A 2051 59.51 20.57 10.06
N LYS A 2052 58.95 21.57 9.36
CA LYS A 2052 58.91 22.91 9.92
C LYS A 2052 57.91 22.99 11.07
N LEU A 2053 56.90 22.13 11.06
CA LEU A 2053 55.84 22.16 12.07
C LEU A 2053 55.87 20.93 12.97
N GLY A 2054 56.97 20.17 12.94
CA GLY A 2054 57.04 18.97 13.77
C GLY A 2054 56.06 17.92 13.31
N LEU A 2055 55.19 17.48 14.22
CA LEU A 2055 54.15 16.50 13.94
C LEU A 2055 54.74 15.20 13.39
N VAL A 2056 55.85 14.77 13.99
CA VAL A 2056 56.47 13.51 13.57
C VAL A 2056 55.56 12.33 13.90
N LYS A 2057 54.85 12.40 15.03
CA LYS A 2057 53.99 11.31 15.47
C LYS A 2057 52.57 11.43 14.94
N TYR A 2058 52.28 12.46 14.14
CA TYR A 2058 50.93 12.68 13.62
C TYR A 2058 50.91 12.95 12.12
N GLY A 2059 51.93 12.52 11.37
CA GLY A 2059 51.96 12.83 9.95
C GLY A 2059 51.01 11.97 9.14
N GLU A 2060 51.27 10.67 9.05
CA GLU A 2060 50.53 9.77 8.17
C GLU A 2060 49.45 9.04 8.99
N LYS A 2061 48.57 9.81 9.60
CA LYS A 2061 47.49 9.25 10.41
C LYS A 2061 46.18 9.93 10.04
N TYR A 2062 45.09 9.37 10.55
CA TYR A 2062 43.76 9.85 10.25
C TYR A 2062 43.55 11.26 10.80
N ALA A 2063 43.00 12.15 9.96
CA ALA A 2063 42.83 13.54 10.37
C ALA A 2063 41.75 13.69 11.42
N GLY A 2064 40.69 12.90 11.33
CA GLY A 2064 39.60 12.98 12.30
C GLY A 2064 40.00 12.67 13.72
N ASN A 2065 41.08 11.93 13.93
CA ASN A 2065 41.58 11.63 15.26
C ASN A 2065 42.44 12.74 15.84
N TYR A 2066 42.80 13.75 15.05
CA TYR A 2066 43.62 14.84 15.53
C TYR A 2066 42.86 15.67 16.56
N SER A 2067 43.60 16.28 17.48
CA SER A 2067 43.03 17.21 18.44
C SER A 2067 42.96 18.60 17.81
N GLY A 2068 42.53 19.57 18.62
CA GLY A 2068 42.50 20.95 18.13
C GLY A 2068 43.88 21.48 17.81
N GLY A 2069 44.86 21.16 18.64
CA GLY A 2069 46.21 21.64 18.40
C GLY A 2069 46.81 21.07 17.13
N ASN A 2070 46.63 19.77 16.90
CA ASN A 2070 47.14 19.16 15.68
C ASN A 2070 46.45 19.71 14.45
N LYS A 2071 45.13 19.91 14.52
CA LYS A 2071 44.40 20.46 13.39
C LYS A 2071 44.87 21.87 13.06
N ARG A 2072 45.06 22.69 14.10
CA ARG A 2072 45.55 24.05 13.87
C ARG A 2072 46.98 24.04 13.33
N LYS A 2073 47.82 23.12 13.82
CA LYS A 2073 49.17 23.01 13.28
C LYS A 2073 49.15 22.66 11.81
N LEU A 2074 48.29 21.72 11.43
CA LEU A 2074 48.20 21.33 10.02
C LEU A 2074 47.67 22.48 9.17
N SER A 2075 46.68 23.21 9.69
CA SER A 2075 46.14 24.35 8.96
C SER A 2075 47.20 25.43 8.76
N THR A 2076 48.01 25.68 9.79
CA THR A 2076 49.08 26.65 9.67
C THR A 2076 50.10 26.20 8.62
N ALA A 2077 50.46 24.91 8.64
CA ALA A 2077 51.38 24.39 7.62
C ALA A 2077 50.78 24.44 6.22
N MET A 2078 49.45 24.39 6.11
CA MET A 2078 48.80 24.45 4.81
C MET A 2078 49.08 25.77 4.10
N ALA A 2079 49.21 26.85 4.88
CA ALA A 2079 49.55 28.14 4.28
C ALA A 2079 51.03 28.23 3.92
N LEU A 2080 51.90 27.55 4.67
CA LEU A 2080 53.34 27.64 4.50
C LEU A 2080 53.91 26.54 3.63
N ILE A 2081 53.06 25.68 3.05
CA ILE A 2081 53.55 24.63 2.17
C ILE A 2081 54.25 25.22 0.94
N GLY A 2082 53.68 26.27 0.36
CA GLY A 2082 54.25 26.85 -0.84
C GLY A 2082 55.06 28.09 -0.60
N GLY A 2083 54.96 28.64 0.61
CA GLY A 2083 55.67 29.85 0.97
C GLY A 2083 55.39 31.02 0.04
N PRO A 2084 54.15 31.52 0.04
CA PRO A 2084 53.83 32.68 -0.77
C PRO A 2084 54.54 33.91 -0.25
N PRO A 2085 54.82 34.88 -1.11
CA PRO A 2085 55.47 36.11 -0.63
C PRO A 2085 54.64 36.87 0.38
N VAL A 2086 53.31 36.77 0.31
CA VAL A 2086 52.41 37.35 1.29
C VAL A 2086 51.50 36.24 1.81
N VAL A 2087 51.33 36.18 3.12
CA VAL A 2087 50.55 35.13 3.77
C VAL A 2087 49.51 35.77 4.67
N PHE A 2088 48.38 35.10 4.81
CA PHE A 2088 47.29 35.54 5.67
C PHE A 2088 47.02 34.45 6.70
N LEU A 2089 47.01 34.83 7.98
CA LEU A 2089 46.87 33.89 9.08
C LEU A 2089 45.83 34.43 10.06
N ASP A 2090 44.95 33.55 10.52
CA ASP A 2090 43.82 33.94 11.38
C ASP A 2090 43.76 33.02 12.60
N GLU A 2091 43.97 33.61 13.78
CA GLU A 2091 43.84 32.94 15.08
C GLU A 2091 44.65 31.65 15.12
N PRO A 2092 45.99 31.74 15.17
CA PRO A 2092 46.80 30.51 15.15
C PRO A 2092 46.52 29.57 16.30
N THR A 2093 46.21 30.09 17.49
CA THR A 2093 46.00 29.28 18.69
C THR A 2093 44.52 29.35 19.07
N THR A 2094 43.87 28.17 19.13
CA THR A 2094 42.46 28.07 19.52
C THR A 2094 42.35 26.99 20.59
N GLY A 2095 42.57 27.38 21.84
CA GLY A 2095 42.37 26.45 22.95
C GLY A 2095 43.17 25.18 22.85
N MET A 2096 44.45 25.28 22.52
CA MET A 2096 45.30 24.12 22.30
C MET A 2096 46.34 23.98 23.42
N ASP A 2097 46.84 22.77 23.58
CA ASP A 2097 47.70 22.42 24.70
C ASP A 2097 49.08 23.09 24.57
N PRO A 2098 49.75 23.34 25.71
CA PRO A 2098 51.08 23.97 25.63
C PRO A 2098 52.18 22.98 25.28
N LYS A 2099 53.44 23.46 25.30
CA LYS A 2099 54.60 22.70 24.85
C LYS A 2099 54.49 22.34 23.38
N ALA A 2100 53.53 22.95 22.68
CA ALA A 2100 53.35 22.72 21.25
C ALA A 2100 53.28 24.04 20.51
N ARG A 2101 52.67 25.05 21.14
CA ARG A 2101 52.53 26.35 20.49
C ARG A 2101 53.86 27.11 20.42
N ARG A 2102 54.84 26.73 21.25
CA ARG A 2102 56.14 27.39 21.17
C ARG A 2102 56.78 27.17 19.80
N PHE A 2103 56.66 25.95 19.26
CA PHE A 2103 57.07 25.72 17.88
C PHE A 2103 56.27 26.58 16.91
N LEU A 2104 55.02 26.90 17.26
CA LEU A 2104 54.23 27.76 16.39
C LEU A 2104 54.80 29.17 16.35
N TRP A 2105 55.13 29.75 17.51
CA TRP A 2105 55.78 31.07 17.45
C TRP A 2105 57.13 30.98 16.77
N ASN A 2106 57.87 29.89 16.98
CA ASN A 2106 59.18 29.76 16.34
C ASN A 2106 59.05 29.75 14.82
N CYS A 2107 58.07 29.00 14.30
CA CYS A 2107 57.85 28.97 12.86
C CYS A 2107 57.39 30.33 12.34
N ALA A 2108 56.51 31.01 13.09
CA ALA A 2108 56.09 32.33 12.66
C ALA A 2108 57.26 33.31 12.59
N LEU A 2109 58.13 33.27 13.60
CA LEU A 2109 59.31 34.13 13.59
C LEU A 2109 60.25 33.78 12.46
N SER A 2110 60.40 32.48 12.17
CA SER A 2110 61.24 32.07 11.04
C SER A 2110 60.69 32.60 9.72
N VAL A 2111 59.37 32.51 9.55
CA VAL A 2111 58.76 33.03 8.33
C VAL A 2111 58.96 34.54 8.23
N VAL A 2112 58.78 35.25 9.35
CA VAL A 2112 58.96 36.71 9.34
C VAL A 2112 60.39 37.08 8.98
N LYS A 2113 61.36 36.39 9.60
CA LYS A 2113 62.77 36.73 9.40
C LYS A 2113 63.33 36.20 8.09
N GLU A 2114 62.62 35.29 7.41
CA GLU A 2114 63.09 34.83 6.11
C GLU A 2114 63.10 35.95 5.08
N GLY A 2115 62.18 36.91 5.21
CA GLY A 2115 62.13 38.04 4.30
C GLY A 2115 60.79 38.20 3.61
N ARG A 2116 59.74 37.66 4.21
CA ARG A 2116 58.40 37.75 3.67
C ARG A 2116 57.49 38.48 4.67
N SER A 2117 56.81 39.53 4.20
CA SER A 2117 55.89 40.25 5.06
C SER A 2117 54.68 39.39 5.39
N VAL A 2118 54.18 39.53 6.62
CA VAL A 2118 53.06 38.74 7.11
C VAL A 2118 52.00 39.67 7.66
N VAL A 2119 50.78 39.15 7.73
CA VAL A 2119 49.65 39.83 8.36
C VAL A 2119 48.97 38.85 9.32
N LEU A 2120 48.56 39.35 10.47
CA LEU A 2120 47.98 38.49 11.51
C LEU A 2120 46.91 39.25 12.26
N THR A 2121 45.82 38.55 12.57
CA THR A 2121 44.75 39.08 13.40
C THR A 2121 44.20 37.96 14.26
N SER A 2122 43.85 38.31 15.50
CA SER A 2122 43.37 37.34 16.47
C SER A 2122 42.66 38.09 17.59
N HIS A 2123 42.16 37.33 18.57
CA HIS A 2123 41.53 37.90 19.74
C HIS A 2123 42.48 38.04 20.92
N SER A 2124 43.32 37.04 21.16
CA SER A 2124 44.29 37.11 22.25
C SER A 2124 45.42 38.04 21.87
N MET A 2125 45.61 39.11 22.65
CA MET A 2125 46.70 40.05 22.39
C MET A 2125 48.06 39.45 22.63
N GLU A 2126 48.15 38.29 23.29
CA GLU A 2126 49.43 37.63 23.49
C GLU A 2126 50.07 37.27 22.16
N GLU A 2127 49.27 36.74 21.22
CA GLU A 2127 49.78 36.44 19.89
C GLU A 2127 50.33 37.69 19.23
N CYS A 2128 49.62 38.82 19.36
CA CYS A 2128 50.07 40.06 18.75
C CYS A 2128 51.39 40.54 19.35
N GLU A 2129 51.50 40.53 20.68
CA GLU A 2129 52.73 41.01 21.30
C GLU A 2129 53.89 40.04 21.11
N ALA A 2130 53.61 38.77 20.80
CA ALA A 2130 54.67 37.81 20.57
C ALA A 2130 55.10 37.72 19.11
N LEU A 2131 54.24 38.07 18.17
CA LEU A 2131 54.56 37.97 16.75
C LEU A 2131 54.51 39.29 16.01
N CYS A 2132 53.47 40.10 16.21
CA CYS A 2132 53.34 41.34 15.48
C CYS A 2132 54.40 42.34 15.91
N THR A 2133 54.89 43.13 14.95
CA THR A 2133 55.91 44.13 15.23
C THR A 2133 55.38 45.53 14.90
N GLY A 2147 51.38 51.41 13.94
CA GLY A 2147 52.66 51.57 14.61
C GLY A 2147 53.11 50.33 15.36
N SER A 2148 54.30 50.41 15.95
CA SER A 2148 54.83 49.29 16.71
C SER A 2148 54.05 49.11 18.01
N VAL A 2149 54.11 47.88 18.54
CA VAL A 2149 53.38 47.56 19.76
C VAL A 2149 53.90 48.38 20.94
N GLN A 2150 55.22 48.54 21.04
CA GLN A 2150 55.79 49.33 22.13
C GLN A 2150 55.37 50.80 22.02
N HIS A 2151 55.45 51.36 20.81
CA HIS A 2151 55.01 52.73 20.61
C HIS A 2151 53.51 52.87 20.85
N LEU A 2152 52.73 51.85 20.46
CA LEU A 2152 51.30 51.89 20.69
C LEU A 2152 50.97 51.91 22.18
N LYS A 2153 51.66 51.09 22.98
CA LYS A 2153 51.39 51.04 24.40
C LYS A 2153 52.05 52.17 25.17
N ASN A 2154 53.00 52.88 24.56
CA ASN A 2154 53.66 53.98 25.27
C ASN A 2154 52.71 55.15 25.49
N ARG A 2155 52.17 55.72 24.40
CA ARG A 2155 51.35 56.91 24.53
C ARG A 2155 49.89 56.58 24.79
N PHE A 2156 49.37 55.51 24.18
CA PHE A 2156 47.97 55.15 24.40
C PHE A 2156 47.78 54.40 25.70
N GLY A 2157 48.76 53.60 26.13
CA GLY A 2157 48.64 52.85 27.36
C GLY A 2157 48.84 53.70 28.60
N ASP A 2158 48.61 53.07 29.75
CA ASP A 2158 48.73 53.73 31.03
C ASP A 2158 50.18 53.68 31.52
N GLY A 2159 50.41 54.06 32.77
CA GLY A 2159 51.74 54.13 33.32
C GLY A 2159 52.21 52.81 33.90
N TYR A 2160 53.28 52.91 34.70
CA TYR A 2160 53.90 51.73 35.29
C TYR A 2160 53.00 51.11 36.35
N THR A 2161 53.23 49.83 36.61
CA THR A 2161 52.49 49.09 37.64
C THR A 2161 53.48 48.36 38.53
N ILE A 2162 53.49 48.70 39.82
CA ILE A 2162 54.43 48.11 40.76
C ILE A 2162 53.69 47.19 41.71
N VAL A 2163 54.34 46.09 42.07
CA VAL A 2163 53.86 45.16 43.08
C VAL A 2163 54.97 44.93 44.09
N VAL A 2164 54.59 44.85 45.36
CA VAL A 2164 55.56 44.70 46.44
C VAL A 2164 54.92 43.89 47.55
N ARG A 2165 55.71 43.01 48.16
CA ARG A 2165 55.28 42.18 49.29
C ARG A 2165 56.13 42.48 50.50
N ILE A 2166 55.49 42.71 51.64
CA ILE A 2166 56.16 43.01 52.89
C ILE A 2166 55.71 41.99 53.93
N ALA A 2167 56.67 41.36 54.59
CA ALA A 2167 56.36 40.37 55.62
C ALA A 2167 55.74 41.02 56.85
N SER A 2169 53.48 43.04 58.63
CA SER A 2169 52.46 42.52 57.73
C SER A 2169 51.37 43.56 57.48
N ASN A 2170 50.20 43.34 58.06
CA ASN A 2170 49.10 44.28 57.91
C ASN A 2170 49.42 45.66 58.47
N PRO A 2171 49.97 45.81 59.68
CA PRO A 2171 50.31 47.17 60.15
C PRO A 2171 51.32 47.88 59.26
N ASP A 2172 52.25 47.14 58.64
CA ASP A 2172 53.27 47.75 57.80
C ASP A 2172 52.71 48.32 56.50
N LEU A 2173 51.46 48.02 56.16
CA LEU A 2173 50.89 48.51 54.91
C LEU A 2173 50.61 50.01 54.99
N LYS A 2174 50.18 50.49 56.15
CA LYS A 2174 49.87 51.92 56.29
C LYS A 2174 51.06 52.83 56.05
N PRO A 2175 52.25 52.59 56.60
CA PRO A 2175 53.38 53.48 56.28
C PRO A 2175 53.72 53.53 54.81
N VAL A 2176 53.61 52.41 54.10
CA VAL A 2176 53.87 52.41 52.66
C VAL A 2176 52.87 53.30 51.93
N GLN A 2177 51.59 53.16 52.29
CA GLN A 2177 50.56 54.01 51.68
C GLN A 2177 50.82 55.48 51.95
N ASP A 2178 51.14 55.82 53.21
CA ASP A 2178 51.38 57.22 53.54
C ASP A 2178 52.59 57.78 52.79
N PHE A 2179 53.69 57.00 52.75
CA PHE A 2179 54.89 57.47 52.06
C PHE A 2179 54.64 57.66 50.57
N PHE A 2180 53.96 56.71 49.94
CA PHE A 2180 53.73 56.81 48.50
C PHE A 2180 52.69 57.86 48.16
N GLY A 2181 51.74 58.13 49.06
CA GLY A 2181 50.81 59.23 48.84
C GLY A 2181 51.41 60.60 49.03
N LEU A 2182 52.32 60.75 50.00
CA LEU A 2182 53.02 62.02 50.21
C LEU A 2182 54.06 62.29 49.14
N ALA A 2183 54.84 61.28 48.75
CA ALA A 2183 55.87 61.49 47.74
C ALA A 2183 55.27 61.61 46.35
N PHE A 2184 54.29 60.76 46.03
CA PHE A 2184 53.68 60.73 44.69
C PHE A 2184 52.19 60.96 44.80
N PRO A 2185 51.69 62.18 44.57
CA PRO A 2185 50.24 62.40 44.60
C PRO A 2185 49.48 61.56 43.59
N GLY A 2186 50.07 61.26 42.44
CA GLY A 2186 49.41 60.46 41.43
C GLY A 2186 49.71 58.97 41.55
N SER A 2187 48.80 58.24 42.18
CA SER A 2187 48.95 56.80 42.33
C SER A 2187 47.57 56.19 42.54
N VAL A 2188 47.39 54.98 42.02
CA VAL A 2188 46.11 54.27 42.11
C VAL A 2188 46.36 52.88 42.71
N LEU A 2189 45.60 52.55 43.75
CA LEU A 2189 45.66 51.22 44.37
C LEU A 2189 44.63 50.35 43.68
N LYS A 2190 45.02 49.75 42.54
CA LYS A 2190 44.08 48.96 41.76
C LYS A 2190 43.65 47.71 42.50
N GLU A 2191 44.59 47.01 43.14
CA GLU A 2191 44.29 45.79 43.87
C GLU A 2191 45.01 45.82 45.21
N LYS A 2192 44.36 45.28 46.24
CA LYS A 2192 44.94 45.22 47.56
C LYS A 2192 44.40 44.01 48.31
N HIS A 2193 45.29 43.25 48.93
CA HIS A 2193 44.91 42.14 49.79
C HIS A 2193 45.99 41.99 50.84
N ARG A 2194 45.65 41.26 51.90
CA ARG A 2194 46.57 41.09 53.03
C ARG A 2194 47.92 40.56 52.56
N ASN A 2195 48.95 41.41 52.72
CA ASN A 2195 50.37 41.17 52.42
C ASN A 2195 50.75 41.33 50.94
N MET A 2196 49.87 41.83 50.07
CA MET A 2196 50.31 42.19 48.73
C MET A 2196 49.34 43.18 48.10
N LEU A 2197 49.89 44.17 47.38
CA LEU A 2197 49.10 45.25 46.82
C LEU A 2197 49.73 45.69 45.50
N GLN A 2198 48.95 46.43 44.72
CA GLN A 2198 49.32 46.87 43.38
C GLN A 2198 49.16 48.38 43.29
N TYR A 2199 50.17 49.06 42.74
CA TYR A 2199 50.10 50.49 42.51
C TYR A 2199 50.25 50.79 41.02
N GLN A 2200 49.45 51.75 40.54
CA GLN A 2200 49.48 52.18 39.15
C GLN A 2200 49.90 53.65 39.12
N LEU A 2201 51.09 53.92 38.58
CA LEU A 2201 51.62 55.27 38.51
C LEU A 2201 51.66 55.74 37.07
N PRO A 2202 50.84 56.72 36.66
CA PRO A 2202 50.83 57.21 35.28
C PRO A 2202 51.88 58.27 34.98
N SER A 2203 53.13 57.98 35.33
CA SER A 2203 54.26 58.86 35.07
C SER A 2203 55.26 58.14 34.20
N SER A 2206 55.63 58.76 33.08
CA SER A 2206 56.58 58.14 32.15
C SER A 2206 58.01 58.14 32.71
N SER A 2207 58.38 59.19 33.44
CA SER A 2207 59.72 59.29 34.03
C SER A 2207 59.79 58.30 35.19
N LEU A 2208 60.77 57.40 35.14
CA LEU A 2208 60.82 56.26 36.05
C LEU A 2208 62.08 56.23 36.92
N ALA A 2209 63.10 57.04 36.61
CA ALA A 2209 64.37 56.92 37.31
C ALA A 2209 64.23 57.28 38.79
N ARG A 2210 63.49 58.36 39.09
CA ARG A 2210 63.37 58.78 40.49
C ARG A 2210 62.62 57.76 41.34
N ILE A 2211 61.71 57.00 40.75
CA ILE A 2211 61.00 55.96 41.51
C ILE A 2211 62.00 54.90 41.98
N PHE A 2212 62.86 54.42 41.07
CA PHE A 2212 63.87 53.45 41.46
C PHE A 2212 64.84 54.04 42.47
N SER A 2213 65.25 55.30 42.28
CA SER A 2213 66.15 55.92 43.25
C SER A 2213 65.51 55.98 44.63
N ILE A 2214 64.24 56.37 44.70
CA ILE A 2214 63.54 56.48 45.98
C ILE A 2214 63.41 55.11 46.63
N LEU A 2215 63.02 54.09 45.87
CA LEU A 2215 62.85 52.77 46.48
C LEU A 2215 64.16 52.17 46.91
N SER A 2216 65.25 52.41 46.16
CA SER A 2216 66.54 51.85 46.52
C SER A 2216 67.21 52.57 47.68
N GLN A 2217 66.98 53.88 47.81
CA GLN A 2217 67.68 54.65 48.84
C GLN A 2217 67.32 54.18 50.25
N SER A 2218 66.05 53.89 50.50
CA SER A 2218 65.55 53.58 51.82
C SER A 2218 64.93 52.19 51.87
N LYS A 2219 65.62 51.19 51.32
CA LYS A 2219 65.07 49.84 51.27
C LYS A 2219 64.87 49.26 52.66
N LYS A 2220 65.80 49.52 53.58
CA LYS A 2220 65.80 48.81 54.87
C LYS A 2220 64.68 49.28 55.79
N ARG A 2221 64.29 50.56 55.71
CA ARG A 2221 63.41 51.12 56.73
C ARG A 2221 62.01 50.52 56.67
N LEU A 2222 61.46 50.34 55.48
CA LEU A 2222 60.11 49.80 55.36
C LEU A 2222 60.10 48.30 55.05
N HIS A 2223 61.26 47.66 55.06
CA HIS A 2223 61.38 46.20 54.97
C HIS A 2223 60.73 45.65 53.71
N ILE A 2224 61.34 46.00 52.58
CA ILE A 2224 60.93 45.50 51.26
C ILE A 2224 61.70 44.22 50.97
N GLU A 2225 60.98 43.16 50.63
CA GLU A 2225 61.57 41.88 50.24
C GLU A 2225 61.39 41.55 48.77
N ASP A 2226 60.15 41.53 48.28
CA ASP A 2226 59.85 41.27 46.89
C ASP A 2226 59.22 42.50 46.26
N TYR A 2227 59.74 42.93 45.12
CA TYR A 2227 59.27 44.13 44.45
C TYR A 2227 59.54 44.01 42.96
N SER A 2228 58.58 44.45 42.15
CA SER A 2228 58.79 44.41 40.71
C SER A 2228 57.83 45.36 40.02
N VAL A 2229 58.28 45.95 38.92
CA VAL A 2229 57.51 46.91 38.14
C VAL A 2229 57.35 46.38 36.72
N SER A 2230 56.17 46.60 36.14
CA SER A 2230 55.84 46.16 34.79
C SER A 2230 55.06 47.26 34.06
N GLN A 2231 54.75 47.00 32.79
CA GLN A 2231 53.98 47.90 31.96
C GLN A 2231 52.61 47.29 31.69
N THR A 2232 51.69 48.15 31.25
CA THR A 2232 50.36 47.68 30.88
C THR A 2232 50.43 46.78 29.66
N THR A 2233 49.65 45.72 29.67
CA THR A 2233 49.65 44.77 28.57
C THR A 2233 48.95 45.37 27.35
N LEU A 2234 49.16 44.73 26.21
CA LEU A 2234 48.53 45.18 24.97
C LEU A 2234 47.01 45.05 25.01
N ASP A 2235 46.47 44.21 25.90
CA ASP A 2235 45.03 44.12 26.04
C ASP A 2235 44.43 45.41 26.58
N GLN A 2236 45.19 46.15 27.40
CA GLN A 2236 44.65 47.33 28.06
C GLN A 2236 44.27 48.43 27.06
N VAL A 2237 45.11 48.64 26.05
CA VAL A 2237 44.83 49.71 25.08
C VAL A 2237 43.59 49.37 24.25
N PHE A 2238 43.45 48.09 23.87
CA PHE A 2238 42.25 47.68 23.14
C PHE A 2238 41.01 47.74 24.01
N VAL A 2239 41.15 47.47 25.32
CA VAL A 2239 40.03 47.62 26.23
C VAL A 2239 39.61 49.08 26.31
N ASN A 2240 40.59 49.99 26.40
CA ASN A 2240 40.28 51.41 26.38
C ASN A 2240 39.59 51.81 25.08
N PHE A 2241 40.08 51.29 23.95
CA PHE A 2241 39.47 51.56 22.66
C PHE A 2241 38.29 50.62 22.43
#